data_1USX
#
_entry.id   1USX
#
_cell.length_a   115.070
_cell.length_b   115.070
_cell.length_c   283.960
_cell.angle_alpha   90.00
_cell.angle_beta   90.00
_cell.angle_gamma   90.00
#
_symmetry.space_group_name_H-M   'P 41 21 2'
#
loop_
_entity.id
_entity.type
_entity.pdbx_description
1 polymer 'HEMAGGLUTININ-NEURAMINIDASE GLYCOPROTEIN'
2 branched 'N-acetyl-alpha-neuraminic acid-(2-6)-methyl 6-thio-beta-D-galactopyranoside'
3 non-polymer '2-DEOXY-2,3-DEHYDRO-N-ACETYL-NEURAMINIC ACID'
#
_entity_poly.entity_id   1
_entity_poly.type   'polypeptide(L)'
_entity_poly.pdbx_seq_one_letter_code
;GAPIHDPDFIGGIGKELIVDNASDVTSFYPSAFQEHLNFIPAPTTGSGCTRIPSFDMSATHYCYTHNVILSGCRDHSHSH
QYLALGVLRTTATGRIFFSTLRSISLDDTQNRKSCSVSATPLGCDMLCSKVTETEEEDYNSAVPTLMAHGRLGFDGQYHE
KDLDVTTLFEDWVANYPGVGGGSFIDGRVWFSVYGGLKPNSPSDTVQEGKYVIYKRYNDTCPDEQDYQIRMAKSSYKPGR
FGGKRIQQAILSIKVSTSLGEDPVLTVPPNTVTLMGAEGRILTVGTSHFLYQRGSSYFSPALLYPMTVSNKTATLHSPYT
FNAFTRPGSIPCQASARCPNSCVTGVYTDPYPLIFYRNHTLRGVFGTMLDSEQARLNPASAVFDSTSRSRITRVSSSSTK
AAYTTSTCFKVVKTNKTYCLSIAEISNTLFGEFRIVPLLVEILKNDGVREARSG
;
_entity_poly.pdbx_strand_id   A,B,C
#
loop_
_chem_comp.id
_chem_comp.type
_chem_comp.name
_chem_comp.formula
DAN D-saccharide '2-DEOXY-2,3-DEHYDRO-N-ACETYL-NEURAMINIC ACID' 'C11 H17 N O8'
SIA D-saccharide, alpha linking 'N-acetyl-alpha-neuraminic acid' 'C11 H19 N O9'
WIA D-saccharide 'methyl 6-thio-beta-D-galactopyranoside' 'C7 H14 O5 S'
#
# COMPACT_ATOMS: atom_id res chain seq x y z
N GLY A 1 -18.59 21.62 8.51
CA GLY A 1 -18.97 21.50 7.07
C GLY A 1 -18.38 20.27 6.40
N ALA A 2 -19.26 19.40 5.89
CA ALA A 2 -18.83 18.19 5.19
C ALA A 2 -18.98 18.42 3.69
N PRO A 3 -18.40 17.54 2.85
CA PRO A 3 -18.50 17.69 1.39
C PRO A 3 -19.96 17.44 0.99
N ILE A 4 -20.34 17.80 -0.23
CA ILE A 4 -21.71 17.59 -0.65
C ILE A 4 -21.95 17.91 -2.13
N HIS A 5 -22.85 17.16 -2.75
CA HIS A 5 -23.18 17.33 -4.18
C HIS A 5 -23.65 18.75 -4.49
N ASP A 6 -23.36 19.23 -5.69
CA ASP A 6 -23.80 20.56 -6.11
C ASP A 6 -25.31 20.59 -5.94
N PRO A 7 -25.85 21.76 -5.60
CA PRO A 7 -27.30 21.90 -5.40
C PRO A 7 -28.18 21.33 -6.53
N ASP A 8 -27.71 21.36 -7.77
CA ASP A 8 -28.51 20.82 -8.86
C ASP A 8 -28.92 19.36 -8.60
N PHE A 9 -28.18 18.71 -7.71
CA PHE A 9 -28.41 17.30 -7.40
C PHE A 9 -29.21 17.09 -6.13
N ILE A 10 -29.06 17.99 -5.18
CA ILE A 10 -29.76 17.86 -3.93
C ILE A 10 -31.25 17.52 -4.07
N GLY A 11 -31.62 16.36 -3.52
CA GLY A 11 -33.00 15.88 -3.58
C GLY A 11 -33.17 14.79 -4.62
N GLY A 12 -32.14 14.53 -5.41
CA GLY A 12 -32.24 13.52 -6.44
C GLY A 12 -31.38 12.29 -6.20
N ILE A 13 -30.95 12.09 -4.96
CA ILE A 13 -30.12 10.94 -4.64
C ILE A 13 -30.83 10.05 -3.61
N GLY A 14 -30.85 8.74 -3.89
CA GLY A 14 -31.47 7.78 -2.99
C GLY A 14 -32.96 7.94 -2.74
N LYS A 15 -33.69 8.35 -3.78
CA LYS A 15 -35.13 8.54 -3.69
C LYS A 15 -35.78 7.76 -4.83
N GLU A 16 -37.11 7.65 -4.79
CA GLU A 16 -37.80 6.96 -5.88
C GLU A 16 -37.64 7.88 -7.07
N LEU A 17 -37.09 7.36 -8.16
CA LEU A 17 -36.87 8.17 -9.35
C LEU A 17 -38.14 8.38 -10.13
N ILE A 18 -38.76 7.29 -10.58
CA ILE A 18 -39.99 7.39 -11.36
C ILE A 18 -41.19 6.77 -10.64
N VAL A 19 -42.26 7.56 -10.56
CA VAL A 19 -43.50 7.10 -9.94
C VAL A 19 -44.53 7.10 -11.06
N ASP A 20 -44.84 5.90 -11.55
CA ASP A 20 -45.81 5.73 -12.63
C ASP A 20 -46.80 4.62 -12.20
N ASN A 21 -48.00 4.63 -12.77
CA ASN A 21 -48.99 3.59 -12.45
C ASN A 21 -49.44 2.90 -13.73
N ALA A 22 -49.59 3.66 -14.81
CA ALA A 22 -50.04 3.09 -16.08
C ALA A 22 -48.90 2.87 -17.08
N SER A 23 -48.05 3.88 -17.25
CA SER A 23 -46.91 3.78 -18.17
C SER A 23 -46.33 2.36 -18.12
N ASP A 24 -45.97 1.81 -19.28
CA ASP A 24 -45.37 0.48 -19.30
C ASP A 24 -43.96 0.66 -18.77
N VAL A 25 -43.58 -0.12 -17.78
CA VAL A 25 -42.25 0.00 -17.22
C VAL A 25 -41.19 0.01 -18.34
N THR A 26 -41.38 -0.84 -19.34
CA THR A 26 -40.42 -0.90 -20.44
C THR A 26 -40.46 0.23 -21.46
N SER A 27 -41.46 1.11 -21.40
CA SER A 27 -41.48 2.19 -22.39
C SER A 27 -40.24 3.09 -22.20
N PHE A 28 -39.65 3.04 -21.00
CA PHE A 28 -38.44 3.81 -20.71
C PHE A 28 -37.23 2.98 -21.20
N TYR A 29 -36.10 3.63 -21.45
CA TYR A 29 -34.90 2.91 -21.90
C TYR A 29 -33.60 3.72 -21.73
N PRO A 30 -32.44 3.05 -21.84
CA PRO A 30 -31.15 3.74 -21.69
C PRO A 30 -30.75 4.53 -22.93
N SER A 31 -30.08 5.67 -22.73
CA SER A 31 -29.60 6.51 -23.82
C SER A 31 -28.28 5.88 -24.25
N ALA A 32 -27.63 6.45 -25.27
CA ALA A 32 -26.35 5.89 -25.68
C ALA A 32 -25.41 6.26 -24.55
N PHE A 33 -24.39 5.45 -24.29
CA PHE A 33 -23.48 5.77 -23.22
C PHE A 33 -22.95 7.18 -23.33
N GLN A 34 -22.90 7.85 -22.19
CA GLN A 34 -22.44 9.22 -22.13
C GLN A 34 -20.96 9.31 -21.84
N GLU A 35 -20.42 10.49 -22.14
CA GLU A 35 -19.01 10.81 -21.93
C GLU A 35 -18.90 11.67 -20.68
N HIS A 36 -18.44 11.07 -19.59
CA HIS A 36 -18.28 11.79 -18.33
C HIS A 36 -16.90 11.53 -17.75
N LEU A 37 -16.61 12.21 -16.64
CA LEU A 37 -15.32 12.13 -15.96
C LEU A 37 -15.04 10.74 -15.39
N ASN A 38 -14.29 9.93 -16.12
CA ASN A 38 -13.97 8.58 -15.67
C ASN A 38 -13.25 8.63 -14.33
N PHE A 39 -14.00 8.38 -13.26
CA PHE A 39 -13.40 8.45 -11.93
C PHE A 39 -12.83 7.15 -11.44
N ILE A 40 -12.83 6.12 -12.27
CA ILE A 40 -12.27 4.86 -11.82
C ILE A 40 -10.92 4.55 -12.45
N PRO A 41 -9.87 4.55 -11.61
CA PRO A 41 -8.49 4.29 -11.99
C PRO A 41 -8.41 3.06 -12.85
N ALA A 42 -7.47 3.05 -13.78
CA ALA A 42 -7.32 1.91 -14.67
C ALA A 42 -5.94 1.33 -14.42
N PRO A 43 -5.72 0.07 -14.82
CA PRO A 43 -4.39 -0.48 -14.59
C PRO A 43 -3.28 0.42 -15.16
N THR A 44 -2.05 0.22 -14.71
CA THR A 44 -0.93 1.04 -15.17
C THR A 44 0.21 0.17 -15.66
N THR A 45 0.03 -1.13 -15.49
CA THR A 45 1.03 -2.11 -15.91
C THR A 45 0.33 -3.14 -16.77
N GLY A 46 1.11 -3.93 -17.50
CA GLY A 46 0.55 -4.92 -18.36
C GLY A 46 -0.13 -6.07 -17.63
N SER A 47 0.23 -6.32 -16.38
CA SER A 47 -0.36 -7.44 -15.64
C SER A 47 -1.27 -7.06 -14.48
N GLY A 48 -1.32 -5.77 -14.17
CA GLY A 48 -2.14 -5.31 -13.06
C GLY A 48 -3.58 -5.77 -13.17
N CYS A 49 -4.12 -6.26 -12.07
CA CYS A 49 -5.50 -6.73 -12.04
C CYS A 49 -6.38 -5.85 -11.16
N THR A 50 -7.42 -5.23 -11.74
CA THR A 50 -8.34 -4.40 -10.97
C THR A 50 -9.74 -5.02 -11.04
N ARG A 51 -10.22 -5.59 -9.93
CA ARG A 51 -11.55 -6.21 -9.91
C ARG A 51 -12.34 -6.01 -8.62
N ILE A 52 -13.59 -6.45 -8.64
CA ILE A 52 -14.49 -6.40 -7.48
C ILE A 52 -14.92 -4.99 -7.06
N PRO A 53 -15.67 -4.28 -7.91
CA PRO A 53 -16.11 -2.93 -7.57
C PRO A 53 -17.15 -2.88 -6.47
N SER A 54 -17.34 -1.70 -5.91
CA SER A 54 -18.32 -1.49 -4.85
C SER A 54 -18.66 0.00 -4.78
N PHE A 55 -19.94 0.29 -4.92
CA PHE A 55 -20.40 1.66 -4.93
C PHE A 55 -21.68 1.86 -4.12
N ASP A 56 -21.74 3.01 -3.47
CA ASP A 56 -22.89 3.46 -2.68
C ASP A 56 -22.74 4.99 -2.58
N MET A 57 -23.85 5.69 -2.79
CA MET A 57 -23.89 7.14 -2.77
C MET A 57 -25.07 7.63 -1.94
N SER A 58 -24.78 8.33 -0.85
CA SER A 58 -25.82 8.85 0.03
C SER A 58 -26.26 10.22 -0.47
N ALA A 59 -27.20 10.83 0.22
CA ALA A 59 -27.72 12.14 -0.17
C ALA A 59 -26.63 13.21 -0.16
N THR A 60 -25.47 12.90 0.42
CA THR A 60 -24.38 13.87 0.50
C THR A 60 -23.14 13.56 -0.32
N HIS A 61 -22.61 12.35 -0.17
CA HIS A 61 -21.41 11.95 -0.91
C HIS A 61 -21.54 10.57 -1.53
N TYR A 62 -20.52 10.14 -2.24
CA TYR A 62 -20.50 8.82 -2.87
C TYR A 62 -19.20 8.11 -2.54
N CYS A 63 -19.28 6.81 -2.30
CA CYS A 63 -18.10 6.06 -1.96
C CYS A 63 -17.81 5.02 -3.02
N TYR A 64 -16.53 4.70 -3.22
CA TYR A 64 -16.14 3.70 -4.21
C TYR A 64 -14.84 2.98 -3.89
N THR A 65 -14.82 1.67 -4.10
CA THR A 65 -13.62 0.87 -3.86
C THR A 65 -13.51 -0.36 -4.77
N HIS A 66 -12.28 -0.74 -5.08
CA HIS A 66 -12.01 -1.93 -5.88
C HIS A 66 -10.67 -2.49 -5.43
N ASN A 67 -10.39 -3.72 -5.82
CA ASN A 67 -9.18 -4.44 -5.42
C ASN A 67 -8.08 -4.37 -6.47
N VAL A 68 -6.84 -4.59 -6.06
CA VAL A 68 -5.73 -4.56 -7.02
C VAL A 68 -4.62 -5.56 -6.70
N ILE A 69 -4.43 -6.52 -7.60
CA ILE A 69 -3.39 -7.52 -7.45
C ILE A 69 -2.36 -7.23 -8.54
N LEU A 70 -1.09 -7.21 -8.17
CA LEU A 70 -0.04 -6.89 -9.11
C LEU A 70 0.23 -7.91 -10.22
N SER A 71 0.51 -9.14 -9.83
CA SER A 71 0.83 -10.18 -10.78
C SER A 71 -0.28 -10.84 -11.61
N GLY A 72 -1.47 -10.24 -11.67
CA GLY A 72 -2.53 -10.87 -12.45
C GLY A 72 -3.65 -11.43 -11.59
N CYS A 73 -4.87 -11.35 -12.07
CA CYS A 73 -6.06 -11.80 -11.31
C CYS A 73 -6.07 -13.21 -10.67
N ARG A 74 -5.32 -14.16 -11.22
CA ARG A 74 -5.28 -15.51 -10.65
C ARG A 74 -4.43 -15.59 -9.37
N ASP A 75 -3.33 -14.83 -9.33
CA ASP A 75 -2.45 -14.81 -8.16
C ASP A 75 -3.26 -14.51 -6.89
N HIS A 76 -2.99 -15.26 -5.82
CA HIS A 76 -3.71 -15.07 -4.57
C HIS A 76 -2.88 -14.47 -3.44
N SER A 77 -1.59 -14.25 -3.71
CA SER A 77 -0.61 -13.71 -2.76
C SER A 77 -1.06 -12.60 -1.81
N HIS A 78 -0.97 -11.37 -2.30
CA HIS A 78 -1.31 -10.19 -1.52
C HIS A 78 -2.17 -9.31 -2.42
N SER A 79 -2.63 -8.16 -1.91
CA SER A 79 -3.46 -7.24 -2.70
C SER A 79 -3.77 -6.00 -1.89
N HIS A 80 -4.13 -4.92 -2.58
CA HIS A 80 -4.48 -3.68 -1.91
C HIS A 80 -5.76 -3.07 -2.50
N GLN A 81 -6.42 -2.23 -1.72
CA GLN A 81 -7.67 -1.62 -2.18
C GLN A 81 -7.54 -0.14 -2.54
N TYR A 82 -8.23 0.28 -3.60
CA TYR A 82 -8.24 1.69 -4.00
C TYR A 82 -9.53 2.28 -3.42
N LEU A 83 -9.45 3.47 -2.85
CA LEU A 83 -10.62 4.10 -2.27
C LEU A 83 -10.84 5.49 -2.84
N ALA A 84 -12.10 5.91 -2.85
CA ALA A 84 -12.46 7.23 -3.34
C ALA A 84 -13.73 7.73 -2.66
N LEU A 85 -13.68 8.96 -2.18
CA LEU A 85 -14.82 9.60 -1.56
C LEU A 85 -15.00 10.83 -2.43
N GLY A 86 -16.23 11.15 -2.79
CA GLY A 86 -16.46 12.31 -3.63
C GLY A 86 -17.90 12.76 -3.63
N VAL A 87 -18.23 13.73 -4.48
CA VAL A 87 -19.58 14.27 -4.60
C VAL A 87 -19.87 14.60 -6.07
N LEU A 88 -21.14 14.64 -6.43
CA LEU A 88 -21.56 14.95 -7.80
C LEU A 88 -21.56 16.46 -8.09
N ARG A 89 -21.05 16.83 -9.25
CA ARG A 89 -21.00 18.23 -9.62
C ARG A 89 -21.47 18.45 -11.07
N THR A 90 -21.65 19.71 -11.41
CA THR A 90 -22.12 20.11 -12.74
C THR A 90 -21.23 21.17 -13.36
N THR A 91 -21.11 21.14 -14.69
CA THR A 91 -20.31 22.14 -15.41
C THR A 91 -21.21 23.31 -15.83
N ALA A 92 -20.61 24.37 -16.37
CA ALA A 92 -21.39 25.53 -16.81
C ALA A 92 -22.47 25.04 -17.79
N THR A 93 -22.09 24.13 -18.67
CA THR A 93 -23.00 23.57 -19.67
C THR A 93 -24.05 22.68 -18.99
N GLY A 94 -23.83 22.38 -17.72
CA GLY A 94 -24.77 21.54 -16.99
C GLY A 94 -24.49 20.06 -17.10
N ARG A 95 -23.29 19.70 -17.55
CA ARG A 95 -22.89 18.29 -17.66
C ARG A 95 -22.57 17.77 -16.26
N ILE A 96 -22.51 16.45 -16.12
CA ILE A 96 -22.21 15.89 -14.80
C ILE A 96 -20.88 15.17 -14.80
N PHE A 97 -20.24 15.18 -13.63
CA PHE A 97 -18.97 14.49 -13.42
C PHE A 97 -18.88 14.10 -11.95
N PHE A 98 -18.43 12.87 -11.69
CA PHE A 98 -18.26 12.43 -10.32
C PHE A 98 -16.92 12.98 -9.87
N SER A 99 -16.95 14.05 -9.06
CA SER A 99 -15.71 14.68 -8.58
C SER A 99 -15.23 14.07 -7.26
N THR A 100 -14.22 13.20 -7.33
CA THR A 100 -13.72 12.59 -6.10
C THR A 100 -12.78 13.55 -5.33
N LEU A 101 -12.98 13.60 -4.01
CA LEU A 101 -12.22 14.49 -3.15
C LEU A 101 -11.08 13.81 -2.41
N ARG A 102 -11.27 12.54 -2.08
CA ARG A 102 -10.25 11.78 -1.37
C ARG A 102 -9.97 10.52 -2.18
N SER A 103 -8.76 10.45 -2.72
CA SER A 103 -8.34 9.33 -3.54
C SER A 103 -7.10 8.72 -2.90
N ILE A 104 -7.16 7.44 -2.54
CA ILE A 104 -6.01 6.81 -1.90
C ILE A 104 -5.82 5.36 -2.27
N SER A 105 -4.64 4.84 -1.94
CA SER A 105 -4.31 3.44 -2.18
C SER A 105 -4.07 2.85 -0.81
N LEU A 106 -4.92 1.92 -0.40
CA LEU A 106 -4.78 1.28 0.90
C LEU A 106 -3.99 -0.01 0.74
N ASP A 107 -2.72 0.00 1.15
CA ASP A 107 -1.89 -1.18 1.04
C ASP A 107 -1.01 -1.33 2.27
N ASP A 108 -1.10 -2.48 2.93
CA ASP A 108 -0.30 -2.70 4.13
C ASP A 108 0.14 -4.14 4.36
N THR A 109 0.25 -4.49 5.65
CA THR A 109 0.68 -5.83 6.03
C THR A 109 -0.45 -6.84 5.95
N GLN A 110 -1.64 -6.40 5.54
CA GLN A 110 -2.80 -7.28 5.47
C GLN A 110 -3.40 -7.43 4.07
N ASN A 111 -4.17 -8.49 3.84
CA ASN A 111 -4.79 -8.74 2.54
C ASN A 111 -6.30 -8.66 2.59
N ARG A 112 -6.84 -7.51 2.21
CA ARG A 112 -8.28 -7.28 2.21
C ARG A 112 -8.93 -7.78 0.91
N LYS A 113 -10.08 -8.44 1.02
CA LYS A 113 -10.76 -8.97 -0.16
C LYS A 113 -12.29 -8.97 -0.11
N SER A 114 -12.91 -8.93 -1.30
CA SER A 114 -14.37 -8.97 -1.39
C SER A 114 -15.00 -7.87 -0.53
N CYS A 115 -14.42 -6.68 -0.56
CA CYS A 115 -14.93 -5.56 0.25
C CYS A 115 -16.17 -4.83 -0.29
N SER A 116 -16.95 -4.26 0.63
CA SER A 116 -18.14 -3.50 0.28
C SER A 116 -18.10 -2.14 1.02
N VAL A 117 -18.36 -1.05 0.30
CA VAL A 117 -18.37 0.29 0.91
C VAL A 117 -19.77 0.87 0.99
N SER A 118 -19.93 1.86 1.86
CA SER A 118 -21.21 2.51 2.05
C SER A 118 -21.05 3.93 2.57
N ALA A 119 -21.86 4.85 2.07
CA ALA A 119 -21.82 6.23 2.50
C ALA A 119 -22.47 6.45 3.86
N THR A 120 -21.65 6.77 4.84
CA THR A 120 -22.14 7.04 6.20
C THR A 120 -21.93 8.53 6.45
N PRO A 121 -22.63 9.09 7.45
CA PRO A 121 -22.43 10.53 7.71
C PRO A 121 -21.03 10.85 8.20
N LEU A 122 -20.24 9.83 8.54
CA LEU A 122 -18.88 10.04 9.01
C LEU A 122 -17.85 9.83 7.91
N GLY A 123 -18.32 9.47 6.72
CA GLY A 123 -17.42 9.26 5.61
C GLY A 123 -17.77 8.07 4.72
N CYS A 124 -16.78 7.22 4.46
CA CYS A 124 -16.98 6.05 3.62
C CYS A 124 -16.66 4.80 4.42
N ASP A 125 -17.70 4.12 4.90
CA ASP A 125 -17.52 2.91 5.69
C ASP A 125 -17.22 1.73 4.81
N MET A 126 -16.25 0.92 5.23
CA MET A 126 -15.87 -0.26 4.48
C MET A 126 -15.86 -1.49 5.38
N LEU A 127 -16.22 -2.62 4.79
CA LEU A 127 -16.22 -3.90 5.49
C LEU A 127 -15.43 -4.83 4.59
N CYS A 128 -14.39 -5.44 5.13
CA CYS A 128 -13.57 -6.37 4.36
C CYS A 128 -13.26 -7.64 5.13
N SER A 129 -12.90 -8.67 4.39
CA SER A 129 -12.50 -9.94 4.98
C SER A 129 -11.00 -10.03 4.74
N LYS A 130 -10.23 -10.24 5.79
CA LYS A 130 -8.77 -10.36 5.61
C LYS A 130 -8.46 -11.85 5.48
N VAL A 131 -7.93 -12.19 4.30
CA VAL A 131 -7.60 -13.57 3.96
C VAL A 131 -6.13 -13.95 4.07
N THR A 132 -5.89 -15.21 4.40
CA THR A 132 -4.54 -15.72 4.53
C THR A 132 -4.50 -17.10 3.87
N GLU A 133 -5.57 -17.43 3.16
CA GLU A 133 -5.71 -18.71 2.48
C GLU A 133 -6.71 -18.52 1.34
N THR A 134 -6.73 -19.42 0.36
CA THR A 134 -7.64 -19.27 -0.76
C THR A 134 -9.05 -19.50 -0.27
N GLU A 135 -10.02 -19.21 -1.12
CA GLU A 135 -11.43 -19.38 -0.75
C GLU A 135 -11.78 -20.83 -0.44
N GLU A 136 -11.38 -21.74 -1.32
CA GLU A 136 -11.66 -23.16 -1.11
C GLU A 136 -11.06 -23.60 0.22
N GLU A 137 -9.81 -23.20 0.48
CA GLU A 137 -9.14 -23.59 1.72
C GLU A 137 -9.84 -23.05 2.95
N ASP A 138 -10.32 -21.81 2.89
CA ASP A 138 -10.97 -21.21 4.04
C ASP A 138 -12.35 -21.78 4.28
N TYR A 139 -12.97 -22.30 3.23
CA TYR A 139 -14.30 -22.90 3.39
C TYR A 139 -14.15 -24.20 4.15
N ASN A 140 -12.90 -24.56 4.44
CA ASN A 140 -12.59 -25.77 5.19
C ASN A 140 -11.87 -25.39 6.47
N SER A 141 -11.60 -24.10 6.65
CA SER A 141 -10.93 -23.61 7.84
C SER A 141 -12.03 -23.53 8.90
N ALA A 142 -12.12 -24.53 9.76
CA ALA A 142 -13.14 -24.56 10.80
C ALA A 142 -13.46 -23.18 11.34
N VAL A 143 -12.41 -22.39 11.59
CA VAL A 143 -12.59 -21.05 12.10
C VAL A 143 -13.13 -20.07 11.09
N PRO A 144 -13.83 -19.04 11.57
CA PRO A 144 -14.44 -17.99 10.74
C PRO A 144 -13.42 -17.10 10.07
N THR A 145 -13.82 -16.50 8.96
CA THR A 145 -12.97 -15.60 8.18
C THR A 145 -12.82 -14.29 8.94
N LEU A 146 -11.59 -13.87 9.18
CA LEU A 146 -11.36 -12.62 9.91
C LEU A 146 -11.88 -11.42 9.09
N MET A 147 -12.46 -10.44 9.78
CA MET A 147 -13.00 -9.24 9.13
C MET A 147 -12.73 -7.96 9.90
N ALA A 148 -12.86 -6.83 9.20
CA ALA A 148 -12.66 -5.54 9.84
C ALA A 148 -13.59 -4.46 9.28
N HIS A 149 -14.03 -3.57 10.15
CA HIS A 149 -14.90 -2.48 9.76
C HIS A 149 -13.99 -1.24 9.71
N GLY A 150 -13.81 -0.70 8.51
CA GLY A 150 -12.96 0.47 8.35
C GLY A 150 -13.75 1.67 7.85
N ARG A 151 -13.06 2.78 7.64
CA ARG A 151 -13.73 3.98 7.18
C ARG A 151 -12.80 5.10 6.75
N LEU A 152 -12.99 5.58 5.52
CA LEU A 152 -12.21 6.68 4.98
C LEU A 152 -12.97 7.95 5.33
N GLY A 153 -12.44 8.70 6.30
CA GLY A 153 -13.10 9.92 6.72
C GLY A 153 -13.04 11.04 5.69
N PHE A 154 -13.89 12.04 5.86
CA PHE A 154 -13.92 13.18 4.95
C PHE A 154 -12.58 13.91 4.97
N ASP A 155 -11.77 13.64 6.00
CA ASP A 155 -10.48 14.27 6.15
C ASP A 155 -9.38 13.53 5.37
N GLY A 156 -9.73 12.41 4.74
CA GLY A 156 -8.73 11.68 3.99
C GLY A 156 -8.10 10.51 4.72
N GLN A 157 -8.19 10.50 6.05
CA GLN A 157 -7.61 9.40 6.79
C GLN A 157 -8.50 8.16 6.84
N TYR A 158 -7.86 6.99 6.89
CA TYR A 158 -8.58 5.71 6.94
C TYR A 158 -8.33 5.11 8.30
N HIS A 159 -9.35 4.46 8.85
CA HIS A 159 -9.24 3.81 10.16
C HIS A 159 -10.10 2.56 10.11
N GLU A 160 -9.70 1.52 10.84
CA GLU A 160 -10.48 0.29 10.87
C GLU A 160 -10.31 -0.43 12.18
N LYS A 161 -11.24 -1.33 12.47
CA LYS A 161 -11.21 -2.12 13.69
C LYS A 161 -11.57 -3.55 13.32
N ASP A 162 -10.71 -4.49 13.70
CA ASP A 162 -10.97 -5.89 13.39
C ASP A 162 -12.18 -6.31 14.21
N LEU A 163 -13.02 -7.17 13.65
CA LEU A 163 -14.19 -7.64 14.38
C LEU A 163 -13.83 -8.94 15.09
N ASP A 164 -14.55 -9.24 16.17
CA ASP A 164 -14.33 -10.45 16.95
C ASP A 164 -15.10 -11.61 16.33
N VAL A 165 -14.69 -11.98 15.12
CA VAL A 165 -15.33 -13.05 14.36
C VAL A 165 -15.54 -14.34 15.13
N THR A 166 -14.59 -14.75 15.96
CA THR A 166 -14.74 -16.00 16.72
C THR A 166 -16.05 -16.01 17.52
N THR A 167 -16.62 -14.85 17.75
CA THR A 167 -17.88 -14.76 18.48
C THR A 167 -18.99 -14.28 17.56
N LEU A 168 -18.70 -13.26 16.78
CA LEU A 168 -19.65 -12.68 15.84
C LEU A 168 -20.12 -13.67 14.78
N PHE A 169 -19.16 -14.27 14.09
CA PHE A 169 -19.48 -15.25 13.05
C PHE A 169 -19.09 -16.62 13.59
N GLU A 170 -19.34 -16.80 14.87
CA GLU A 170 -19.04 -18.03 15.57
C GLU A 170 -19.52 -19.33 14.90
N ASP A 171 -20.65 -19.28 14.21
CA ASP A 171 -21.18 -20.48 13.56
C ASP A 171 -20.77 -20.60 12.09
N TRP A 172 -19.76 -19.85 11.68
CA TRP A 172 -19.34 -19.88 10.28
C TRP A 172 -17.92 -20.40 10.05
N VAL A 173 -17.66 -20.93 8.86
CA VAL A 173 -16.33 -21.45 8.52
C VAL A 173 -15.68 -20.50 7.53
N ALA A 174 -16.50 -19.61 6.99
CA ALA A 174 -16.07 -18.61 6.02
C ALA A 174 -17.16 -17.57 5.91
N ASN A 175 -16.75 -16.33 5.69
CA ASN A 175 -17.70 -15.24 5.59
C ASN A 175 -17.04 -14.02 4.99
N TYR A 176 -17.68 -13.48 3.96
CA TYR A 176 -17.15 -12.31 3.27
C TYR A 176 -18.23 -11.30 2.97
N PRO A 177 -17.84 -10.04 2.73
CA PRO A 177 -18.83 -9.01 2.41
C PRO A 177 -19.38 -9.33 1.03
N GLY A 178 -20.62 -8.93 0.76
CA GLY A 178 -21.24 -9.21 -0.52
C GLY A 178 -20.61 -8.51 -1.70
N VAL A 179 -19.62 -7.67 -1.43
CA VAL A 179 -18.86 -6.89 -2.41
C VAL A 179 -19.69 -5.75 -3.00
N GLY A 180 -21.01 -5.89 -2.90
CA GLY A 180 -21.92 -4.87 -3.42
C GLY A 180 -22.21 -3.88 -2.31
N GLY A 181 -22.10 -2.59 -2.64
CA GLY A 181 -22.33 -1.53 -1.66
C GLY A 181 -23.31 -1.79 -0.54
N GLY A 182 -23.05 -1.20 0.62
CA GLY A 182 -23.93 -1.34 1.76
C GLY A 182 -24.73 -0.05 1.91
N SER A 183 -25.63 0.00 2.89
CA SER A 183 -26.41 1.20 3.06
C SER A 183 -26.46 1.67 4.51
N PHE A 184 -26.69 2.97 4.70
CA PHE A 184 -26.77 3.56 6.03
C PHE A 184 -28.23 3.72 6.40
N ILE A 185 -28.68 3.05 7.45
CA ILE A 185 -30.07 3.19 7.85
C ILE A 185 -30.27 3.24 9.35
N ASP A 186 -30.95 4.28 9.80
CA ASP A 186 -31.22 4.46 11.22
C ASP A 186 -30.00 4.50 12.14
N GLY A 187 -28.91 5.11 11.68
CA GLY A 187 -27.74 5.21 12.51
C GLY A 187 -26.80 4.03 12.52
N ARG A 188 -27.02 3.11 11.61
CA ARG A 188 -26.17 1.93 11.52
C ARG A 188 -25.87 1.69 10.04
N VAL A 189 -24.74 1.06 9.77
CA VAL A 189 -24.41 0.76 8.39
C VAL A 189 -24.78 -0.69 8.21
N TRP A 190 -25.43 -0.99 7.08
CA TRP A 190 -25.90 -2.33 6.78
C TRP A 190 -25.21 -2.97 5.59
N PHE A 191 -24.64 -4.15 5.79
CA PHE A 191 -23.94 -4.86 4.74
C PHE A 191 -24.51 -6.25 4.52
N SER A 192 -24.48 -6.67 3.25
CA SER A 192 -24.95 -7.98 2.87
C SER A 192 -23.72 -8.87 2.90
N VAL A 193 -23.68 -9.86 3.79
CA VAL A 193 -22.53 -10.75 3.86
C VAL A 193 -22.98 -12.20 3.63
N TYR A 194 -22.06 -13.05 3.15
CA TYR A 194 -22.38 -14.46 2.91
C TYR A 194 -21.15 -15.33 3.16
N GLY A 195 -21.32 -16.64 3.09
CA GLY A 195 -20.20 -17.53 3.32
C GLY A 195 -20.67 -18.91 3.71
N GLY A 196 -19.79 -19.69 4.34
CA GLY A 196 -20.15 -21.04 4.74
C GLY A 196 -20.42 -21.25 6.21
N LEU A 197 -21.43 -22.05 6.49
CA LEU A 197 -21.82 -22.35 7.87
C LEU A 197 -21.15 -23.59 8.45
N LYS A 198 -20.79 -23.48 9.72
CA LYS A 198 -20.16 -24.55 10.46
C LYS A 198 -21.23 -25.62 10.67
N PRO A 199 -21.14 -26.74 9.94
CA PRO A 199 -22.14 -27.82 10.07
C PRO A 199 -22.39 -28.30 11.50
N ASN A 200 -23.67 -28.46 11.84
CA ASN A 200 -24.12 -28.91 13.16
C ASN A 200 -24.24 -27.79 14.18
N SER A 201 -23.77 -26.60 13.81
CA SER A 201 -23.83 -25.46 14.71
C SER A 201 -25.25 -24.93 14.76
N PRO A 202 -25.63 -24.28 15.87
CA PRO A 202 -26.98 -23.73 16.01
C PRO A 202 -27.50 -23.08 14.74
N SER A 203 -26.74 -22.13 14.21
CA SER A 203 -27.13 -21.41 13.00
C SER A 203 -27.42 -22.34 11.81
N ASP A 204 -26.77 -23.50 11.81
CA ASP A 204 -26.91 -24.46 10.73
C ASP A 204 -28.13 -25.39 10.81
N THR A 205 -28.44 -25.88 12.01
CA THR A 205 -29.57 -26.77 12.20
C THR A 205 -30.91 -26.07 11.97
N VAL A 206 -30.96 -24.77 12.22
CA VAL A 206 -32.20 -24.04 12.04
C VAL A 206 -32.59 -23.83 10.58
N GLN A 207 -31.62 -23.93 9.68
CA GLN A 207 -31.87 -23.75 8.26
C GLN A 207 -32.06 -25.11 7.61
N GLU A 208 -32.19 -26.12 8.46
CA GLU A 208 -32.35 -27.50 8.04
C GLU A 208 -33.77 -27.76 7.59
N GLY A 209 -33.94 -28.06 6.30
CA GLY A 209 -35.27 -28.32 5.76
C GLY A 209 -35.87 -27.10 5.11
N LYS A 210 -35.31 -25.95 5.44
CA LYS A 210 -35.77 -24.68 4.88
C LYS A 210 -35.19 -24.45 3.50
N TYR A 211 -36.06 -24.02 2.58
CA TYR A 211 -35.68 -23.74 1.21
C TYR A 211 -36.78 -22.96 0.53
N VAL A 212 -36.62 -22.72 -0.76
CA VAL A 212 -37.60 -21.99 -1.53
C VAL A 212 -37.40 -22.42 -2.96
N ILE A 213 -38.47 -22.41 -3.73
CA ILE A 213 -38.37 -22.80 -5.12
C ILE A 213 -38.87 -21.64 -5.98
N TYR A 214 -37.95 -20.91 -6.59
CA TYR A 214 -38.35 -19.82 -7.44
C TYR A 214 -38.43 -20.32 -8.87
N LYS A 215 -39.57 -20.12 -9.49
CA LYS A 215 -39.76 -20.59 -10.84
C LYS A 215 -39.74 -19.43 -11.82
N ARG A 216 -39.43 -19.73 -13.07
CA ARG A 216 -39.39 -18.72 -14.09
C ARG A 216 -40.83 -18.30 -14.43
N TYR A 217 -40.98 -17.21 -15.17
CA TYR A 217 -42.29 -16.67 -15.53
C TYR A 217 -43.06 -17.48 -16.56
N ASN A 218 -42.54 -17.56 -17.78
CA ASN A 218 -43.23 -18.33 -18.82
C ASN A 218 -42.95 -19.80 -18.55
N ASP A 219 -41.72 -20.23 -18.76
CA ASP A 219 -41.31 -21.62 -18.55
C ASP A 219 -41.90 -22.25 -17.28
N THR A 220 -41.83 -23.58 -17.22
CA THR A 220 -42.33 -24.33 -16.07
C THR A 220 -41.45 -25.56 -15.93
N CYS A 221 -41.05 -25.89 -14.71
CA CYS A 221 -40.18 -27.05 -14.53
C CYS A 221 -40.90 -28.39 -14.66
N PRO A 222 -40.39 -29.29 -15.52
CA PRO A 222 -41.01 -30.60 -15.72
C PRO A 222 -40.93 -31.37 -14.41
N ASP A 223 -39.71 -31.80 -14.10
CA ASP A 223 -39.35 -32.54 -12.89
C ASP A 223 -40.43 -32.74 -11.82
N GLU A 224 -40.38 -33.89 -11.15
CA GLU A 224 -41.34 -34.22 -10.10
C GLU A 224 -41.29 -33.22 -8.97
N GLN A 225 -42.41 -33.07 -8.27
CA GLN A 225 -42.47 -32.16 -7.14
C GLN A 225 -41.49 -32.70 -6.11
N ASP A 226 -41.27 -34.02 -6.18
CA ASP A 226 -40.33 -34.68 -5.29
C ASP A 226 -38.92 -34.34 -5.70
N TYR A 227 -38.59 -34.63 -6.95
CA TYR A 227 -37.26 -34.36 -7.45
C TYR A 227 -36.91 -32.89 -7.30
N GLN A 228 -37.93 -32.03 -7.26
CA GLN A 228 -37.68 -30.60 -7.10
C GLN A 228 -37.32 -30.24 -5.66
N ILE A 229 -38.16 -30.64 -4.72
CA ILE A 229 -37.90 -30.34 -3.31
C ILE A 229 -36.47 -30.71 -2.90
N ARG A 230 -36.06 -31.93 -3.23
CA ARG A 230 -34.72 -32.39 -2.88
C ARG A 230 -33.67 -31.46 -3.45
N MET A 231 -33.70 -31.25 -4.78
CA MET A 231 -32.74 -30.39 -5.46
C MET A 231 -32.61 -29.04 -4.77
N ALA A 232 -33.74 -28.40 -4.49
CA ALA A 232 -33.76 -27.11 -3.81
C ALA A 232 -33.19 -27.26 -2.40
N LYS A 233 -33.50 -28.38 -1.76
CA LYS A 233 -33.01 -28.65 -0.41
C LYS A 233 -31.48 -28.71 -0.41
N SER A 234 -30.94 -29.34 -1.45
CA SER A 234 -29.51 -29.49 -1.56
C SER A 234 -28.79 -28.37 -2.29
N SER A 235 -29.51 -27.33 -2.70
CA SER A 235 -28.88 -26.21 -3.39
C SER A 235 -28.10 -25.36 -2.40
N TYR A 236 -28.34 -25.59 -1.10
CA TYR A 236 -27.68 -24.86 -0.02
C TYR A 236 -26.42 -25.55 0.48
N LYS A 237 -26.22 -26.78 0.01
CA LYS A 237 -25.04 -27.58 0.38
C LYS A 237 -24.32 -28.03 -0.88
N PRO A 238 -24.09 -27.10 -1.83
CA PRO A 238 -23.40 -27.39 -3.09
C PRO A 238 -22.10 -28.13 -2.89
N GLY A 239 -21.69 -28.84 -3.93
CA GLY A 239 -20.47 -29.62 -3.86
C GLY A 239 -19.14 -28.92 -4.03
N ARG A 240 -19.14 -27.62 -4.34
CA ARG A 240 -17.89 -26.92 -4.51
C ARG A 240 -17.12 -26.70 -3.22
N PHE A 241 -17.84 -26.53 -2.11
CA PHE A 241 -17.18 -26.30 -0.83
C PHE A 241 -17.43 -27.40 0.19
N GLY A 242 -17.39 -28.63 -0.31
CA GLY A 242 -17.58 -29.79 0.56
C GLY A 242 -18.93 -29.92 1.23
N GLY A 243 -20.00 -29.65 0.48
CA GLY A 243 -21.34 -29.78 1.03
C GLY A 243 -21.67 -28.87 2.20
N LYS A 244 -20.85 -27.85 2.43
CA LYS A 244 -21.11 -26.92 3.51
C LYS A 244 -22.33 -26.10 3.14
N ARG A 245 -23.03 -25.60 4.15
CA ARG A 245 -24.22 -24.80 3.93
C ARG A 245 -23.83 -23.38 3.58
N ILE A 246 -23.96 -23.02 2.31
CA ILE A 246 -23.62 -21.66 1.89
C ILE A 246 -24.79 -20.80 2.37
N GLN A 247 -24.53 -19.96 3.36
CA GLN A 247 -25.58 -19.11 3.94
C GLN A 247 -25.55 -17.62 3.60
N GLN A 248 -26.72 -17.00 3.69
CA GLN A 248 -26.90 -15.57 3.41
C GLN A 248 -27.22 -14.83 4.69
N ALA A 249 -26.60 -13.67 4.89
CA ALA A 249 -26.85 -12.89 6.09
C ALA A 249 -26.64 -11.40 5.88
N ILE A 250 -27.12 -10.62 6.85
CA ILE A 250 -27.01 -9.16 6.82
C ILE A 250 -26.41 -8.67 8.14
N LEU A 251 -25.33 -7.91 8.04
CA LEU A 251 -24.64 -7.40 9.22
C LEU A 251 -24.85 -5.89 9.44
N SER A 252 -25.28 -5.51 10.63
CA SER A 252 -25.47 -4.10 10.92
C SER A 252 -24.43 -3.71 11.96
N ILE A 253 -23.88 -2.51 11.82
CA ILE A 253 -22.86 -1.99 12.73
C ILE A 253 -23.35 -0.59 13.11
N LYS A 254 -23.08 -0.16 14.33
CA LYS A 254 -23.49 1.18 14.71
C LYS A 254 -22.48 2.17 14.17
N VAL A 255 -22.98 3.23 13.53
CA VAL A 255 -22.12 4.27 12.95
C VAL A 255 -21.77 5.33 13.97
N SER A 256 -20.50 5.35 14.38
CA SER A 256 -20.02 6.33 15.34
C SER A 256 -18.52 6.46 15.18
N THR A 257 -17.91 7.25 16.06
CA THR A 257 -16.47 7.44 15.99
C THR A 257 -15.77 6.15 16.44
N SER A 258 -16.52 5.20 16.98
CA SER A 258 -15.94 3.93 17.39
C SER A 258 -16.25 2.87 16.32
N LEU A 259 -15.24 2.44 15.59
CA LEU A 259 -15.46 1.46 14.53
C LEU A 259 -15.67 0.03 15.04
N GLY A 260 -16.71 -0.61 14.50
CA GLY A 260 -17.05 -1.97 14.90
C GLY A 260 -17.87 -1.96 16.18
N GLU A 261 -18.46 -0.81 16.48
CA GLU A 261 -19.26 -0.67 17.69
C GLU A 261 -20.64 -1.32 17.65
N ASP A 262 -20.83 -2.36 18.45
CA ASP A 262 -22.10 -3.07 18.53
C ASP A 262 -22.64 -3.62 17.22
N PRO A 263 -21.89 -4.53 16.58
CA PRO A 263 -22.35 -5.10 15.32
C PRO A 263 -23.37 -6.20 15.62
N VAL A 264 -24.22 -6.51 14.66
CA VAL A 264 -25.25 -7.53 14.84
C VAL A 264 -25.59 -8.24 13.53
N LEU A 265 -25.46 -9.56 13.56
CA LEU A 265 -25.73 -10.39 12.40
C LEU A 265 -27.19 -10.82 12.36
N THR A 266 -27.75 -10.89 11.15
CA THR A 266 -29.12 -11.32 10.96
C THR A 266 -29.06 -12.38 9.86
N VAL A 267 -29.44 -13.60 10.21
CA VAL A 267 -29.42 -14.71 9.26
C VAL A 267 -30.83 -15.06 8.85
N PRO A 268 -31.31 -14.44 7.76
CA PRO A 268 -32.67 -14.70 7.27
C PRO A 268 -32.99 -16.19 7.11
N PRO A 269 -34.27 -16.56 7.27
CA PRO A 269 -34.71 -17.95 7.15
C PRO A 269 -34.84 -18.38 5.69
N ASN A 270 -34.14 -19.44 5.31
CA ASN A 270 -34.15 -19.96 3.93
C ASN A 270 -35.52 -20.36 3.37
N THR A 271 -36.59 -20.08 4.12
CA THR A 271 -37.94 -20.36 3.62
C THR A 271 -38.19 -19.24 2.60
N VAL A 272 -37.37 -18.19 2.70
CA VAL A 272 -37.46 -17.03 1.81
C VAL A 272 -36.20 -16.78 0.96
N THR A 273 -35.02 -17.05 1.51
CA THR A 273 -33.77 -16.82 0.78
C THR A 273 -33.12 -18.03 0.11
N LEU A 274 -32.55 -17.79 -1.08
CA LEU A 274 -31.83 -18.80 -1.86
C LEU A 274 -30.45 -18.97 -1.24
N MET A 275 -29.58 -19.73 -1.91
CA MET A 275 -28.23 -19.97 -1.42
C MET A 275 -27.40 -18.70 -1.27
N GLY A 276 -26.60 -18.65 -0.20
CA GLY A 276 -25.74 -17.50 0.06
C GLY A 276 -24.88 -17.13 -1.14
N ALA A 277 -24.84 -15.84 -1.44
CA ALA A 277 -24.05 -15.33 -2.57
C ALA A 277 -23.71 -13.85 -2.34
N GLU A 278 -22.95 -13.26 -3.26
CA GLU A 278 -22.61 -11.86 -3.13
C GLU A 278 -23.91 -11.07 -3.13
N GLY A 279 -23.97 -10.00 -2.34
CA GLY A 279 -25.20 -9.22 -2.26
C GLY A 279 -24.99 -7.71 -2.19
N ARG A 280 -26.06 -6.99 -1.84
CA ARG A 280 -26.04 -5.54 -1.73
C ARG A 280 -27.26 -5.07 -0.99
N ILE A 281 -27.14 -3.95 -0.28
CA ILE A 281 -28.26 -3.39 0.48
C ILE A 281 -28.62 -2.07 -0.17
N LEU A 282 -29.76 -2.05 -0.86
CA LEU A 282 -30.24 -0.86 -1.54
C LEU A 282 -31.29 -0.11 -0.73
N THR A 283 -31.27 1.21 -0.82
CA THR A 283 -32.22 2.05 -0.11
C THR A 283 -32.74 3.08 -1.09
N VAL A 284 -33.96 2.87 -1.57
CA VAL A 284 -34.58 3.80 -2.52
C VAL A 284 -35.85 4.36 -1.87
N GLY A 285 -35.79 5.64 -1.51
CA GLY A 285 -36.92 6.27 -0.87
C GLY A 285 -37.00 5.69 0.53
N THR A 286 -38.20 5.30 0.93
CA THR A 286 -38.40 4.72 2.26
C THR A 286 -38.33 3.20 2.14
N SER A 287 -37.83 2.71 1.02
CA SER A 287 -37.76 1.27 0.79
C SER A 287 -36.36 0.65 0.85
N HIS A 288 -36.28 -0.48 1.53
CA HIS A 288 -35.03 -1.19 1.64
C HIS A 288 -35.12 -2.54 0.91
N PHE A 289 -34.08 -2.86 0.14
CA PHE A 289 -34.04 -4.09 -0.62
C PHE A 289 -32.72 -4.82 -0.35
N LEU A 290 -32.62 -6.04 -0.87
CA LEU A 290 -31.41 -6.84 -0.77
C LEU A 290 -31.23 -7.50 -2.12
N TYR A 291 -30.09 -7.27 -2.75
CA TYR A 291 -29.84 -7.88 -4.03
C TYR A 291 -29.00 -9.12 -3.75
N GLN A 292 -29.32 -10.22 -4.42
CA GLN A 292 -28.59 -11.46 -4.24
C GLN A 292 -28.15 -12.00 -5.59
N ARG A 293 -26.84 -12.08 -5.76
CA ARG A 293 -26.26 -12.60 -6.99
C ARG A 293 -26.90 -13.96 -7.23
N GLY A 294 -26.97 -14.39 -8.48
CA GLY A 294 -27.55 -15.69 -8.79
C GLY A 294 -26.50 -16.78 -8.96
N SER A 295 -25.88 -17.17 -7.85
CA SER A 295 -24.86 -18.18 -7.90
C SER A 295 -25.46 -19.56 -7.84
N SER A 296 -26.76 -19.64 -7.60
CA SER A 296 -27.44 -20.93 -7.57
C SER A 296 -28.35 -21.04 -8.80
N TYR A 297 -29.32 -21.94 -8.74
CA TYR A 297 -30.20 -22.20 -9.88
C TYR A 297 -31.02 -21.03 -10.43
N PHE A 298 -31.55 -20.18 -9.56
CA PHE A 298 -32.36 -19.04 -10.02
C PHE A 298 -31.63 -18.01 -10.90
N SER A 299 -32.00 -17.94 -12.18
CA SER A 299 -31.36 -17.02 -13.11
C SER A 299 -31.74 -15.53 -12.99
N PRO A 300 -33.04 -15.22 -12.93
CA PRO A 300 -33.52 -13.83 -12.83
C PRO A 300 -32.96 -13.01 -11.67
N ALA A 301 -32.86 -11.71 -11.89
CA ALA A 301 -32.37 -10.81 -10.87
C ALA A 301 -33.31 -10.84 -9.67
N LEU A 302 -32.75 -10.84 -8.48
CA LEU A 302 -33.55 -10.89 -7.25
C LEU A 302 -33.41 -9.62 -6.42
N LEU A 303 -34.52 -9.13 -5.90
CA LEU A 303 -34.47 -7.96 -5.03
C LEU A 303 -35.36 -8.20 -3.82
N TYR A 304 -34.77 -8.70 -2.74
CA TYR A 304 -35.55 -9.01 -1.54
C TYR A 304 -35.94 -7.78 -0.73
N PRO A 305 -37.26 -7.57 -0.56
CA PRO A 305 -37.76 -6.43 0.20
C PRO A 305 -37.21 -6.54 1.61
N MET A 306 -36.50 -5.52 2.02
CA MET A 306 -35.88 -5.49 3.34
C MET A 306 -36.55 -4.46 4.23
N THR A 307 -36.97 -4.90 5.41
CA THR A 307 -37.58 -4.00 6.37
C THR A 307 -36.61 -4.06 7.52
N VAL A 308 -36.58 -3.03 8.35
CA VAL A 308 -35.64 -3.06 9.45
C VAL A 308 -36.25 -2.68 10.80
N SER A 309 -35.87 -3.42 11.82
CA SER A 309 -36.36 -3.18 13.17
C SER A 309 -35.18 -3.12 14.12
N ASN A 310 -34.71 -1.91 14.39
CA ASN A 310 -33.56 -1.68 15.28
C ASN A 310 -32.22 -2.11 14.67
N LYS A 311 -31.66 -3.20 15.17
CA LYS A 311 -30.35 -3.70 14.71
C LYS A 311 -30.48 -4.87 13.76
N THR A 312 -31.66 -5.47 13.72
CA THR A 312 -31.91 -6.60 12.85
C THR A 312 -32.92 -6.19 11.79
N ALA A 313 -32.84 -6.84 10.64
CA ALA A 313 -33.74 -6.56 9.53
C ALA A 313 -34.47 -7.84 9.13
N THR A 314 -35.52 -7.69 8.34
CA THR A 314 -36.28 -8.83 7.86
C THR A 314 -36.37 -8.82 6.35
N LEU A 315 -36.38 -10.00 5.75
CA LEU A 315 -36.49 -10.15 4.31
C LEU A 315 -37.86 -10.68 3.88
N HIS A 316 -38.23 -10.42 2.63
CA HIS A 316 -39.52 -10.86 2.11
C HIS A 316 -39.37 -11.49 0.72
N SER A 317 -40.47 -12.03 0.19
CA SER A 317 -40.47 -12.66 -1.13
C SER A 317 -39.85 -11.68 -2.10
N PRO A 318 -38.90 -12.14 -2.92
CA PRO A 318 -38.26 -11.21 -3.86
C PRO A 318 -39.11 -10.68 -4.99
N TYR A 319 -38.51 -9.72 -5.71
CA TYR A 319 -39.09 -9.10 -6.89
C TYR A 319 -38.23 -9.81 -7.90
N THR A 320 -38.83 -10.37 -8.92
CA THR A 320 -38.02 -11.05 -9.92
C THR A 320 -38.18 -10.31 -11.24
N PHE A 321 -37.07 -10.18 -11.95
CA PHE A 321 -37.06 -9.51 -13.25
C PHE A 321 -36.59 -10.56 -14.22
N ASN A 322 -37.51 -11.48 -14.52
CA ASN A 322 -37.23 -12.61 -15.40
C ASN A 322 -36.53 -12.37 -16.72
N ALA A 323 -36.46 -11.12 -17.15
CA ALA A 323 -35.76 -10.83 -18.39
C ALA A 323 -34.29 -10.58 -18.06
N PHE A 324 -34.05 -10.07 -16.85
CA PHE A 324 -32.70 -9.74 -16.37
C PHE A 324 -32.00 -11.00 -15.84
N THR A 325 -31.51 -11.83 -16.75
CA THR A 325 -30.85 -13.07 -16.38
C THR A 325 -29.33 -12.94 -16.41
N ARG A 326 -28.65 -13.91 -15.83
CA ARG A 326 -27.19 -13.89 -15.82
C ARG A 326 -26.61 -15.17 -16.40
N PRO A 327 -25.38 -15.09 -16.92
CA PRO A 327 -24.73 -16.27 -17.50
C PRO A 327 -24.40 -17.27 -16.41
N GLY A 328 -24.77 -18.52 -16.62
CA GLY A 328 -24.47 -19.55 -15.63
C GLY A 328 -23.61 -20.64 -16.25
N SER A 329 -23.97 -21.88 -15.96
CA SER A 329 -23.26 -23.05 -16.50
C SER A 329 -24.19 -24.25 -16.31
N ILE A 330 -24.50 -24.92 -17.41
CA ILE A 330 -25.39 -26.08 -17.35
C ILE A 330 -25.10 -26.89 -16.10
N PRO A 331 -26.14 -27.26 -15.35
CA PRO A 331 -27.57 -26.99 -15.61
C PRO A 331 -28.07 -25.64 -15.07
N CYS A 332 -27.16 -24.78 -14.66
CA CYS A 332 -27.57 -23.49 -14.13
C CYS A 332 -27.30 -22.33 -15.10
N GLN A 333 -27.65 -22.52 -16.38
CA GLN A 333 -27.44 -21.49 -17.38
C GLN A 333 -28.49 -20.38 -17.26
N ALA A 334 -28.37 -19.36 -18.12
CA ALA A 334 -29.28 -18.21 -18.11
C ALA A 334 -30.76 -18.59 -18.23
N SER A 335 -31.00 -19.68 -18.95
CA SER A 335 -32.35 -20.18 -19.19
C SER A 335 -32.90 -21.10 -18.09
N ALA A 336 -32.01 -21.62 -17.25
CA ALA A 336 -32.37 -22.52 -16.14
C ALA A 336 -33.74 -22.23 -15.50
N ARG A 337 -34.47 -23.28 -15.18
CA ARG A 337 -35.79 -23.14 -14.59
C ARG A 337 -36.08 -24.12 -13.44
N CYS A 338 -35.32 -25.21 -13.39
CA CYS A 338 -35.52 -26.20 -12.34
C CYS A 338 -34.49 -26.10 -11.22
N PRO A 339 -34.91 -26.31 -9.97
CA PRO A 339 -33.98 -26.24 -8.84
C PRO A 339 -32.82 -27.21 -9.04
N ASN A 340 -31.61 -26.77 -8.69
CA ASN A 340 -30.42 -27.63 -8.82
C ASN A 340 -29.32 -27.19 -7.86
N SER A 341 -28.17 -27.84 -7.94
CA SER A 341 -27.05 -27.49 -7.08
C SER A 341 -25.87 -27.01 -7.89
N CYS A 342 -25.52 -25.75 -7.69
CA CYS A 342 -24.42 -25.13 -8.41
C CYS A 342 -23.96 -23.88 -7.67
N VAL A 343 -22.73 -23.45 -7.95
CA VAL A 343 -22.14 -22.25 -7.39
C VAL A 343 -21.53 -21.58 -8.59
N THR A 344 -22.34 -20.82 -9.32
CA THR A 344 -21.88 -20.16 -10.53
C THR A 344 -22.42 -18.74 -10.61
N GLY A 345 -22.77 -18.31 -11.82
CA GLY A 345 -23.32 -16.97 -12.00
C GLY A 345 -22.28 -15.86 -12.02
N VAL A 346 -22.73 -14.66 -11.70
CA VAL A 346 -21.88 -13.48 -11.69
C VAL A 346 -22.64 -12.35 -11.01
N TYR A 347 -21.95 -11.28 -10.64
CA TYR A 347 -22.60 -10.15 -10.00
C TYR A 347 -23.04 -9.09 -11.01
N THR A 348 -24.34 -8.85 -11.07
CA THR A 348 -24.96 -7.85 -11.93
C THR A 348 -26.26 -7.45 -11.25
N ASP A 349 -26.29 -6.29 -10.62
CA ASP A 349 -27.48 -5.86 -9.90
C ASP A 349 -28.46 -4.95 -10.66
N PRO A 350 -29.68 -4.77 -10.11
CA PRO A 350 -30.78 -3.94 -10.62
C PRO A 350 -31.15 -2.82 -9.65
N TYR A 351 -31.01 -1.56 -10.06
CA TYR A 351 -31.34 -0.43 -9.18
C TYR A 351 -32.81 -0.02 -9.29
N PRO A 352 -33.53 0.00 -8.16
CA PRO A 352 -34.96 0.37 -8.12
C PRO A 352 -35.21 1.70 -8.84
N LEU A 353 -35.74 1.60 -10.06
CA LEU A 353 -35.99 2.77 -10.91
C LEU A 353 -37.40 3.34 -10.98
N ILE A 354 -38.37 2.48 -11.29
CA ILE A 354 -39.76 2.90 -11.45
C ILE A 354 -40.70 2.33 -10.38
N PHE A 355 -41.50 3.21 -9.77
CA PHE A 355 -42.43 2.85 -8.69
C PHE A 355 -43.91 3.22 -8.87
N TYR A 356 -44.77 2.50 -8.15
CA TYR A 356 -46.20 2.75 -8.11
C TYR A 356 -46.38 3.80 -7.02
N ARG A 357 -47.37 4.67 -7.14
CA ARG A 357 -47.59 5.69 -6.10
C ARG A 357 -47.71 5.04 -4.73
N ASN A 358 -48.03 3.74 -4.71
CA ASN A 358 -48.19 2.99 -3.46
C ASN A 358 -46.86 2.33 -3.04
N HIS A 359 -45.76 2.91 -3.52
CA HIS A 359 -44.40 2.47 -3.22
C HIS A 359 -43.95 1.10 -3.72
N THR A 360 -44.81 0.36 -4.40
CA THR A 360 -44.41 -0.95 -4.89
C THR A 360 -43.52 -0.81 -6.12
N LEU A 361 -42.42 -1.56 -6.10
CA LEU A 361 -41.44 -1.53 -7.17
C LEU A 361 -41.98 -2.09 -8.47
N ARG A 362 -41.84 -1.32 -9.55
CA ARG A 362 -42.34 -1.71 -10.86
C ARG A 362 -41.27 -1.99 -11.89
N GLY A 363 -40.18 -1.22 -11.86
CA GLY A 363 -39.12 -1.43 -12.82
C GLY A 363 -37.75 -1.15 -12.24
N VAL A 364 -36.71 -1.65 -12.90
CA VAL A 364 -35.33 -1.44 -12.42
C VAL A 364 -34.37 -1.22 -13.56
N PHE A 365 -33.25 -0.57 -13.24
CA PHE A 365 -32.21 -0.33 -14.22
C PHE A 365 -31.06 -1.25 -13.84
N GLY A 366 -30.30 -1.69 -14.83
CA GLY A 366 -29.17 -2.55 -14.56
C GLY A 366 -28.44 -2.86 -15.84
N THR A 367 -27.40 -3.66 -15.72
CA THR A 367 -26.63 -4.06 -16.89
C THR A 367 -26.33 -5.54 -16.72
N MET A 368 -26.87 -6.35 -17.63
CA MET A 368 -26.68 -7.79 -17.55
C MET A 368 -25.69 -8.31 -18.59
N LEU A 369 -25.14 -9.48 -18.33
CA LEU A 369 -24.23 -10.11 -19.28
C LEU A 369 -25.18 -10.94 -20.13
N ASP A 370 -25.44 -10.45 -21.33
CA ASP A 370 -26.35 -11.08 -22.27
C ASP A 370 -25.79 -12.33 -22.94
N SER A 371 -25.68 -13.41 -22.16
CA SER A 371 -25.18 -14.68 -22.65
C SER A 371 -25.83 -15.77 -21.81
N GLU A 372 -25.73 -17.02 -22.26
CA GLU A 372 -26.32 -18.17 -21.57
C GLU A 372 -25.42 -18.81 -20.52
N GLN A 373 -24.12 -18.92 -20.82
CA GLN A 373 -23.15 -19.53 -19.89
C GLN A 373 -21.90 -18.69 -19.71
N ALA A 374 -21.19 -18.41 -20.81
CA ALA A 374 -19.98 -17.61 -20.73
C ALA A 374 -20.33 -16.18 -20.29
N ARG A 375 -19.30 -15.44 -19.86
CA ARG A 375 -19.46 -14.05 -19.41
C ARG A 375 -19.19 -13.08 -20.55
N LEU A 376 -20.18 -12.86 -21.40
CA LEU A 376 -20.00 -11.97 -22.56
C LEU A 376 -21.07 -10.92 -22.77
N ASN A 377 -20.68 -9.93 -23.58
CA ASN A 377 -21.53 -8.80 -24.00
C ASN A 377 -22.37 -8.07 -22.97
N PRO A 378 -21.85 -6.96 -22.44
CA PRO A 378 -22.65 -6.23 -21.45
C PRO A 378 -23.89 -5.67 -22.16
N ALA A 379 -24.87 -5.18 -21.40
CA ALA A 379 -26.08 -4.62 -21.96
C ALA A 379 -26.88 -3.92 -20.88
N SER A 380 -27.07 -2.61 -21.06
CA SER A 380 -27.80 -1.81 -20.08
C SER A 380 -29.25 -1.74 -20.52
N ALA A 381 -30.16 -1.46 -19.57
CA ALA A 381 -31.58 -1.37 -19.88
C ALA A 381 -32.51 -1.43 -18.66
N VAL A 382 -33.76 -1.01 -18.89
CA VAL A 382 -34.80 -1.02 -17.87
C VAL A 382 -35.43 -2.43 -17.85
N PHE A 383 -35.82 -2.90 -16.67
CA PHE A 383 -36.42 -4.24 -16.55
C PHE A 383 -37.67 -4.21 -15.69
N ASP A 384 -38.74 -4.80 -16.21
CA ASP A 384 -39.99 -4.89 -15.48
C ASP A 384 -40.03 -6.29 -14.92
N SER A 385 -41.19 -6.72 -14.44
CA SER A 385 -41.34 -8.06 -13.87
C SER A 385 -41.10 -9.20 -14.85
N THR A 386 -41.29 -8.95 -16.14
CA THR A 386 -41.12 -10.01 -17.13
C THR A 386 -40.28 -9.75 -18.39
N SER A 387 -40.08 -8.50 -18.78
CA SER A 387 -39.31 -8.23 -19.99
C SER A 387 -38.28 -7.10 -19.90
N ARG A 388 -37.41 -7.04 -20.90
CA ARG A 388 -36.36 -6.04 -20.97
C ARG A 388 -36.75 -4.92 -21.94
N SER A 389 -36.24 -3.71 -21.72
CA SER A 389 -36.56 -2.58 -22.59
C SER A 389 -35.50 -2.50 -23.68
N ARG A 390 -35.44 -1.37 -24.38
CA ARG A 390 -34.42 -1.22 -25.43
C ARG A 390 -33.06 -1.34 -24.73
N ILE A 391 -32.02 -1.74 -25.49
CA ILE A 391 -30.69 -1.92 -24.92
C ILE A 391 -29.54 -1.12 -25.51
N THR A 392 -28.63 -0.69 -24.63
CA THR A 392 -27.43 0.07 -25.01
C THR A 392 -26.26 -0.86 -24.79
N ARG A 393 -25.41 -1.02 -25.81
CA ARG A 393 -24.28 -1.94 -25.70
C ARG A 393 -22.87 -1.32 -25.66
N VAL A 394 -22.01 -1.93 -24.85
CA VAL A 394 -20.64 -1.47 -24.72
C VAL A 394 -20.02 -1.54 -26.11
N SER A 395 -20.41 -2.58 -26.83
CA SER A 395 -19.93 -2.81 -28.18
C SER A 395 -20.83 -3.85 -28.82
N SER A 396 -20.85 -3.90 -30.14
CA SER A 396 -21.68 -4.87 -30.84
C SER A 396 -20.88 -6.14 -31.17
N SER A 397 -19.64 -6.19 -30.70
CA SER A 397 -18.80 -7.37 -30.91
C SER A 397 -18.83 -8.22 -29.64
N SER A 398 -18.29 -9.43 -29.72
CA SER A 398 -18.26 -10.30 -28.55
C SER A 398 -17.24 -9.66 -27.62
N THR A 399 -17.71 -9.24 -26.45
CA THR A 399 -16.85 -8.57 -25.49
C THR A 399 -16.87 -9.29 -24.16
N LYS A 400 -15.69 -9.66 -23.67
CA LYS A 400 -15.58 -10.35 -22.39
C LYS A 400 -15.86 -9.32 -21.30
N ALA A 401 -16.44 -9.78 -20.18
CA ALA A 401 -16.75 -8.88 -19.07
C ALA A 401 -17.02 -9.66 -17.78
N ALA A 402 -17.42 -8.94 -16.73
CA ALA A 402 -17.72 -9.56 -15.45
C ALA A 402 -18.67 -8.75 -14.56
N TYR A 403 -18.27 -8.44 -13.33
CA TYR A 403 -19.16 -7.69 -12.44
C TYR A 403 -19.64 -6.36 -13.00
N THR A 404 -20.84 -5.97 -12.57
CA THR A 404 -21.45 -4.72 -12.97
C THR A 404 -22.43 -4.36 -11.88
N THR A 405 -22.45 -3.09 -11.49
CA THR A 405 -23.39 -2.64 -10.46
C THR A 405 -23.86 -1.26 -10.90
N SER A 406 -25.12 -0.93 -10.60
CA SER A 406 -25.68 0.34 -11.03
C SER A 406 -26.44 1.12 -9.99
N THR A 407 -26.35 2.43 -10.08
CA THR A 407 -27.05 3.30 -9.16
C THR A 407 -27.55 4.40 -10.07
N CYS A 408 -28.77 4.85 -9.82
CA CYS A 408 -29.34 5.92 -10.61
C CYS A 408 -29.60 7.12 -9.73
N PHE A 409 -29.69 8.28 -10.37
CA PHE A 409 -29.92 9.52 -9.64
C PHE A 409 -30.63 10.55 -10.52
N LYS A 410 -31.24 11.53 -9.87
CA LYS A 410 -31.96 12.58 -10.57
C LYS A 410 -31.34 13.95 -10.34
N VAL A 411 -31.19 14.71 -11.41
CA VAL A 411 -30.68 16.08 -11.35
C VAL A 411 -31.96 16.89 -11.17
N VAL A 412 -32.39 17.07 -9.92
CA VAL A 412 -33.63 17.78 -9.63
C VAL A 412 -33.84 18.97 -10.56
N LYS A 413 -32.79 19.77 -10.76
CA LYS A 413 -32.85 20.96 -11.62
C LYS A 413 -33.52 20.74 -12.98
N THR A 414 -32.80 20.14 -13.93
CA THR A 414 -33.35 19.89 -15.26
C THR A 414 -34.27 18.67 -15.21
N ASN A 415 -34.59 18.26 -13.99
CA ASN A 415 -35.43 17.09 -13.73
C ASN A 415 -35.10 15.91 -14.63
N LYS A 416 -33.81 15.65 -14.81
CA LYS A 416 -33.37 14.52 -15.64
C LYS A 416 -32.77 13.39 -14.79
N THR A 417 -33.15 12.16 -15.10
CA THR A 417 -32.67 10.99 -14.36
C THR A 417 -31.50 10.31 -15.07
N TYR A 418 -30.51 9.92 -14.27
CA TYR A 418 -29.32 9.27 -14.82
C TYR A 418 -28.96 8.02 -14.05
N CYS A 419 -28.37 7.05 -14.76
CA CYS A 419 -27.93 5.81 -14.13
C CYS A 419 -26.46 5.59 -14.44
N LEU A 420 -25.69 5.39 -13.39
CA LEU A 420 -24.27 5.12 -13.50
C LEU A 420 -24.17 3.61 -13.35
N SER A 421 -23.52 2.97 -14.32
CA SER A 421 -23.36 1.54 -14.26
C SER A 421 -21.87 1.18 -14.34
N ILE A 422 -21.32 0.74 -13.20
CA ILE A 422 -19.92 0.34 -13.12
C ILE A 422 -19.78 -1.12 -13.52
N ALA A 423 -18.94 -1.37 -14.52
CA ALA A 423 -18.75 -2.73 -15.02
C ALA A 423 -17.32 -3.11 -15.40
N GLU A 424 -16.90 -4.29 -14.97
CA GLU A 424 -15.57 -4.80 -15.27
C GLU A 424 -15.59 -5.17 -16.73
N ILE A 425 -14.80 -4.48 -17.55
CA ILE A 425 -14.77 -4.77 -18.97
C ILE A 425 -13.45 -5.40 -19.40
N SER A 426 -13.48 -6.09 -20.53
CA SER A 426 -12.27 -6.71 -21.06
C SER A 426 -11.36 -5.56 -21.41
N ASN A 427 -10.06 -5.78 -21.32
CA ASN A 427 -9.13 -4.70 -21.61
C ASN A 427 -7.93 -5.24 -22.36
N THR A 428 -7.18 -4.35 -22.99
CA THR A 428 -5.99 -4.73 -23.74
C THR A 428 -4.78 -3.98 -23.20
N LEU A 429 -3.59 -4.55 -23.39
CA LEU A 429 -2.33 -3.94 -22.94
C LEU A 429 -2.18 -3.77 -21.42
N PHE A 430 -3.15 -3.11 -20.80
CA PHE A 430 -3.07 -2.85 -19.38
C PHE A 430 -3.99 -3.68 -18.49
N GLY A 431 -3.53 -4.89 -18.16
CA GLY A 431 -4.30 -5.76 -17.29
C GLY A 431 -5.39 -6.55 -17.96
N GLU A 432 -5.93 -7.52 -17.22
CA GLU A 432 -6.98 -8.36 -17.71
C GLU A 432 -8.30 -7.61 -17.71
N PHE A 433 -8.42 -6.63 -16.83
CA PHE A 433 -9.65 -5.85 -16.71
C PHE A 433 -9.47 -4.35 -16.49
N ARG A 434 -10.45 -3.61 -16.98
CA ARG A 434 -10.51 -2.17 -16.87
C ARG A 434 -11.91 -1.91 -16.34
N ILE A 435 -12.02 -1.31 -15.16
CA ILE A 435 -13.32 -1.03 -14.56
C ILE A 435 -13.84 0.34 -14.99
N VAL A 436 -14.70 0.36 -16.00
CA VAL A 436 -15.24 1.62 -16.50
C VAL A 436 -16.64 1.96 -16.04
N PRO A 437 -16.80 3.15 -15.45
CA PRO A 437 -18.10 3.60 -14.95
C PRO A 437 -18.88 4.10 -16.15
N LEU A 438 -19.96 3.40 -16.47
CA LEU A 438 -20.79 3.79 -17.59
C LEU A 438 -21.86 4.78 -17.13
N LEU A 439 -22.25 5.68 -18.03
CA LEU A 439 -23.28 6.63 -17.68
C LEU A 439 -24.37 6.67 -18.76
N VAL A 440 -25.63 6.76 -18.32
CA VAL A 440 -26.77 6.83 -19.23
C VAL A 440 -27.90 7.62 -18.64
N GLU A 441 -28.67 8.23 -19.53
CA GLU A 441 -29.84 9.00 -19.16
C GLU A 441 -31.02 8.11 -19.53
N ILE A 442 -31.98 7.99 -18.62
CA ILE A 442 -33.15 7.15 -18.88
C ILE A 442 -34.10 7.97 -19.76
N LEU A 443 -34.56 7.36 -20.86
CA LEU A 443 -35.46 8.06 -21.76
C LEU A 443 -36.82 7.36 -21.91
N LYS A 444 -37.83 8.12 -22.33
CA LYS A 444 -39.16 7.57 -22.53
C LYS A 444 -39.40 7.58 -24.05
N ASN A 445 -39.76 6.41 -24.60
CA ASN A 445 -40.01 6.24 -26.04
C ASN A 445 -40.64 7.42 -26.74
N ASP A 446 -41.71 7.96 -26.15
CA ASP A 446 -42.43 9.10 -26.71
C ASP A 446 -42.81 10.10 -25.63
N GLY A 447 -43.42 11.14 -26.00
N GLY B 1 -4.17 26.22 5.35
CA GLY B 1 -3.32 24.97 5.23
C GLY B 1 -3.48 24.28 3.89
N ALA B 2 -2.86 24.85 2.85
CA ALA B 2 -2.94 24.29 1.50
C ALA B 2 -2.21 22.95 1.35
N PRO B 3 -2.82 22.04 0.58
CA PRO B 3 -2.34 20.68 0.28
C PRO B 3 -0.86 20.55 0.01
N ILE B 4 -0.23 19.63 0.71
CA ILE B 4 1.19 19.38 0.54
C ILE B 4 1.41 17.88 0.46
N HIS B 5 2.43 17.48 -0.29
CA HIS B 5 2.75 16.06 -0.42
C HIS B 5 3.06 15.56 0.97
N ASP B 6 2.97 14.24 1.15
CA ASP B 6 3.28 13.64 2.44
C ASP B 6 4.75 13.88 2.78
N PRO B 7 5.10 13.77 4.08
CA PRO B 7 6.46 13.97 4.56
C PRO B 7 7.51 13.08 3.90
N ASP B 8 7.15 11.86 3.50
CA ASP B 8 8.12 10.97 2.86
C ASP B 8 8.65 11.54 1.56
N PHE B 9 8.00 12.57 1.05
CA PHE B 9 8.38 13.19 -0.22
C PHE B 9 9.10 14.53 -0.11
N ILE B 10 8.88 15.22 1.01
CA ILE B 10 9.48 16.53 1.19
C ILE B 10 10.99 16.52 0.94
N GLY B 11 11.45 17.45 0.11
CA GLY B 11 12.87 17.50 -0.19
C GLY B 11 13.27 16.59 -1.34
N GLY B 12 12.30 15.92 -1.95
CA GLY B 12 12.59 15.06 -3.09
C GLY B 12 11.78 15.39 -4.33
N ILE B 13 11.32 16.63 -4.42
CA ILE B 13 10.53 17.06 -5.56
C ILE B 13 11.28 18.14 -6.35
N GLY B 14 11.31 18.00 -7.68
CA GLY B 14 11.98 18.99 -8.50
C GLY B 14 13.41 19.39 -8.14
N LYS B 15 14.21 18.44 -7.69
CA LYS B 15 15.59 18.74 -7.35
C LYS B 15 16.50 17.88 -8.23
N GLU B 16 17.80 18.13 -8.17
CA GLU B 16 18.76 17.35 -8.95
C GLU B 16 18.77 15.98 -8.31
N LEU B 17 18.28 14.97 -9.01
CA LEU B 17 18.19 13.64 -8.42
C LEU B 17 19.47 12.83 -8.25
N ILE B 18 20.20 12.61 -9.32
CA ILE B 18 21.42 11.81 -9.26
C ILE B 18 22.70 12.56 -9.63
N VAL B 19 23.50 12.90 -8.63
CA VAL B 19 24.75 13.60 -8.89
C VAL B 19 25.83 12.55 -8.73
N ASP B 20 26.39 12.12 -9.86
CA ASP B 20 27.40 11.08 -9.88
C ASP B 20 28.35 11.44 -11.02
N ASN B 21 29.55 11.89 -10.67
CA ASN B 21 30.54 12.27 -11.65
C ASN B 21 31.28 11.06 -12.21
N ALA B 22 31.31 9.99 -11.45
CA ALA B 22 31.98 8.77 -11.89
C ALA B 22 31.14 8.02 -12.94
N SER B 23 30.36 7.05 -12.47
CA SER B 23 29.51 6.22 -13.32
C SER B 23 29.05 6.86 -14.62
N ASP B 24 28.74 6.00 -15.59
CA ASP B 24 28.28 6.44 -16.90
C ASP B 24 26.77 6.56 -16.93
N VAL B 25 26.29 7.78 -17.16
CA VAL B 25 24.86 8.06 -17.24
C VAL B 25 24.02 6.83 -17.56
N THR B 26 24.40 6.14 -18.63
CA THR B 26 23.69 4.95 -19.09
C THR B 26 23.61 3.76 -18.12
N SER B 27 24.57 3.62 -17.21
CA SER B 27 24.51 2.50 -16.27
C SER B 27 23.20 2.57 -15.45
N PHE B 28 22.53 3.70 -15.55
CA PHE B 28 21.26 3.91 -14.87
C PHE B 28 20.19 3.54 -15.89
N TYR B 29 19.19 2.76 -15.48
CA TYR B 29 18.14 2.35 -16.40
C TYR B 29 16.75 2.21 -15.75
N PRO B 30 15.68 2.30 -16.55
CA PRO B 30 14.32 2.19 -16.03
C PRO B 30 13.87 0.74 -15.79
N SER B 31 13.31 0.51 -14.62
CA SER B 31 12.82 -0.81 -14.22
C SER B 31 11.53 -1.07 -14.96
N ALA B 32 10.96 -2.26 -14.78
CA ALA B 32 9.69 -2.59 -15.43
C ALA B 32 8.63 -1.66 -14.88
N PHE B 33 7.55 -1.48 -15.62
CA PHE B 33 6.51 -0.58 -15.20
C PHE B 33 5.86 -0.97 -13.88
N GLN B 34 5.65 0.02 -13.02
CA GLN B 34 5.07 -0.20 -11.70
C GLN B 34 3.59 0.07 -11.70
N GLU B 35 2.88 -0.59 -10.79
CA GLU B 35 1.44 -0.40 -10.67
C GLU B 35 1.13 0.62 -9.58
N HIS B 36 0.67 1.81 -9.98
CA HIS B 36 0.30 2.83 -9.01
C HIS B 36 -1.14 3.23 -9.24
N LEU B 37 -1.60 4.22 -8.51
CA LEU B 37 -2.98 4.65 -8.66
C LEU B 37 -3.10 5.47 -9.95
N ASN B 38 -3.84 4.93 -10.92
CA ASN B 38 -4.04 5.62 -12.20
C ASN B 38 -4.95 6.82 -12.06
N PHE B 39 -4.36 8.00 -11.92
CA PHE B 39 -5.10 9.25 -11.70
C PHE B 39 -5.58 10.01 -12.94
N ILE B 40 -5.36 9.46 -14.13
CA ILE B 40 -5.81 10.13 -15.36
C ILE B 40 -7.04 9.42 -15.93
N PRO B 41 -8.21 10.09 -15.93
CA PRO B 41 -9.48 9.54 -16.44
C PRO B 41 -9.41 9.02 -17.88
N ALA B 42 -9.92 7.80 -18.08
CA ALA B 42 -9.95 7.18 -19.40
C ALA B 42 -11.29 7.50 -20.08
N PRO B 43 -11.36 7.42 -21.43
CA PRO B 43 -12.63 7.73 -22.10
C PRO B 43 -13.78 6.81 -21.64
N THR B 44 -14.96 7.36 -21.39
CA THR B 44 -16.06 6.50 -20.94
C THR B 44 -17.06 6.10 -22.03
N THR B 45 -16.66 6.25 -23.29
CA THR B 45 -17.51 5.86 -24.40
C THR B 45 -16.57 5.41 -25.52
N GLY B 46 -17.14 4.68 -26.48
CA GLY B 46 -16.37 4.17 -27.59
C GLY B 46 -15.81 5.15 -28.60
N SER B 47 -16.18 6.43 -28.53
CA SER B 47 -15.64 7.36 -29.50
C SER B 47 -14.89 8.51 -28.84
N GLY B 48 -15.13 8.67 -27.54
CA GLY B 48 -14.47 9.73 -26.80
C GLY B 48 -13.00 9.86 -27.10
N CYS B 49 -12.52 11.10 -27.18
CA CYS B 49 -11.13 11.37 -27.46
C CYS B 49 -10.52 12.21 -26.35
N THR B 50 -9.49 11.66 -25.71
CA THR B 50 -8.76 12.33 -24.63
C THR B 50 -7.29 12.45 -25.06
N ARG B 51 -6.82 13.67 -25.24
CA ARG B 51 -5.42 13.90 -25.65
C ARG B 51 -4.82 15.18 -25.08
N ILE B 52 -3.58 15.45 -25.46
CA ILE B 52 -2.85 16.65 -25.05
C ILE B 52 -2.57 16.75 -23.56
N PRO B 53 -1.88 15.74 -23.00
CA PRO B 53 -1.61 15.83 -21.56
C PRO B 53 -0.52 16.83 -21.15
N SER B 54 -0.82 17.61 -20.12
CA SER B 54 0.09 18.61 -19.55
C SER B 54 0.22 18.36 -18.04
N PHE B 55 1.43 18.36 -17.52
CA PHE B 55 1.63 18.09 -16.10
C PHE B 55 2.84 18.76 -15.45
N ASP B 56 2.63 19.35 -14.28
CA ASP B 56 3.70 20.01 -13.54
C ASP B 56 3.50 19.70 -12.07
N MET B 57 4.59 19.78 -11.30
CA MET B 57 4.56 19.48 -9.87
C MET B 57 5.63 20.25 -9.08
N SER B 58 5.21 21.01 -8.07
CA SER B 58 6.15 21.76 -7.25
C SER B 58 6.42 20.98 -5.97
N ALA B 59 7.26 21.52 -5.11
CA ALA B 59 7.58 20.85 -3.86
C ALA B 59 6.36 20.67 -2.94
N THR B 60 5.19 21.15 -3.37
CA THR B 60 4.00 21.01 -2.52
C THR B 60 2.89 20.19 -3.17
N HIS B 61 2.49 20.57 -4.39
CA HIS B 61 1.43 19.88 -5.14
C HIS B 61 1.75 19.68 -6.63
N TYR B 62 0.95 18.87 -7.31
CA TYR B 62 1.13 18.60 -8.74
C TYR B 62 -0.13 18.96 -9.49
N CYS B 63 0.01 19.31 -10.77
CA CYS B 63 -1.12 19.68 -11.60
C CYS B 63 -1.15 18.83 -12.85
N TYR B 64 -2.37 18.57 -13.34
CA TYR B 64 -2.56 17.77 -14.54
C TYR B 64 -3.81 18.19 -15.29
N THR B 65 -3.77 18.04 -16.60
CA THR B 65 -4.91 18.39 -17.46
C THR B 65 -4.81 17.81 -18.86
N HIS B 66 -5.97 17.63 -19.49
CA HIS B 66 -6.00 17.15 -20.86
C HIS B 66 -7.28 17.58 -21.58
N ASN B 67 -7.35 17.26 -22.87
CA ASN B 67 -8.47 17.61 -23.73
C ASN B 67 -9.50 16.48 -23.92
N VAL B 68 -10.77 16.84 -23.96
CA VAL B 68 -11.81 15.84 -24.16
C VAL B 68 -12.72 16.26 -25.32
N ILE B 69 -12.79 15.44 -26.37
CA ILE B 69 -13.63 15.71 -27.54
C ILE B 69 -14.58 14.53 -27.81
N LEU B 70 -15.83 14.70 -27.39
CA LEU B 70 -16.91 13.70 -27.50
C LEU B 70 -16.99 12.78 -28.72
N SER B 71 -17.12 13.40 -29.90
CA SER B 71 -17.27 12.66 -31.16
C SER B 71 -16.06 11.91 -31.70
N GLY B 72 -14.88 12.48 -31.51
CA GLY B 72 -13.66 11.84 -32.00
C GLY B 72 -12.53 12.84 -31.98
N CYS B 73 -11.30 12.37 -32.10
CA CYS B 73 -10.15 13.27 -32.07
C CYS B 73 -10.11 14.24 -33.27
N ARG B 74 -10.85 13.91 -34.32
CA ARG B 74 -10.87 14.75 -35.53
C ARG B 74 -11.79 15.97 -35.42
N ASP B 75 -12.95 15.80 -34.78
CA ASP B 75 -13.89 16.91 -34.60
C ASP B 75 -13.13 18.05 -33.92
N HIS B 76 -13.31 19.27 -34.40
CA HIS B 76 -12.62 20.39 -33.81
C HIS B 76 -13.55 21.56 -33.44
N SER B 77 -14.84 21.24 -33.32
CA SER B 77 -15.85 22.25 -32.95
C SER B 77 -15.71 22.71 -31.48
N HIS B 78 -16.26 21.93 -30.57
CA HIS B 78 -16.19 22.25 -29.17
C HIS B 78 -15.40 21.15 -28.44
N SER B 79 -15.39 21.22 -27.11
CA SER B 79 -14.69 20.27 -26.26
C SER B 79 -14.41 20.97 -24.94
N HIS B 80 -14.20 20.18 -23.90
CA HIS B 80 -13.90 20.75 -22.59
C HIS B 80 -12.54 20.29 -22.09
N GLN B 81 -12.23 20.61 -20.84
CA GLN B 81 -10.96 20.22 -20.25
C GLN B 81 -11.17 19.52 -18.92
N TYR B 82 -10.17 18.73 -18.52
CA TYR B 82 -10.16 18.02 -17.24
C TYR B 82 -8.95 18.59 -16.50
N LEU B 83 -9.14 18.97 -15.24
CA LEU B 83 -8.04 19.51 -14.41
C LEU B 83 -7.97 18.74 -13.11
N ALA B 84 -6.74 18.59 -12.61
CA ALA B 84 -6.54 17.88 -11.35
C ALA B 84 -5.47 18.60 -10.53
N LEU B 85 -5.68 18.61 -9.23
CA LEU B 85 -4.76 19.24 -8.31
C LEU B 85 -4.61 18.22 -7.18
N GLY B 86 -3.41 17.65 -7.02
CA GLY B 86 -3.20 16.67 -5.97
C GLY B 86 -1.82 16.66 -5.36
N VAL B 87 -1.61 15.69 -4.47
CA VAL B 87 -0.33 15.55 -3.79
C VAL B 87 0.12 14.09 -3.78
N LEU B 88 1.43 13.87 -3.66
CA LEU B 88 1.99 12.53 -3.60
C LEU B 88 1.96 12.01 -2.19
N ARG B 89 1.62 10.75 -2.03
CA ARG B 89 1.61 10.14 -0.71
C ARG B 89 2.03 8.68 -0.82
N THR B 90 2.26 8.05 0.33
CA THR B 90 2.67 6.66 0.33
C THR B 90 1.72 5.77 1.13
N THR B 91 1.74 4.48 0.81
CA THR B 91 0.91 3.52 1.51
C THR B 91 1.78 2.96 2.61
N ALA B 92 1.18 2.30 3.60
CA ALA B 92 1.96 1.74 4.70
C ALA B 92 3.12 0.93 4.15
N THR B 93 2.89 0.20 3.07
CA THR B 93 3.96 -0.60 2.48
C THR B 93 4.83 0.26 1.58
N GLY B 94 4.81 1.57 1.80
CA GLY B 94 5.64 2.47 1.03
C GLY B 94 5.40 2.62 -0.46
N ARG B 95 4.27 2.14 -0.97
CA ARG B 95 3.98 2.30 -2.39
C ARG B 95 3.59 3.74 -2.57
N ILE B 96 3.81 4.32 -3.74
CA ILE B 96 3.46 5.73 -3.95
C ILE B 96 2.17 5.82 -4.72
N PHE B 97 1.47 6.94 -4.56
CA PHE B 97 0.26 7.18 -5.32
C PHE B 97 -0.08 8.66 -5.42
N PHE B 98 -0.47 9.06 -6.62
CA PHE B 98 -0.85 10.44 -6.86
C PHE B 98 -2.31 10.62 -6.39
N SER B 99 -2.47 11.33 -5.28
CA SER B 99 -3.77 11.56 -4.70
C SER B 99 -4.35 12.90 -5.11
N THR B 100 -5.15 12.92 -6.18
CA THR B 100 -5.74 14.18 -6.60
C THR B 100 -6.76 14.56 -5.52
N LEU B 101 -6.83 15.85 -5.20
CA LEU B 101 -7.73 16.36 -4.18
C LEU B 101 -8.91 17.11 -4.76
N ARG B 102 -8.69 17.68 -5.94
CA ARG B 102 -9.71 18.44 -6.68
C ARG B 102 -9.75 17.93 -8.13
N SER B 103 -10.84 17.26 -8.49
CA SER B 103 -10.98 16.73 -9.86
C SER B 103 -12.19 17.36 -10.50
N ILE B 104 -11.97 18.20 -11.50
CA ILE B 104 -13.09 18.86 -12.15
C ILE B 104 -13.00 18.89 -13.66
N SER B 105 -14.18 18.95 -14.29
CA SER B 105 -14.30 19.01 -15.73
C SER B 105 -14.66 20.45 -16.08
N LEU B 106 -13.72 21.20 -16.65
CA LEU B 106 -13.97 22.58 -17.03
C LEU B 106 -14.57 22.59 -18.44
N ASP B 107 -15.88 22.77 -18.49
CA ASP B 107 -16.58 22.76 -19.75
C ASP B 107 -17.67 23.80 -19.88
N ASP B 108 -17.43 24.77 -20.74
CA ASP B 108 -18.42 25.81 -20.98
C ASP B 108 -18.24 26.26 -22.44
N THR B 109 -19.25 26.94 -22.96
CA THR B 109 -19.22 27.46 -24.32
C THR B 109 -17.80 27.54 -24.91
N GLN B 110 -16.94 28.32 -24.26
CA GLN B 110 -15.56 28.55 -24.69
C GLN B 110 -14.79 27.24 -24.91
N ASN B 111 -14.11 27.14 -26.06
CA ASN B 111 -13.35 25.94 -26.45
C ASN B 111 -11.82 26.11 -26.32
N ARG B 112 -11.30 25.75 -25.16
CA ARG B 112 -9.87 25.87 -24.91
C ARG B 112 -9.13 24.74 -25.63
N LYS B 113 -7.84 24.90 -25.86
CA LYS B 113 -7.07 23.88 -26.56
C LYS B 113 -5.57 24.03 -26.39
N SER B 114 -4.86 22.90 -26.44
CA SER B 114 -3.41 22.92 -26.30
C SER B 114 -2.95 23.60 -25.02
N CYS B 115 -3.72 23.49 -23.93
CA CYS B 115 -3.36 24.14 -22.66
C CYS B 115 -2.22 23.50 -21.86
N SER B 116 -1.55 24.34 -21.07
CA SER B 116 -0.46 23.91 -20.20
C SER B 116 -0.71 24.29 -18.74
N VAL B 117 -0.28 23.43 -17.82
CA VAL B 117 -0.44 23.72 -16.40
C VAL B 117 0.91 23.96 -15.74
N SER B 118 0.87 24.43 -14.49
CA SER B 118 2.07 24.69 -13.73
C SER B 118 1.67 24.80 -12.26
N ALA B 119 2.49 24.25 -11.38
CA ALA B 119 2.21 24.31 -9.94
C ALA B 119 2.66 25.66 -9.38
N THR B 120 1.72 26.47 -8.90
CA THR B 120 2.07 27.76 -8.31
C THR B 120 1.60 27.76 -6.84
N PRO B 121 2.02 28.77 -6.07
CA PRO B 121 1.64 28.86 -4.65
C PRO B 121 0.15 29.13 -4.40
N LEU B 122 -0.59 29.40 -5.47
CA LEU B 122 -2.02 29.67 -5.32
C LEU B 122 -2.86 28.48 -5.74
N GLY B 123 -2.38 27.73 -6.71
CA GLY B 123 -3.13 26.57 -7.16
C GLY B 123 -2.50 25.96 -8.40
N CYS B 124 -3.34 25.75 -9.41
CA CYS B 124 -2.87 25.19 -10.66
C CYS B 124 -3.16 26.15 -11.80
N ASP B 125 -2.17 26.96 -12.15
CA ASP B 125 -2.31 27.92 -13.23
C ASP B 125 -2.34 27.14 -14.54
N MET B 126 -3.20 27.57 -15.45
CA MET B 126 -3.31 26.92 -16.73
C MET B 126 -3.24 28.01 -17.77
N LEU B 127 -2.59 27.71 -18.89
CA LEU B 127 -2.49 28.69 -19.95
C LEU B 127 -3.19 28.04 -21.13
N CYS B 128 -4.18 28.75 -21.65
CA CYS B 128 -4.97 28.24 -22.75
C CYS B 128 -5.16 29.16 -23.95
N SER B 129 -5.59 28.53 -25.04
CA SER B 129 -5.91 29.20 -26.29
C SER B 129 -7.38 28.85 -26.55
N LYS B 130 -8.18 29.83 -26.95
CA LYS B 130 -9.57 29.56 -27.22
C LYS B 130 -9.79 29.79 -28.70
N VAL B 131 -10.07 28.72 -29.42
CA VAL B 131 -10.25 28.81 -30.86
C VAL B 131 -11.65 28.63 -31.44
N THR B 132 -11.80 29.13 -32.66
CA THR B 132 -13.04 29.04 -33.41
C THR B 132 -12.65 28.30 -34.67
N GLU B 133 -11.67 28.87 -35.38
CA GLU B 133 -11.17 28.29 -36.62
C GLU B 133 -10.17 27.18 -36.30
N THR B 134 -9.79 26.39 -37.30
CA THR B 134 -8.83 25.30 -37.15
C THR B 134 -7.46 25.95 -37.03
N GLU B 135 -6.44 25.13 -36.75
CA GLU B 135 -5.08 25.66 -36.65
C GLU B 135 -4.72 26.32 -37.98
N GLU B 136 -4.96 25.59 -39.07
CA GLU B 136 -4.69 26.09 -40.40
C GLU B 136 -5.47 27.38 -40.58
N GLU B 137 -6.75 27.36 -40.20
CA GLU B 137 -7.58 28.55 -40.34
C GLU B 137 -7.06 29.74 -39.55
N ASP B 138 -6.52 29.47 -38.35
CA ASP B 138 -6.02 30.55 -37.49
C ASP B 138 -4.69 31.15 -37.90
N TYR B 139 -3.82 30.32 -38.48
CA TYR B 139 -2.52 30.83 -38.91
C TYR B 139 -2.69 31.88 -40.00
N ASN B 140 -3.86 31.86 -40.65
CA ASN B 140 -4.22 32.85 -41.68
C ASN B 140 -5.00 33.98 -41.01
N SER B 141 -5.36 33.76 -39.74
CA SER B 141 -6.10 34.74 -38.96
C SER B 141 -5.16 35.89 -38.66
N ALA B 142 -5.16 36.90 -39.53
CA ALA B 142 -4.31 38.08 -39.33
C ALA B 142 -4.28 38.41 -37.84
N VAL B 143 -5.45 38.37 -37.22
CA VAL B 143 -5.54 38.64 -35.79
C VAL B 143 -4.96 37.45 -35.02
N PRO B 144 -4.17 37.74 -33.98
CA PRO B 144 -3.53 36.74 -33.11
C PRO B 144 -4.53 35.87 -32.36
N THR B 145 -4.13 34.63 -32.05
CA THR B 145 -4.98 33.68 -31.33
C THR B 145 -5.35 34.22 -29.95
N LEU B 146 -6.59 33.98 -29.57
CA LEU B 146 -7.08 34.43 -28.28
C LEU B 146 -6.48 33.54 -27.19
N MET B 147 -6.10 34.14 -26.06
CA MET B 147 -5.52 33.39 -24.95
C MET B 147 -6.11 33.80 -23.60
N ALA B 148 -6.07 32.87 -22.65
CA ALA B 148 -6.60 33.12 -21.31
C ALA B 148 -5.80 32.44 -20.21
N HIS B 149 -5.47 33.20 -19.17
CA HIS B 149 -4.75 32.63 -18.04
C HIS B 149 -5.77 32.23 -16.99
N GLY B 150 -5.89 30.93 -16.76
CA GLY B 150 -6.84 30.43 -15.78
C GLY B 150 -6.16 29.73 -14.62
N ARG B 151 -6.95 29.37 -13.61
CA ARG B 151 -6.43 28.69 -12.42
C ARG B 151 -7.47 27.93 -11.60
N LEU B 152 -7.08 26.77 -11.10
CA LEU B 152 -7.95 25.93 -10.26
C LEU B 152 -7.39 25.97 -8.85
N GLY B 153 -8.03 26.72 -7.97
CA GLY B 153 -7.51 26.81 -6.62
C GLY B 153 -7.72 25.58 -5.77
N PHE B 154 -7.01 25.55 -4.64
CA PHE B 154 -7.09 24.46 -3.68
C PHE B 154 -8.52 24.25 -3.22
N ASP B 155 -9.36 25.24 -3.45
CA ASP B 155 -10.77 25.16 -3.06
C ASP B 155 -11.65 24.52 -4.13
N GLY B 156 -11.04 24.04 -5.21
CA GLY B 156 -11.79 23.39 -6.26
C GLY B 156 -12.41 24.35 -7.25
N GLN B 157 -12.39 25.63 -6.91
CA GLN B 157 -12.96 26.66 -7.76
C GLN B 157 -12.02 27.06 -8.89
N TYR B 158 -12.60 27.39 -10.05
CA TYR B 158 -11.81 27.79 -11.20
C TYR B 158 -12.08 29.23 -11.63
N HIS B 159 -11.04 29.96 -11.99
CA HIS B 159 -11.21 31.34 -12.43
C HIS B 159 -10.20 31.62 -13.52
N GLU B 160 -10.62 32.36 -14.54
CA GLU B 160 -9.69 32.71 -15.61
C GLU B 160 -9.95 34.10 -16.14
N LYS B 161 -8.95 34.63 -16.84
CA LYS B 161 -9.05 35.96 -17.41
C LYS B 161 -8.31 36.00 -18.73
N ASP B 162 -9.05 36.30 -19.79
CA ASP B 162 -8.47 36.40 -21.13
C ASP B 162 -7.37 37.44 -21.13
N LEU B 163 -6.27 37.11 -21.80
CA LEU B 163 -5.16 38.03 -21.91
C LEU B 163 -5.38 38.88 -23.16
N ASP B 164 -5.01 40.15 -23.05
CA ASP B 164 -5.16 41.12 -24.13
C ASP B 164 -4.20 40.85 -25.31
N VAL B 165 -4.49 39.81 -26.08
CA VAL B 165 -3.65 39.42 -27.21
C VAL B 165 -3.44 40.47 -28.30
N THR B 166 -4.44 41.32 -28.54
CA THR B 166 -4.33 42.35 -29.58
C THR B 166 -3.08 43.19 -29.39
N THR B 167 -2.48 43.10 -28.21
CA THR B 167 -1.25 43.83 -27.92
C THR B 167 -0.17 42.78 -27.70
N LEU B 168 -0.34 42.04 -26.61
CA LEU B 168 0.58 41.00 -26.19
C LEU B 168 1.16 40.18 -27.36
N PHE B 169 0.30 39.69 -28.25
CA PHE B 169 0.76 38.90 -29.38
C PHE B 169 0.46 39.64 -30.68
N GLU B 170 0.56 40.96 -30.60
CA GLU B 170 0.32 41.86 -31.72
C GLU B 170 0.96 41.39 -33.03
N ASP B 171 2.27 41.21 -33.01
CA ASP B 171 2.95 40.80 -34.24
C ASP B 171 2.73 39.33 -34.63
N TRP B 172 1.65 38.74 -34.12
CA TRP B 172 1.36 37.33 -34.40
C TRP B 172 0.04 37.04 -35.15
N VAL B 173 -0.05 35.83 -35.71
CA VAL B 173 -1.25 35.40 -36.43
C VAL B 173 -1.88 34.21 -35.70
N ALA B 174 -1.01 33.43 -35.07
CA ALA B 174 -1.42 32.24 -34.31
C ALA B 174 -0.51 32.22 -33.07
N ASN B 175 -1.05 31.82 -31.93
CA ASN B 175 -0.26 31.77 -30.71
C ASN B 175 -0.90 30.86 -29.66
N TYR B 176 -0.40 29.63 -29.59
CA TYR B 176 -0.91 28.65 -28.65
C TYR B 176 0.13 28.25 -27.59
N PRO B 177 -0.34 27.71 -26.44
CA PRO B 177 0.51 27.27 -25.33
C PRO B 177 1.29 26.01 -25.68
N GLY B 178 2.53 25.96 -25.23
CA GLY B 178 3.39 24.83 -25.51
C GLY B 178 2.89 23.42 -25.17
N VAL B 179 1.74 23.34 -24.49
CA VAL B 179 1.12 22.07 -24.04
C VAL B 179 1.96 21.37 -22.94
N GLY B 180 3.28 21.51 -23.03
CA GLY B 180 4.14 20.93 -22.02
C GLY B 180 3.88 21.74 -20.76
N GLY B 181 4.54 21.38 -19.67
CA GLY B 181 4.31 22.09 -18.43
C GLY B 181 4.93 23.47 -18.29
N GLY B 182 4.40 24.21 -17.33
CA GLY B 182 4.91 25.53 -17.02
C GLY B 182 5.64 25.37 -15.69
N SER B 183 6.43 26.37 -15.33
CA SER B 183 7.17 26.32 -14.09
C SER B 183 7.01 27.65 -13.34
N PHE B 184 7.06 27.59 -12.01
CA PHE B 184 6.94 28.80 -11.20
C PHE B 184 8.33 29.25 -10.79
N ILE B 185 8.71 30.46 -11.19
CA ILE B 185 10.03 30.97 -10.86
C ILE B 185 9.98 32.43 -10.44
N ASP B 186 10.39 32.71 -9.21
CA ASP B 186 10.37 34.08 -8.72
C ASP B 186 9.00 34.71 -8.86
N GLY B 187 8.08 34.32 -7.98
CA GLY B 187 6.73 34.88 -8.00
C GLY B 187 6.06 34.89 -9.36
N ARG B 188 6.71 34.30 -10.35
CA ARG B 188 6.15 34.27 -11.70
C ARG B 188 6.03 32.84 -12.19
N VAL B 189 5.12 32.64 -13.13
CA VAL B 189 4.91 31.33 -13.74
C VAL B 189 5.25 31.46 -15.21
N TRP B 190 6.21 30.67 -15.64
CA TRP B 190 6.68 30.74 -17.00
C TRP B 190 6.18 29.60 -17.88
N PHE B 191 5.40 29.97 -18.88
CA PHE B 191 4.83 29.01 -19.83
C PHE B 191 5.57 29.09 -21.15
N SER B 192 5.54 27.99 -21.89
CA SER B 192 6.18 27.95 -23.20
C SER B 192 5.11 28.35 -24.22
N VAL B 193 5.49 28.60 -25.46
CA VAL B 193 4.52 28.99 -26.47
C VAL B 193 5.11 29.16 -27.87
N TYR B 194 4.24 29.11 -28.86
CA TYR B 194 4.66 29.25 -30.24
C TYR B 194 3.43 29.60 -31.07
N GLY B 195 3.64 29.91 -32.35
CA GLY B 195 2.54 30.27 -33.21
C GLY B 195 3.07 31.07 -34.41
N GLY B 196 2.18 31.77 -35.10
CA GLY B 196 2.62 32.54 -36.26
C GLY B 196 2.92 34.01 -36.02
N LEU B 197 3.90 34.53 -36.76
CA LEU B 197 4.27 35.93 -36.62
C LEU B 197 3.87 36.63 -37.89
N LYS B 198 3.10 37.70 -37.75
CA LYS B 198 2.66 38.46 -38.90
C LYS B 198 3.88 38.88 -39.70
N PRO B 199 4.00 38.39 -40.94
CA PRO B 199 5.15 38.74 -41.79
C PRO B 199 5.39 40.26 -41.88
N ASN B 200 6.66 40.63 -41.81
CA ASN B 200 7.09 42.02 -41.87
C ASN B 200 6.75 42.79 -40.59
N SER B 201 6.34 42.08 -39.55
CA SER B 201 6.02 42.72 -38.29
C SER B 201 7.32 43.06 -37.60
N PRO B 202 7.28 44.03 -36.68
CA PRO B 202 8.49 44.44 -35.96
C PRO B 202 9.25 43.20 -35.48
N SER B 203 8.48 42.25 -34.94
CA SER B 203 9.03 41.01 -34.43
C SER B 203 9.60 40.13 -35.53
N ASP B 204 8.88 40.00 -36.64
CA ASP B 204 9.31 39.18 -37.76
C ASP B 204 10.63 39.67 -38.38
N THR B 205 10.87 40.98 -38.32
CA THR B 205 12.08 41.55 -38.92
C THR B 205 13.39 41.27 -38.16
N VAL B 206 13.35 41.18 -36.84
CA VAL B 206 14.59 40.93 -36.11
C VAL B 206 15.03 39.48 -36.28
N GLN B 207 14.07 38.62 -36.56
CA GLN B 207 14.37 37.21 -36.76
C GLN B 207 14.72 37.02 -38.23
N GLU B 208 14.34 38.02 -39.03
CA GLU B 208 14.60 37.97 -40.46
C GLU B 208 16.09 37.88 -40.74
N GLY B 209 16.52 36.71 -41.20
CA GLY B 209 17.93 36.48 -41.48
C GLY B 209 18.50 35.50 -40.47
N LYS B 210 18.21 35.74 -39.19
CA LYS B 210 18.71 34.88 -38.10
C LYS B 210 18.28 33.43 -38.27
N TYR B 211 19.27 32.54 -38.20
CA TYR B 211 19.03 31.09 -38.32
C TYR B 211 19.93 30.42 -37.30
N VAL B 212 20.01 29.09 -37.36
CA VAL B 212 20.86 28.32 -36.46
C VAL B 212 20.78 26.86 -36.89
N ILE B 213 21.94 26.21 -36.89
CA ILE B 213 22.01 24.82 -37.32
C ILE B 213 22.67 23.90 -36.32
N TYR B 214 21.86 23.09 -35.64
CA TYR B 214 22.38 22.12 -34.68
C TYR B 214 22.57 20.83 -35.44
N LYS B 215 23.66 20.12 -35.16
CA LYS B 215 23.98 18.89 -35.89
C LYS B 215 23.87 17.60 -35.09
N ARG B 216 23.93 16.47 -35.80
CA ARG B 216 23.86 15.17 -35.16
C ARG B 216 25.24 14.83 -34.59
N TYR B 217 25.25 14.01 -33.55
CA TYR B 217 26.49 13.62 -32.88
C TYR B 217 27.55 13.01 -33.78
N ASN B 218 27.22 11.94 -34.48
CA ASN B 218 28.21 11.31 -35.33
C ASN B 218 27.94 11.51 -36.82
N ASP B 219 26.75 12.01 -37.17
CA ASP B 219 26.41 12.23 -38.58
C ASP B 219 26.60 13.66 -39.04
N THR B 220 27.63 13.87 -39.85
CA THR B 220 27.92 15.19 -40.39
C THR B 220 27.11 15.38 -41.67
N CYS B 221 26.09 16.23 -41.62
CA CYS B 221 25.24 16.48 -42.77
C CYS B 221 26.06 16.80 -44.03
N PRO B 222 26.04 15.88 -45.03
CA PRO B 222 26.76 16.00 -46.30
C PRO B 222 26.50 17.28 -47.07
N ASP B 223 25.31 17.38 -47.65
CA ASP B 223 24.87 18.54 -48.43
C ASP B 223 25.77 19.76 -48.18
N GLU B 224 26.36 20.29 -49.24
CA GLU B 224 27.26 21.45 -49.14
C GLU B 224 26.84 22.48 -48.10
N GLN B 225 27.79 23.26 -47.62
CA GLN B 225 27.54 24.28 -46.61
C GLN B 225 26.52 25.34 -47.03
N ASP B 226 26.61 25.80 -48.28
CA ASP B 226 25.67 26.82 -48.76
C ASP B 226 24.25 26.25 -48.74
N TYR B 227 24.14 24.96 -49.04
CA TYR B 227 22.83 24.29 -49.07
C TYR B 227 22.22 24.26 -47.68
N GLN B 228 22.98 23.77 -46.70
CA GLN B 228 22.50 23.68 -45.33
C GLN B 228 22.05 25.03 -44.79
N ILE B 229 22.88 26.05 -44.93
CA ILE B 229 22.51 27.37 -44.44
C ILE B 229 21.13 27.77 -44.97
N ARG B 230 21.04 27.96 -46.28
CA ARG B 230 19.79 28.34 -46.92
C ARG B 230 18.60 27.50 -46.40
N MET B 231 18.77 26.18 -46.34
CA MET B 231 17.71 25.28 -45.85
C MET B 231 17.23 25.72 -44.46
N ALA B 232 18.16 25.79 -43.50
CA ALA B 232 17.83 26.20 -42.14
C ALA B 232 17.15 27.56 -42.16
N LYS B 233 17.76 28.50 -42.89
CA LYS B 233 17.26 29.87 -43.03
C LYS B 233 15.75 29.86 -43.33
N SER B 234 15.29 28.81 -44.00
CA SER B 234 13.89 28.68 -44.37
C SER B 234 13.12 27.71 -43.49
N SER B 235 13.83 26.88 -42.73
CA SER B 235 13.16 25.90 -41.86
C SER B 235 12.30 26.59 -40.79
N TYR B 236 12.27 27.92 -40.84
CA TYR B 236 11.50 28.74 -39.91
C TYR B 236 10.18 29.22 -40.52
N LYS B 237 10.00 28.95 -41.81
CA LYS B 237 8.78 29.34 -42.53
C LYS B 237 8.37 28.18 -43.45
N PRO B 238 8.06 27.02 -42.85
CA PRO B 238 7.65 25.82 -43.59
C PRO B 238 6.38 26.01 -44.43
N GLY B 239 6.26 25.20 -45.48
CA GLY B 239 5.12 25.29 -46.37
C GLY B 239 3.78 24.97 -45.72
N ARG B 240 3.81 24.25 -44.61
CA ARG B 240 2.59 23.87 -43.90
C ARG B 240 1.64 25.03 -43.59
N PHE B 241 2.18 26.17 -43.17
CA PHE B 241 1.32 27.31 -42.85
C PHE B 241 1.55 28.46 -43.81
N GLY B 242 1.89 28.11 -45.05
CA GLY B 242 2.13 29.10 -46.08
C GLY B 242 3.25 30.06 -45.73
N GLY B 243 4.48 29.54 -45.66
CA GLY B 243 5.64 30.36 -45.35
C GLY B 243 5.59 31.21 -44.08
N LYS B 244 4.48 31.18 -43.33
CA LYS B 244 4.41 31.95 -42.08
C LYS B 244 5.57 31.54 -41.17
N ARG B 245 6.14 32.53 -40.48
CA ARG B 245 7.25 32.28 -39.56
C ARG B 245 6.77 31.70 -38.24
N ILE B 246 6.97 30.39 -38.04
CA ILE B 246 6.58 29.77 -36.79
C ILE B 246 7.74 29.99 -35.85
N GLN B 247 7.56 30.94 -34.94
CA GLN B 247 8.59 31.32 -33.97
C GLN B 247 8.33 30.79 -32.57
N GLN B 248 9.40 30.43 -31.87
CA GLN B 248 9.31 29.97 -30.50
C GLN B 248 9.05 31.25 -29.71
N ALA B 249 8.76 31.12 -28.41
CA ALA B 249 8.51 32.27 -27.56
C ALA B 249 8.17 31.82 -26.15
N ILE B 250 8.43 32.66 -25.15
CA ILE B 250 8.12 32.29 -23.77
C ILE B 250 7.41 33.41 -23.03
N LEU B 251 6.23 33.10 -22.51
CA LEU B 251 5.44 34.07 -21.78
C LEU B 251 5.57 33.90 -20.27
N SER B 252 5.54 35.01 -19.55
CA SER B 252 5.62 34.97 -18.09
C SER B 252 4.43 35.76 -17.56
N ILE B 253 3.97 35.41 -16.37
CA ILE B 253 2.84 36.11 -15.76
C ILE B 253 3.03 36.16 -14.26
N LYS B 254 2.66 37.29 -13.66
CA LYS B 254 2.79 37.45 -12.21
C LYS B 254 1.75 36.58 -11.52
N VAL B 255 2.21 35.81 -10.53
CA VAL B 255 1.33 34.92 -9.79
C VAL B 255 0.70 35.65 -8.61
N SER B 256 -0.57 35.98 -8.76
CA SER B 256 -1.29 36.69 -7.71
C SER B 256 -2.78 36.41 -7.76
N THR B 257 -3.48 37.02 -6.81
CA THR B 257 -4.93 36.91 -6.71
C THR B 257 -5.63 37.47 -7.95
N SER B 258 -4.85 37.94 -8.93
CA SER B 258 -5.39 38.49 -10.17
C SER B 258 -4.78 37.71 -11.32
N LEU B 259 -5.56 36.84 -11.93
CA LEU B 259 -5.08 36.03 -13.03
C LEU B 259 -4.79 36.88 -14.24
N GLY B 260 -3.66 36.62 -14.88
CA GLY B 260 -3.25 37.38 -16.05
C GLY B 260 -2.71 38.77 -15.75
N GLU B 261 -2.07 38.93 -14.60
CA GLU B 261 -1.50 40.21 -14.21
C GLU B 261 -0.02 40.33 -14.56
N ASP B 262 0.32 41.43 -15.23
CA ASP B 262 1.69 41.73 -15.64
C ASP B 262 2.32 40.73 -16.63
N PRO B 263 1.54 40.30 -17.64
CA PRO B 263 2.12 39.35 -18.61
C PRO B 263 3.35 39.96 -19.26
N VAL B 264 4.18 39.13 -19.91
CA VAL B 264 5.39 39.60 -20.57
C VAL B 264 5.91 38.51 -21.51
N LEU B 265 6.08 38.84 -22.78
CA LEU B 265 6.58 37.85 -23.73
C LEU B 265 8.09 38.01 -23.90
N THR B 266 8.76 36.93 -24.32
CA THR B 266 10.21 36.95 -24.52
C THR B 266 10.51 36.15 -25.77
N VAL B 267 10.68 36.85 -26.90
CA VAL B 267 10.94 36.17 -28.17
C VAL B 267 12.44 36.03 -28.45
N PRO B 268 13.05 34.91 -28.00
CA PRO B 268 14.48 34.67 -28.22
C PRO B 268 14.91 34.79 -29.69
N PRO B 269 16.22 34.82 -29.94
CA PRO B 269 16.74 34.95 -31.30
C PRO B 269 16.95 33.60 -31.97
N ASN B 270 16.39 33.44 -33.17
CA ASN B 270 16.54 32.18 -33.91
C ASN B 270 18.01 31.78 -34.06
N THR B 271 18.91 32.69 -33.72
CA THR B 271 20.33 32.39 -33.81
C THR B 271 20.63 31.32 -32.75
N VAL B 272 19.73 31.20 -31.78
CA VAL B 272 19.85 30.21 -30.71
C VAL B 272 18.70 29.20 -30.66
N THR B 273 17.45 29.66 -30.80
CA THR B 273 16.32 28.74 -30.77
C THR B 273 16.19 28.12 -32.14
N LEU B 274 15.27 27.18 -32.29
CA LEU B 274 15.04 26.51 -33.58
C LEU B 274 13.62 26.87 -34.02
N MET B 275 13.06 26.13 -34.98
CA MET B 275 11.70 26.43 -35.41
C MET B 275 10.75 26.33 -34.23
N GLY B 276 9.86 27.32 -34.12
CA GLY B 276 8.89 27.34 -33.03
C GLY B 276 8.07 26.06 -32.99
N ALA B 277 7.74 25.61 -31.78
CA ALA B 277 6.96 24.39 -31.62
C ALA B 277 6.55 24.24 -30.16
N GLU B 278 5.83 23.16 -29.88
CA GLU B 278 5.39 22.88 -28.51
C GLU B 278 6.63 22.70 -27.64
N GLY B 279 6.53 23.21 -26.42
CA GLY B 279 7.62 23.12 -25.48
C GLY B 279 7.15 23.15 -24.03
N ARG B 280 8.07 22.87 -23.14
CA ARG B 280 7.80 22.84 -21.70
C ARG B 280 8.85 23.65 -20.94
N ILE B 281 8.44 24.30 -19.86
CA ILE B 281 9.35 25.09 -19.03
C ILE B 281 9.72 24.26 -17.80
N LEU B 282 10.94 23.73 -17.75
CA LEU B 282 11.35 22.92 -16.61
C LEU B 282 12.17 23.62 -15.56
N THR B 283 12.15 23.06 -14.36
CA THR B 283 12.91 23.61 -13.25
C THR B 283 13.37 22.48 -12.36
N VAL B 284 14.66 22.18 -12.40
CA VAL B 284 15.19 21.11 -11.58
C VAL B 284 16.25 21.76 -10.71
N GLY B 285 16.02 21.73 -9.39
CA GLY B 285 16.95 22.35 -8.46
C GLY B 285 17.01 23.85 -8.72
N THR B 286 18.18 24.37 -9.06
CA THR B 286 18.32 25.79 -9.36
C THR B 286 18.40 26.04 -10.88
N SER B 287 18.51 24.97 -11.66
CA SER B 287 18.59 25.13 -13.11
C SER B 287 17.21 25.14 -13.78
N HIS B 288 17.14 25.77 -14.95
CA HIS B 288 15.90 25.86 -15.71
C HIS B 288 16.17 25.39 -17.14
N PHE B 289 15.16 24.77 -17.77
CA PHE B 289 15.34 24.27 -19.13
C PHE B 289 14.09 24.43 -19.97
N LEU B 290 14.26 24.85 -21.20
CA LEU B 290 13.13 24.96 -22.09
C LEU B 290 13.15 23.77 -23.01
N TYR B 291 12.11 22.97 -22.97
CA TYR B 291 12.04 21.81 -23.84
C TYR B 291 11.35 22.27 -25.11
N GLN B 292 11.84 21.77 -26.26
CA GLN B 292 11.25 22.10 -27.56
C GLN B 292 11.08 20.85 -28.39
N ARG B 293 9.85 20.65 -28.86
CA ARG B 293 9.52 19.49 -29.67
C ARG B 293 10.32 19.54 -30.97
N GLY B 294 10.65 18.38 -31.52
CA GLY B 294 11.37 18.35 -32.78
C GLY B 294 10.44 18.42 -33.98
N SER B 295 9.71 19.52 -34.10
CA SER B 295 8.76 19.69 -35.22
C SER B 295 9.47 20.07 -36.52
N SER B 296 10.74 20.46 -36.42
CA SER B 296 11.49 20.82 -37.62
C SER B 296 12.37 19.64 -38.03
N TYR B 297 13.51 19.93 -38.63
CA TYR B 297 14.43 18.89 -39.09
C TYR B 297 15.21 18.19 -37.98
N PHE B 298 15.66 18.93 -36.96
CA PHE B 298 16.42 18.30 -35.88
C PHE B 298 15.59 17.24 -35.15
N SER B 299 16.16 16.05 -35.01
CA SER B 299 15.46 14.95 -34.39
C SER B 299 15.77 14.70 -32.92
N PRO B 300 17.04 14.78 -32.53
CA PRO B 300 17.37 14.54 -31.11
C PRO B 300 16.61 15.43 -30.11
N ALA B 301 16.24 14.84 -28.98
CA ALA B 301 15.53 15.56 -27.96
C ALA B 301 16.39 16.75 -27.59
N LEU B 302 15.78 17.92 -27.41
CA LEU B 302 16.51 19.12 -27.05
C LEU B 302 16.23 19.60 -25.64
N LEU B 303 17.02 20.58 -25.21
CA LEU B 303 16.91 21.19 -23.89
C LEU B 303 17.73 22.49 -23.90
N TYR B 304 17.03 23.62 -24.00
CA TYR B 304 17.71 24.92 -24.00
C TYR B 304 17.81 25.48 -22.58
N PRO B 305 19.02 25.51 -22.02
CA PRO B 305 19.14 26.05 -20.66
C PRO B 305 18.45 27.41 -20.64
N MET B 306 17.80 27.71 -19.52
CA MET B 306 17.08 28.95 -19.37
C MET B 306 17.51 29.70 -18.10
N THR B 307 17.58 31.03 -18.21
CA THR B 307 17.92 31.87 -17.08
C THR B 307 16.91 33.00 -17.07
N VAL B 308 16.63 33.55 -15.90
CA VAL B 308 15.65 34.62 -15.79
C VAL B 308 16.08 35.76 -14.91
N SER B 309 15.70 36.97 -15.33
CA SER B 309 15.97 38.20 -14.62
C SER B 309 14.82 39.10 -15.03
N ASN B 310 14.38 39.96 -14.11
CA ASN B 310 13.26 40.84 -14.42
C ASN B 310 12.00 40.01 -14.67
N LYS B 311 11.51 39.98 -15.90
CA LYS B 311 10.31 39.21 -16.24
C LYS B 311 10.52 38.48 -17.56
N THR B 312 11.74 38.58 -18.07
CA THR B 312 12.10 37.95 -19.32
C THR B 312 13.11 36.82 -19.11
N ALA B 313 13.30 36.00 -20.14
CA ALA B 313 14.22 34.88 -20.00
C ALA B 313 15.25 34.82 -21.12
N THR B 314 16.27 33.97 -20.91
CA THR B 314 17.35 33.82 -21.88
C THR B 314 17.69 32.36 -22.16
N LEU B 315 17.63 31.96 -23.42
CA LEU B 315 17.97 30.58 -23.74
C LEU B 315 19.46 30.49 -24.04
N HIS B 316 19.97 29.27 -24.20
CA HIS B 316 21.39 29.06 -24.47
C HIS B 316 21.56 27.79 -25.31
N SER B 317 22.76 27.59 -25.81
CA SER B 317 23.06 26.39 -26.60
C SER B 317 22.49 25.17 -25.87
N PRO B 318 21.60 24.43 -26.55
CA PRO B 318 20.90 23.24 -26.08
C PRO B 318 21.68 21.97 -25.81
N TYR B 319 21.24 21.24 -24.79
CA TYR B 319 21.80 19.95 -24.42
C TYR B 319 21.14 19.03 -25.43
N THR B 320 21.84 18.00 -25.90
CA THR B 320 21.23 17.11 -26.88
C THR B 320 21.56 15.65 -26.65
N PHE B 321 20.64 14.79 -27.03
CA PHE B 321 20.82 13.35 -26.86
C PHE B 321 20.44 12.66 -28.18
N ASN B 322 21.45 12.07 -28.82
CA ASN B 322 21.26 11.42 -30.11
C ASN B 322 20.43 10.15 -30.06
N ALA B 323 20.46 9.46 -28.93
CA ALA B 323 19.70 8.23 -28.78
C ALA B 323 18.22 8.56 -28.68
N PHE B 324 17.95 9.75 -28.16
CA PHE B 324 16.57 10.22 -27.98
C PHE B 324 15.97 10.86 -29.23
N THR B 325 15.71 10.03 -30.25
CA THR B 325 15.11 10.52 -31.50
C THR B 325 13.58 10.45 -31.39
N ARG B 326 12.88 10.96 -32.40
CA ARG B 326 11.43 10.91 -32.40
C ARG B 326 10.97 10.49 -33.79
N PRO B 327 9.77 9.92 -33.88
CA PRO B 327 9.32 9.52 -35.22
C PRO B 327 8.98 10.81 -35.96
N GLY B 328 9.11 10.79 -37.29
CA GLY B 328 8.83 11.96 -38.09
C GLY B 328 8.87 11.67 -39.59
N SER B 329 8.11 12.46 -40.36
CA SER B 329 8.02 12.29 -41.80
C SER B 329 9.25 12.79 -42.55
N ILE B 330 9.63 12.04 -43.60
CA ILE B 330 10.77 12.36 -44.45
C ILE B 330 10.62 13.74 -45.07
N PRO B 331 11.74 14.46 -45.31
CA PRO B 331 13.15 14.14 -45.06
C PRO B 331 13.59 14.32 -43.60
N CYS B 332 12.61 14.45 -42.71
CA CYS B 332 12.88 14.65 -41.30
C CYS B 332 12.56 13.47 -40.40
N GLN B 333 12.94 12.25 -40.82
CA GLN B 333 12.67 11.06 -40.01
C GLN B 333 13.44 11.10 -38.70
N ALA B 334 13.59 9.94 -38.07
CA ALA B 334 14.28 9.84 -36.80
C ALA B 334 15.79 10.00 -36.91
N SER B 335 16.33 9.63 -38.06
CA SER B 335 17.77 9.72 -38.28
C SER B 335 18.23 10.94 -39.07
N ALA B 336 17.31 11.81 -39.45
CA ALA B 336 17.67 13.02 -40.20
C ALA B 336 18.87 13.74 -39.59
N ARG B 337 19.80 14.14 -40.46
CA ARG B 337 21.02 14.83 -40.05
C ARG B 337 21.20 16.15 -40.80
N CYS B 338 20.44 16.32 -41.88
CA CYS B 338 20.55 17.54 -42.68
C CYS B 338 19.42 18.52 -42.49
N PRO B 339 19.78 19.81 -42.37
CA PRO B 339 18.79 20.88 -42.21
C PRO B 339 17.83 20.91 -43.39
N ASN B 340 16.53 20.84 -43.10
CA ASN B 340 15.50 20.88 -44.14
C ASN B 340 14.34 21.70 -43.61
N SER B 341 13.31 21.88 -44.43
CA SER B 341 12.15 22.66 -44.01
C SER B 341 10.84 21.86 -43.96
N CYS B 342 10.69 21.07 -42.90
CA CYS B 342 9.51 20.24 -42.66
C CYS B 342 8.78 20.74 -41.39
N VAL B 343 7.76 20.01 -40.98
CA VAL B 343 6.97 20.31 -39.78
C VAL B 343 6.22 19.05 -39.34
N THR B 344 6.84 18.24 -38.49
CA THR B 344 6.20 17.02 -38.02
C THR B 344 6.54 16.67 -36.56
N GLY B 345 7.04 15.45 -36.34
CA GLY B 345 7.41 15.02 -35.00
C GLY B 345 6.27 14.77 -34.03
N VAL B 346 6.58 14.86 -32.73
CA VAL B 346 5.58 14.64 -31.69
C VAL B 346 6.23 15.09 -30.37
N TYR B 347 5.41 15.50 -29.40
CA TYR B 347 5.94 15.92 -28.11
C TYR B 347 6.44 14.72 -27.29
N THR B 348 7.73 14.76 -26.95
CA THR B 348 8.36 13.69 -26.16
C THR B 348 9.53 14.32 -25.40
N ASP B 349 9.22 14.97 -24.29
CA ASP B 349 10.22 15.65 -23.48
C ASP B 349 11.17 14.81 -22.61
N PRO B 350 12.43 15.28 -22.47
CA PRO B 350 13.46 14.62 -21.67
C PRO B 350 13.50 15.31 -20.30
N TYR B 351 13.62 14.52 -19.23
CA TYR B 351 13.65 15.08 -17.88
C TYR B 351 15.07 14.96 -17.33
N PRO B 352 15.65 16.07 -16.87
CA PRO B 352 17.03 16.09 -16.31
C PRO B 352 17.11 15.14 -15.12
N LEU B 353 18.04 14.18 -15.15
CA LEU B 353 18.11 13.20 -14.06
C LEU B 353 19.48 13.05 -13.36
N ILE B 354 20.56 13.22 -14.12
CA ILE B 354 21.88 13.05 -13.55
C ILE B 354 22.74 14.26 -13.89
N PHE B 355 23.40 14.80 -12.87
CA PHE B 355 24.23 15.97 -13.05
C PHE B 355 25.66 15.70 -12.57
N TYR B 356 26.45 16.77 -12.56
CA TYR B 356 27.83 16.75 -12.08
C TYR B 356 27.83 17.64 -10.83
N ARG B 357 28.89 17.58 -10.04
CA ARG B 357 28.95 18.44 -8.86
C ARG B 357 28.94 19.87 -9.35
N ASN B 358 29.37 20.07 -10.60
CA ASN B 358 29.39 21.41 -11.18
C ASN B 358 28.01 21.81 -11.72
N HIS B 359 27.00 21.04 -11.34
CA HIS B 359 25.60 21.27 -11.72
C HIS B 359 25.24 21.27 -13.21
N THR B 360 26.12 20.69 -14.04
CA THR B 360 25.89 20.61 -15.48
C THR B 360 25.09 19.33 -15.72
N LEU B 361 24.14 19.39 -16.66
CA LEU B 361 23.31 18.21 -16.94
C LEU B 361 24.16 17.10 -17.54
N ARG B 362 23.63 15.88 -17.54
CA ARG B 362 24.36 14.73 -18.09
C ARG B 362 23.38 13.70 -18.61
N GLY B 363 22.46 13.30 -17.73
CA GLY B 363 21.49 12.29 -18.09
C GLY B 363 20.07 12.77 -17.97
N VAL B 364 19.19 12.17 -18.78
CA VAL B 364 17.79 12.51 -18.81
C VAL B 364 16.92 11.27 -18.90
N PHE B 365 15.66 11.43 -18.53
CA PHE B 365 14.71 10.34 -18.62
C PHE B 365 13.60 10.89 -19.50
N GLY B 366 12.79 10.00 -20.06
CA GLY B 366 11.69 10.41 -20.91
C GLY B 366 11.26 9.19 -21.68
N THR B 367 10.22 9.33 -22.49
CA THR B 367 9.76 8.20 -23.27
C THR B 367 9.68 8.52 -24.75
N MET B 368 10.63 7.95 -25.49
CA MET B 368 10.72 8.12 -26.92
C MET B 368 9.78 7.11 -27.57
N LEU B 369 9.66 7.20 -28.89
CA LEU B 369 8.84 6.27 -29.65
C LEU B 369 9.79 5.73 -30.70
N ASP B 370 10.27 4.51 -30.52
CA ASP B 370 11.18 3.92 -31.51
C ASP B 370 10.43 3.67 -32.81
N SER B 371 10.81 4.39 -33.86
CA SER B 371 10.17 4.26 -35.18
C SER B 371 10.57 5.46 -36.04
N GLU B 372 11.21 5.18 -37.18
CA GLU B 372 11.67 6.21 -38.10
C GLU B 372 10.69 7.32 -38.45
N GLN B 373 9.52 6.94 -38.94
CA GLN B 373 8.52 7.92 -39.36
C GLN B 373 7.16 7.86 -38.68
N ALA B 374 6.69 6.66 -38.39
CA ALA B 374 5.39 6.49 -37.75
C ALA B 374 5.49 6.62 -36.25
N ARG B 375 4.36 6.95 -35.61
CA ARG B 375 4.27 7.09 -34.16
C ARG B 375 4.00 5.71 -33.54
N LEU B 376 5.07 4.97 -33.25
CA LEU B 376 4.95 3.63 -32.68
C LEU B 376 5.97 3.32 -31.57
N ASN B 377 5.82 2.11 -31.04
CA ASN B 377 6.69 1.57 -30.01
C ASN B 377 7.20 2.48 -28.91
N PRO B 378 6.38 2.73 -27.89
CA PRO B 378 6.86 3.59 -26.83
C PRO B 378 8.15 2.98 -26.28
N ALA B 379 9.01 3.81 -25.70
CA ALA B 379 10.26 3.32 -25.13
C ALA B 379 10.74 4.22 -24.02
N SER B 380 10.94 3.62 -22.85
CA SER B 380 11.41 4.34 -21.68
C SER B 380 12.86 4.01 -21.44
N ALA B 381 13.67 5.03 -21.19
CA ALA B 381 15.10 4.81 -20.94
C ALA B 381 15.84 6.06 -20.49
N VAL B 382 17.06 5.81 -20.01
CA VAL B 382 17.94 6.88 -19.55
C VAL B 382 18.81 7.26 -20.74
N PHE B 383 19.03 8.56 -20.95
CA PHE B 383 19.84 9.02 -22.08
C PHE B 383 20.99 9.99 -21.75
N ASP B 384 22.11 9.82 -22.44
CA ASP B 384 23.25 10.71 -22.31
C ASP B 384 23.37 11.33 -23.71
N SER B 385 24.22 12.33 -23.86
CA SER B 385 24.39 13.01 -25.15
C SER B 385 24.48 12.08 -26.37
N THR B 386 24.90 10.83 -26.14
CA THR B 386 25.05 9.89 -27.26
C THR B 386 24.21 8.61 -27.23
N SER B 387 24.43 7.76 -26.22
CA SER B 387 23.73 6.47 -26.13
C SER B 387 22.43 6.39 -25.33
N ARG B 388 21.93 5.15 -25.22
CA ARG B 388 20.70 4.86 -24.49
C ARG B 388 20.88 3.63 -23.62
N SER B 389 20.23 3.64 -22.46
CA SER B 389 20.29 2.56 -21.49
C SER B 389 19.39 1.40 -21.86
N ARG B 390 19.39 0.37 -21.03
CA ARG B 390 18.51 -0.77 -21.27
C ARG B 390 17.17 -0.08 -21.28
N ILE B 391 16.23 -0.57 -22.09
CA ILE B 391 14.92 0.07 -22.10
C ILE B 391 13.82 -0.84 -21.57
N THR B 392 12.69 -0.21 -21.27
CA THR B 392 11.49 -0.87 -20.79
C THR B 392 10.43 -0.57 -21.87
N ARG B 393 9.64 -1.58 -22.24
CA ARG B 393 8.63 -1.42 -23.32
C ARG B 393 7.16 -1.45 -22.91
N VAL B 394 6.40 -0.53 -23.47
CA VAL B 394 4.97 -0.47 -23.17
C VAL B 394 4.44 -1.80 -23.65
N SER B 395 4.87 -2.17 -24.86
CA SER B 395 4.49 -3.43 -25.45
C SER B 395 5.59 -3.94 -26.36
N SER B 396 5.84 -5.24 -26.31
CA SER B 396 6.86 -5.84 -27.15
C SER B 396 6.32 -6.01 -28.60
N SER B 397 5.04 -5.67 -28.81
CA SER B 397 4.41 -5.73 -30.11
C SER B 397 4.34 -4.32 -30.69
N SER B 398 4.11 -4.20 -32.00
CA SER B 398 3.99 -2.88 -32.60
C SER B 398 2.92 -2.15 -31.80
N THR B 399 3.11 -0.87 -31.54
CA THR B 399 2.10 -0.15 -30.77
C THR B 399 1.89 1.33 -31.11
N LYS B 400 0.63 1.72 -31.26
CA LYS B 400 0.30 3.11 -31.57
C LYS B 400 0.40 3.98 -30.31
N ALA B 401 1.17 5.06 -30.38
CA ALA B 401 1.35 5.94 -29.22
C ALA B 401 1.51 7.38 -29.70
N ALA B 402 1.47 8.32 -28.76
CA ALA B 402 1.60 9.76 -29.07
C ALA B 402 2.43 10.53 -28.05
N TYR B 403 1.97 11.73 -27.66
CA TYR B 403 2.72 12.54 -26.70
C TYR B 403 3.08 11.78 -25.43
N THR B 404 4.31 12.00 -24.96
CA THR B 404 4.77 11.40 -23.71
C THR B 404 5.54 12.49 -22.96
N THR B 405 5.07 12.84 -21.76
CA THR B 405 5.71 13.87 -20.94
C THR B 405 6.17 13.26 -19.60
N SER B 406 7.47 13.28 -19.36
CA SER B 406 8.00 12.68 -18.15
C SER B 406 8.38 13.60 -16.99
N THR B 407 8.59 13.00 -15.83
CA THR B 407 8.99 13.73 -14.62
C THR B 407 9.47 12.76 -13.57
N CYS B 408 10.59 13.06 -12.93
CA CYS B 408 11.11 12.17 -11.91
C CYS B 408 11.16 12.86 -10.54
N PHE B 409 11.24 12.04 -9.51
CA PHE B 409 11.27 12.51 -8.14
C PHE B 409 11.82 11.38 -7.29
N LYS B 410 12.01 11.66 -6.01
CA LYS B 410 12.54 10.65 -5.09
C LYS B 410 11.73 10.56 -3.80
N VAL B 411 11.61 9.35 -3.26
CA VAL B 411 10.92 9.15 -2.00
C VAL B 411 12.08 9.10 -1.02
N VAL B 412 12.27 10.17 -0.26
CA VAL B 412 13.40 10.16 0.66
C VAL B 412 13.24 9.05 1.67
N LYS B 413 12.01 8.83 2.10
CA LYS B 413 11.75 7.81 3.10
C LYS B 413 12.29 6.46 2.69
N THR B 414 12.10 6.08 1.43
CA THR B 414 12.56 4.79 0.92
C THR B 414 13.70 4.97 -0.07
N ASN B 415 14.44 6.07 0.07
CA ASN B 415 15.56 6.38 -0.82
C ASN B 415 15.47 5.73 -2.21
N LYS B 416 14.44 6.09 -2.96
CA LYS B 416 14.27 5.55 -4.30
C LYS B 416 13.82 6.62 -5.27
N THR B 417 14.36 6.56 -6.48
CA THR B 417 14.06 7.52 -7.51
C THR B 417 13.02 6.96 -8.46
N TYR B 418 11.91 7.68 -8.63
CA TYR B 418 10.82 7.27 -9.53
C TYR B 418 10.63 8.28 -10.66
N CYS B 419 10.19 7.79 -11.82
CA CYS B 419 9.92 8.66 -12.97
C CYS B 419 8.51 8.39 -13.48
N LEU B 420 7.78 9.47 -13.75
CA LEU B 420 6.42 9.39 -14.25
C LEU B 420 6.38 9.80 -15.72
N SER B 421 6.02 8.86 -16.57
CA SER B 421 5.90 9.11 -17.99
C SER B 421 4.46 9.02 -18.44
N ILE B 422 3.81 10.18 -18.59
CA ILE B 422 2.42 10.22 -19.05
C ILE B 422 2.44 10.01 -20.56
N ALA B 423 1.97 8.84 -20.99
CA ALA B 423 1.96 8.51 -22.41
C ALA B 423 0.57 8.33 -23.01
N GLU B 424 0.40 8.88 -24.21
CA GLU B 424 -0.85 8.74 -24.95
C GLU B 424 -0.83 7.35 -25.58
N ILE B 425 -1.79 6.51 -25.26
CA ILE B 425 -1.79 5.18 -25.86
C ILE B 425 -3.06 4.83 -26.63
N SER B 426 -2.86 3.97 -27.64
CA SER B 426 -3.94 3.47 -28.47
C SER B 426 -4.88 2.75 -27.53
N ASN B 427 -6.16 2.72 -27.85
CA ASN B 427 -7.09 2.05 -26.98
C ASN B 427 -8.22 1.44 -27.79
N THR B 428 -8.73 0.32 -27.30
CA THR B 428 -9.83 -0.38 -27.93
C THR B 428 -11.10 -0.05 -27.14
N LEU B 429 -12.26 -0.46 -27.65
CA LEU B 429 -13.56 -0.25 -27.03
C LEU B 429 -13.92 1.15 -26.51
N PHE B 430 -13.00 1.84 -25.85
CA PHE B 430 -13.32 3.15 -25.31
C PHE B 430 -12.53 4.31 -25.90
N GLY B 431 -12.83 4.66 -27.15
CA GLY B 431 -12.16 5.78 -27.77
C GLY B 431 -10.83 5.48 -28.44
N GLU B 432 -10.30 6.52 -29.08
CA GLU B 432 -9.04 6.43 -29.79
C GLU B 432 -7.81 6.40 -28.90
N PHE B 433 -7.82 7.18 -27.82
CA PHE B 433 -6.68 7.24 -26.93
C PHE B 433 -6.94 7.12 -25.45
N ARG B 434 -5.93 6.62 -24.75
CA ARG B 434 -5.93 6.45 -23.31
C ARG B 434 -4.65 7.14 -22.78
N ILE B 435 -4.81 8.14 -21.92
CA ILE B 435 -3.66 8.85 -21.38
C ILE B 435 -3.28 8.15 -20.08
N VAL B 436 -2.33 7.23 -20.16
CA VAL B 436 -1.94 6.48 -18.98
C VAL B 436 -0.58 6.91 -18.44
N PRO B 437 -0.47 7.04 -17.10
CA PRO B 437 0.78 7.43 -16.44
C PRO B 437 1.67 6.25 -16.10
N LEU B 438 2.67 5.99 -16.94
CA LEU B 438 3.59 4.89 -16.67
C LEU B 438 4.50 5.29 -15.51
N LEU B 439 4.83 4.34 -14.65
CA LEU B 439 5.70 4.65 -13.51
C LEU B 439 6.87 3.69 -13.43
N VAL B 440 8.08 4.24 -13.40
CA VAL B 440 9.26 3.41 -13.32
C VAL B 440 10.20 3.88 -12.22
N GLU B 441 10.94 2.92 -11.65
CA GLU B 441 11.91 3.21 -10.63
C GLU B 441 13.30 3.15 -11.27
N ILE B 442 14.09 4.21 -11.10
CA ILE B 442 15.42 4.26 -11.67
C ILE B 442 16.36 3.33 -10.89
N LEU B 443 16.89 2.33 -11.58
CA LEU B 443 17.81 1.38 -10.97
C LEU B 443 19.15 1.50 -11.67
N LYS B 444 20.24 1.18 -10.97
CA LYS B 444 21.54 1.24 -11.61
C LYS B 444 22.19 -0.11 -11.43
N ASN B 445 23.11 -0.46 -12.31
CA ASN B 445 23.80 -1.73 -12.20
C ASN B 445 24.50 -1.83 -10.86
N ASP B 446 25.76 -2.21 -10.91
CA ASP B 446 26.55 -2.34 -9.70
C ASP B 446 27.74 -1.39 -9.88
N GLY B 447 28.28 -1.40 -11.02
N GLY C 1 -2.90 8.61 26.58
CA GLY C 1 -2.53 7.82 25.38
C GLY C 1 -1.09 7.36 25.41
N ALA C 2 -0.87 6.16 25.91
CA ALA C 2 0.47 5.59 26.00
C ALA C 2 1.31 5.81 24.73
N PRO C 3 2.64 5.86 24.88
CA PRO C 3 3.57 6.07 23.76
C PRO C 3 3.43 4.94 22.75
N ILE C 4 3.82 5.21 21.50
CA ILE C 4 3.73 4.19 20.48
C ILE C 4 4.77 4.40 19.37
N HIS C 5 5.26 3.27 18.85
CA HIS C 5 6.24 3.28 17.76
C HIS C 5 5.66 4.09 16.61
N ASP C 6 6.52 4.59 15.74
CA ASP C 6 6.06 5.36 14.58
C ASP C 6 5.25 4.44 13.67
N PRO C 7 4.31 5.01 12.91
CA PRO C 7 3.47 4.25 11.99
C PRO C 7 4.27 3.37 11.01
N ASP C 8 5.45 3.82 10.61
CA ASP C 8 6.24 3.03 9.69
C ASP C 8 6.51 1.66 10.30
N PHE C 9 6.15 1.49 11.56
CA PHE C 9 6.41 0.24 12.26
C PHE C 9 5.24 -0.71 12.56
N ILE C 10 4.01 -0.22 12.48
CA ILE C 10 2.87 -1.08 12.80
C ILE C 10 2.77 -2.32 11.93
N GLY C 11 2.71 -3.47 12.59
CA GLY C 11 2.65 -4.75 11.90
C GLY C 11 4.06 -5.26 11.67
N GLY C 12 5.03 -4.63 12.33
CA GLY C 12 6.42 -5.03 12.20
C GLY C 12 7.13 -5.39 13.48
N ILE C 13 6.38 -5.58 14.56
CA ILE C 13 6.99 -5.92 15.84
C ILE C 13 6.51 -7.28 16.34
N GLY C 14 7.40 -8.01 16.99
CA GLY C 14 7.07 -9.32 17.53
C GLY C 14 6.19 -10.25 16.71
N LYS C 15 6.40 -10.30 15.40
CA LYS C 15 5.64 -11.17 14.49
C LYS C 15 6.59 -12.16 13.82
N GLU C 16 6.02 -13.15 13.16
CA GLU C 16 6.89 -14.09 12.46
C GLU C 16 7.45 -13.24 11.33
N LEU C 17 8.74 -12.95 11.38
CA LEU C 17 9.37 -12.12 10.35
C LEU C 17 9.58 -12.71 8.95
N ILE C 18 10.23 -13.86 8.85
CA ILE C 18 10.49 -14.45 7.53
C ILE C 18 9.85 -15.82 7.36
N VAL C 19 8.65 -15.85 6.80
CA VAL C 19 7.99 -17.12 6.56
C VAL C 19 8.43 -17.60 5.20
N ASP C 20 8.93 -18.82 5.14
CA ASP C 20 9.40 -19.38 3.88
C ASP C 20 9.54 -20.88 4.08
N ASN C 21 9.57 -21.60 2.97
CA ASN C 21 9.69 -23.04 3.05
C ASN C 21 10.79 -23.51 2.12
N ALA C 22 10.83 -22.93 0.93
CA ALA C 22 11.83 -23.29 -0.06
C ALA C 22 13.25 -22.95 0.38
N SER C 23 13.57 -21.66 0.37
CA SER C 23 14.88 -21.15 0.74
C SER C 23 15.53 -21.88 1.91
N ASP C 24 16.83 -22.13 1.81
CA ASP C 24 17.54 -22.77 2.93
C ASP C 24 17.68 -21.67 3.97
N VAL C 25 17.39 -21.99 5.24
CA VAL C 25 17.48 -20.99 6.29
C VAL C 25 18.76 -20.18 6.24
N THR C 26 19.90 -20.86 6.18
CA THR C 26 21.18 -20.16 6.16
C THR C 26 21.47 -19.36 4.89
N SER C 27 20.49 -19.21 4.01
CA SER C 27 20.71 -18.42 2.78
C SER C 27 20.43 -16.97 3.14
N PHE C 28 19.92 -16.79 4.35
CA PHE C 28 19.62 -15.45 4.88
C PHE C 28 20.79 -15.10 5.79
N TYR C 29 21.32 -13.91 5.66
CA TYR C 29 22.45 -13.53 6.50
C TYR C 29 22.34 -12.10 7.02
N PRO C 30 23.13 -11.77 8.06
CA PRO C 30 23.10 -10.42 8.61
C PRO C 30 24.03 -9.54 7.79
N SER C 31 23.55 -8.35 7.47
CA SER C 31 24.36 -7.41 6.70
C SER C 31 25.51 -7.00 7.58
N ALA C 32 26.23 -5.95 7.18
CA ALA C 32 27.32 -5.46 8.01
C ALA C 32 26.61 -4.63 9.06
N PHE C 33 27.28 -4.29 10.15
CA PHE C 33 26.61 -3.52 11.18
C PHE C 33 26.17 -2.14 10.71
N GLN C 34 24.98 -1.74 11.15
CA GLN C 34 24.42 -0.45 10.79
C GLN C 34 24.65 0.53 11.93
N GLU C 35 24.72 1.81 11.58
CA GLU C 35 24.92 2.88 12.57
C GLU C 35 23.54 3.42 12.90
N HIS C 36 23.20 3.43 14.19
CA HIS C 36 21.90 3.94 14.61
C HIS C 36 22.05 4.61 15.97
N LEU C 37 21.03 5.35 16.38
CA LEU C 37 21.11 6.04 17.66
C LEU C 37 21.38 5.03 18.76
N ASN C 38 22.57 5.09 19.34
CA ASN C 38 22.94 4.20 20.43
C ASN C 38 22.12 4.60 21.66
N PHE C 39 21.13 3.80 22.04
CA PHE C 39 20.30 4.12 23.19
C PHE C 39 20.80 3.60 24.51
N ILE C 40 21.97 2.97 24.51
CA ILE C 40 22.51 2.44 25.76
C ILE C 40 23.71 3.23 26.29
N PRO C 41 23.60 3.70 27.54
CA PRO C 41 24.62 4.49 28.22
C PRO C 41 25.95 3.77 28.36
N ALA C 42 27.04 4.45 28.02
CA ALA C 42 28.37 3.88 28.16
C ALA C 42 28.92 4.32 29.51
N PRO C 43 29.89 3.60 30.05
CA PRO C 43 30.41 4.02 31.34
C PRO C 43 31.06 5.41 31.24
N THR C 44 31.07 6.14 32.36
CA THR C 44 31.65 7.49 32.36
C THR C 44 32.92 7.62 33.22
N THR C 45 33.39 6.51 33.78
CA THR C 45 34.60 6.53 34.60
C THR C 45 35.49 5.36 34.27
N GLY C 46 36.71 5.46 34.78
CA GLY C 46 37.68 4.42 34.57
C GLY C 46 37.32 3.07 35.16
N SER C 47 36.55 3.02 36.25
CA SER C 47 36.22 1.72 36.84
C SER C 47 34.76 1.29 36.74
N GLY C 48 33.91 2.12 36.18
CA GLY C 48 32.52 1.77 36.07
C GLY C 48 32.22 0.46 35.39
N CYS C 49 31.35 -0.35 36.01
CA CYS C 49 30.97 -1.64 35.44
C CYS C 49 29.48 -1.64 35.09
N THR C 50 29.17 -1.75 33.81
CA THR C 50 27.78 -1.79 33.34
C THR C 50 27.61 -3.14 32.69
N ARG C 51 26.87 -4.03 33.35
CA ARG C 51 26.65 -5.38 32.82
C ARG C 51 25.26 -5.91 33.08
N ILE C 52 24.94 -7.02 32.43
CA ILE C 52 23.67 -7.70 32.60
C ILE C 52 22.48 -6.98 31.97
N PRO C 53 22.53 -6.73 30.65
CA PRO C 53 21.43 -6.05 30.00
C PRO C 53 20.20 -6.92 29.80
N SER C 54 19.03 -6.32 29.94
CA SER C 54 17.76 -7.01 29.74
C SER C 54 16.96 -6.14 28.77
N PHE C 55 16.26 -6.76 27.82
CA PHE C 55 15.48 -6.01 26.82
C PHE C 55 14.24 -6.74 26.31
N ASP C 56 13.15 -5.99 26.19
CA ASP C 56 11.89 -6.51 25.70
C ASP C 56 11.21 -5.40 24.93
N MET C 57 10.45 -5.74 23.89
CA MET C 57 9.75 -4.74 23.09
C MET C 57 8.39 -5.21 22.59
N SER C 58 7.33 -4.60 23.10
CA SER C 58 5.96 -4.95 22.71
C SER C 58 5.70 -4.29 21.38
N ALA C 59 4.44 -4.25 20.95
CA ALA C 59 4.09 -3.62 19.68
C ALA C 59 3.91 -2.14 19.85
N THR C 60 4.01 -1.65 21.08
CA THR C 60 3.87 -0.22 21.33
C THR C 60 5.17 0.45 21.73
N HIS C 61 5.90 -0.19 22.65
CA HIS C 61 7.16 0.36 23.16
C HIS C 61 8.15 -0.72 23.59
N TYR C 62 9.40 -0.32 23.80
CA TYR C 62 10.47 -1.23 24.22
C TYR C 62 11.01 -0.84 25.58
N CYS C 63 11.53 -1.83 26.32
CA CYS C 63 12.07 -1.56 27.64
C CYS C 63 13.51 -2.06 27.69
N TYR C 64 14.36 -1.33 28.40
CA TYR C 64 15.75 -1.72 28.53
C TYR C 64 16.23 -1.49 29.96
N THR C 65 17.28 -2.19 30.35
CA THR C 65 17.83 -2.03 31.70
C THR C 65 19.16 -2.73 31.83
N HIS C 66 19.96 -2.24 32.78
CA HIS C 66 21.26 -2.83 33.05
C HIS C 66 21.75 -2.39 34.41
N ASN C 67 22.61 -3.21 35.00
CA ASN C 67 23.17 -2.97 36.33
C ASN C 67 24.45 -2.15 36.25
N VAL C 68 24.74 -1.39 37.30
CA VAL C 68 25.92 -0.55 37.35
C VAL C 68 26.63 -0.71 38.68
N ILE C 69 27.95 -0.92 38.64
CA ILE C 69 28.75 -1.05 39.85
C ILE C 69 29.83 0.01 39.68
N LEU C 70 30.11 0.75 40.74
CA LEU C 70 31.09 1.82 40.62
C LEU C 70 32.57 1.44 40.58
N SER C 71 32.99 0.58 41.52
CA SER C 71 34.40 0.20 41.59
C SER C 71 34.90 -0.90 40.66
N GLY C 72 34.02 -1.54 39.93
CA GLY C 72 34.52 -2.59 39.04
C GLY C 72 33.71 -3.84 39.23
N CYS C 73 33.48 -4.55 38.13
CA CYS C 73 32.68 -5.76 38.14
C CYS C 73 32.94 -6.79 39.24
N ARG C 74 34.12 -6.76 39.84
CA ARG C 74 34.43 -7.73 40.89
C ARG C 74 33.80 -7.35 42.23
N ASP C 75 33.60 -6.05 42.44
CA ASP C 75 33.01 -5.55 43.67
C ASP C 75 31.52 -5.83 43.78
N HIS C 76 31.14 -6.53 44.85
CA HIS C 76 29.73 -6.88 45.05
C HIS C 76 29.01 -5.97 46.04
N SER C 77 29.73 -5.02 46.62
CA SER C 77 29.15 -4.09 47.59
C SER C 77 27.72 -3.63 47.25
N HIS C 78 27.61 -2.50 46.57
CA HIS C 78 26.30 -1.94 46.21
C HIS C 78 26.26 -1.67 44.71
N SER C 79 25.06 -1.51 44.16
CA SER C 79 24.95 -1.25 42.74
C SER C 79 23.63 -0.59 42.45
N HIS C 80 23.50 -0.08 41.24
CA HIS C 80 22.27 0.55 40.82
C HIS C 80 21.91 0.13 39.41
N GLN C 81 20.72 0.51 38.98
CA GLN C 81 20.21 0.14 37.66
C GLN C 81 19.90 1.31 36.75
N TYR C 82 19.89 1.07 35.45
CA TYR C 82 19.52 2.09 34.49
C TYR C 82 18.26 1.54 33.84
N LEU C 83 17.25 2.39 33.71
CA LEU C 83 15.99 2.00 33.09
C LEU C 83 15.69 2.93 31.95
N ALA C 84 15.36 2.35 30.81
CA ALA C 84 15.03 3.13 29.63
C ALA C 84 13.71 2.65 29.07
N LEU C 85 12.82 3.59 28.81
CA LEU C 85 11.51 3.29 28.22
C LEU C 85 11.44 4.15 26.95
N GLY C 86 11.25 3.51 25.81
CA GLY C 86 11.18 4.25 24.56
C GLY C 86 10.34 3.64 23.48
N VAL C 87 10.43 4.17 22.28
CA VAL C 87 9.66 3.68 21.15
C VAL C 87 10.48 3.70 19.86
N LEU C 88 10.05 2.95 18.86
CA LEU C 88 10.77 2.90 17.60
C LEU C 88 10.37 4.03 16.64
N ARG C 89 11.35 4.75 16.12
CA ARG C 89 11.11 5.86 15.21
C ARG C 89 11.95 5.72 13.94
N THR C 90 11.75 6.64 12.98
CA THR C 90 12.51 6.63 11.73
C THR C 90 12.87 8.03 11.28
N THR C 91 14.05 8.18 10.72
CA THR C 91 14.50 9.47 10.23
C THR C 91 13.72 9.71 8.95
N ALA C 92 13.84 10.88 8.35
CA ALA C 92 13.11 11.14 7.14
C ALA C 92 13.66 10.31 5.99
N THR C 93 14.78 9.66 6.22
CA THR C 93 15.43 8.87 5.19
C THR C 93 15.20 7.38 5.35
N GLY C 94 14.51 7.00 6.41
CA GLY C 94 14.24 5.59 6.62
C GLY C 94 15.14 4.90 7.61
N ARG C 95 16.05 5.63 8.25
CA ARG C 95 16.94 5.05 9.25
C ARG C 95 16.15 4.95 10.54
N ILE C 96 16.08 3.74 11.10
CA ILE C 96 15.33 3.52 12.34
C ILE C 96 16.17 3.91 13.52
N PHE C 97 15.54 4.34 14.60
CA PHE C 97 16.29 4.67 15.78
C PHE C 97 15.45 4.53 17.05
N PHE C 98 16.06 3.97 18.09
CA PHE C 98 15.37 3.78 19.35
C PHE C 98 15.40 5.09 20.13
N SER C 99 14.24 5.73 20.23
CA SER C 99 14.11 6.99 20.95
C SER C 99 13.45 6.74 22.30
N THR C 100 14.21 6.88 23.40
CA THR C 100 13.64 6.67 24.72
C THR C 100 12.90 7.90 25.20
N LEU C 101 11.89 7.67 26.01
CA LEU C 101 11.07 8.74 26.54
C LEU C 101 11.29 8.87 28.05
N ARG C 102 11.73 7.79 28.67
CA ARG C 102 11.99 7.81 30.09
C ARG C 102 13.34 7.18 30.38
N SER C 103 14.28 8.00 30.79
CA SER C 103 15.65 7.55 31.08
C SER C 103 15.96 7.79 32.57
N ILE C 104 16.19 6.72 33.33
CA ILE C 104 16.44 6.92 34.75
C ILE C 104 17.54 6.06 35.37
N SER C 105 18.05 6.54 36.50
CA SER C 105 19.05 5.80 37.27
C SER C 105 18.24 5.45 38.50
N LEU C 106 18.20 4.17 38.84
CA LEU C 106 17.48 3.72 40.02
C LEU C 106 18.53 3.30 41.03
N ASP C 107 18.70 4.11 42.07
CA ASP C 107 19.69 3.83 43.10
C ASP C 107 19.22 4.23 44.49
N ASP C 108 18.94 3.24 45.32
CA ASP C 108 18.51 3.57 46.66
C ASP C 108 19.27 2.76 47.70
N THR C 109 18.57 2.31 48.74
CA THR C 109 19.24 1.55 49.79
C THR C 109 19.29 0.05 49.57
N GLN C 110 18.76 -0.41 48.44
CA GLN C 110 18.75 -1.84 48.19
C GLN C 110 19.45 -2.24 46.90
N ASN C 111 20.13 -3.38 46.97
CA ASN C 111 20.91 -3.93 45.87
C ASN C 111 20.13 -4.86 44.94
N ARG C 112 19.68 -4.31 43.81
CA ARG C 112 18.96 -5.08 42.81
C ARG C 112 19.95 -5.75 41.85
N LYS C 113 19.79 -7.04 41.63
CA LYS C 113 20.70 -7.78 40.77
C LYS C 113 19.98 -8.72 39.82
N SER C 114 20.67 -9.05 38.73
CA SER C 114 20.14 -9.96 37.75
C SER C 114 18.71 -9.60 37.36
N CYS C 115 18.44 -8.32 37.17
CA CYS C 115 17.09 -7.89 36.84
C CYS C 115 16.62 -8.23 35.42
N SER C 116 15.30 -8.38 35.26
CA SER C 116 14.67 -8.68 33.97
C SER C 116 13.52 -7.70 33.73
N VAL C 117 13.37 -7.22 32.51
CA VAL C 117 12.30 -6.28 32.21
C VAL C 117 11.31 -6.80 31.18
N SER C 118 10.16 -6.16 31.07
CA SER C 118 9.18 -6.58 30.08
C SER C 118 8.24 -5.43 29.77
N ALA C 119 7.82 -5.32 28.52
CA ALA C 119 6.92 -4.27 28.09
C ALA C 119 5.47 -4.69 28.24
N THR C 120 4.77 -4.07 29.18
CA THR C 120 3.38 -4.38 29.40
C THR C 120 2.56 -3.16 29.03
N PRO C 121 1.24 -3.27 29.09
CA PRO C 121 0.41 -2.10 28.73
C PRO C 121 0.52 -0.95 29.73
N LEU C 122 1.12 -1.22 30.89
CA LEU C 122 1.27 -0.21 31.93
C LEU C 122 2.67 0.38 32.03
N GLY C 123 3.57 -0.02 31.12
CA GLY C 123 4.91 0.52 31.16
C GLY C 123 6.01 -0.52 31.07
N CYS C 124 6.98 -0.46 31.97
CA CYS C 124 8.06 -1.42 31.97
C CYS C 124 8.16 -2.20 33.26
N ASP C 125 7.56 -3.39 33.29
CA ASP C 125 7.62 -4.22 34.48
C ASP C 125 9.02 -4.81 34.58
N MET C 126 9.56 -4.79 35.78
CA MET C 126 10.90 -5.29 36.04
C MET C 126 10.87 -6.25 37.22
N LEU C 127 11.50 -7.41 37.06
CA LEU C 127 11.58 -8.38 38.14
C LEU C 127 13.02 -8.35 38.62
N CYS C 128 13.23 -8.33 39.92
CA CYS C 128 14.59 -8.32 40.43
C CYS C 128 14.76 -9.11 41.70
N SER C 129 16.01 -9.23 42.09
CA SER C 129 16.41 -9.90 43.32
C SER C 129 17.07 -8.82 44.15
N LYS C 130 16.93 -8.93 45.47
CA LYS C 130 17.53 -7.99 46.38
C LYS C 130 18.49 -8.79 47.22
N VAL C 131 19.77 -8.67 46.92
CA VAL C 131 20.80 -9.43 47.61
C VAL C 131 21.78 -8.68 48.49
N THR C 132 21.86 -9.13 49.73
CA THR C 132 22.76 -8.54 50.70
C THR C 132 24.01 -9.41 50.73
N GLU C 133 23.89 -10.61 50.19
CA GLU C 133 24.98 -11.59 50.17
C GLU C 133 25.40 -11.97 48.74
N THR C 134 26.53 -12.68 48.61
CA THR C 134 27.02 -13.10 47.29
C THR C 134 26.29 -14.37 46.82
N GLU C 135 26.28 -14.63 45.52
CA GLU C 135 25.60 -15.81 44.98
C GLU C 135 26.05 -17.05 45.75
N GLU C 136 27.36 -17.27 45.82
CA GLU C 136 27.89 -18.41 46.56
C GLU C 136 27.23 -18.44 47.94
N GLU C 137 27.17 -17.27 48.59
CA GLU C 137 26.59 -17.16 49.91
C GLU C 137 25.09 -17.44 49.93
N ASP C 138 24.41 -17.05 48.87
CA ASP C 138 22.96 -17.25 48.82
C ASP C 138 22.49 -18.69 48.72
N TYR C 139 23.33 -19.55 48.15
CA TYR C 139 22.97 -20.95 48.01
C TYR C 139 23.19 -21.68 49.33
N ASN C 140 23.60 -20.93 50.35
CA ASN C 140 23.79 -21.44 51.69
C ASN C 140 22.79 -20.68 52.53
N SER C 141 22.10 -19.74 51.87
CA SER C 141 21.05 -18.93 52.47
C SER C 141 19.86 -19.86 52.50
N ALA C 142 19.79 -20.70 53.53
CA ALA C 142 18.69 -21.65 53.66
C ALA C 142 17.40 -21.03 53.15
N VAL C 143 17.22 -19.76 53.45
CA VAL C 143 16.04 -19.04 53.02
C VAL C 143 16.12 -18.57 51.57
N PRO C 144 14.96 -18.25 50.99
CA PRO C 144 14.89 -17.78 49.61
C PRO C 144 15.55 -16.41 49.46
N THR C 145 15.67 -15.94 48.23
CA THR C 145 16.27 -14.65 47.94
C THR C 145 15.14 -13.62 47.84
N LEU C 146 15.34 -12.45 48.43
CA LEU C 146 14.31 -11.41 48.38
C LEU C 146 14.13 -10.98 46.93
N MET C 147 12.89 -10.92 46.45
CA MET C 147 12.64 -10.50 45.07
C MET C 147 11.53 -9.45 44.98
N ALA C 148 11.75 -8.43 44.17
CA ALA C 148 10.74 -7.41 44.04
C ALA C 148 10.24 -7.29 42.61
N HIS C 149 8.99 -6.83 42.49
CA HIS C 149 8.37 -6.62 41.20
C HIS C 149 8.27 -5.11 41.06
N GLY C 150 8.78 -4.57 39.97
CA GLY C 150 8.74 -3.14 39.79
C GLY C 150 8.18 -2.76 38.47
N ARG C 151 8.04 -1.46 38.24
CA ARG C 151 7.53 -0.98 36.98
C ARG C 151 7.85 0.49 36.76
N LEU C 152 8.44 0.78 35.60
CA LEU C 152 8.73 2.15 35.23
C LEU C 152 7.54 2.54 34.40
N GLY C 153 6.79 3.52 34.88
CA GLY C 153 5.61 3.97 34.18
C GLY C 153 5.95 4.91 33.05
N PHE C 154 4.98 5.13 32.18
CA PHE C 154 5.20 6.03 31.06
C PHE C 154 5.47 7.43 31.62
N ASP C 155 4.94 7.70 32.80
CA ASP C 155 5.10 9.01 33.43
C ASP C 155 6.52 9.26 33.95
N GLY C 156 7.38 8.26 33.86
CA GLY C 156 8.76 8.42 34.32
C GLY C 156 8.96 8.01 35.78
N GLN C 157 7.87 7.62 36.43
CA GLN C 157 7.92 7.21 37.83
C GLN C 157 8.18 5.72 37.99
N TYR C 158 8.85 5.36 39.08
CA TYR C 158 9.15 3.97 39.34
C TYR C 158 8.57 3.50 40.68
N HIS C 159 7.88 2.37 40.65
CA HIS C 159 7.29 1.81 41.85
C HIS C 159 7.54 0.32 41.94
N GLU C 160 7.55 -0.22 43.15
CA GLU C 160 7.75 -1.64 43.31
C GLU C 160 7.18 -2.16 44.62
N LYS C 161 6.93 -3.45 44.66
CA LYS C 161 6.40 -4.14 45.83
C LYS C 161 7.22 -5.42 45.94
N ASP C 162 7.77 -5.69 47.12
CA ASP C 162 8.54 -6.90 47.30
C ASP C 162 7.62 -8.10 47.29
N LEU C 163 8.08 -9.21 46.72
CA LEU C 163 7.25 -10.41 46.69
C LEU C 163 7.45 -11.19 47.99
N ASP C 164 6.40 -11.86 48.45
CA ASP C 164 6.49 -12.63 49.68
C ASP C 164 7.19 -13.94 49.36
N VAL C 165 8.49 -13.87 49.15
CA VAL C 165 9.27 -15.03 48.78
C VAL C 165 9.31 -16.17 49.80
N THR C 166 9.13 -15.88 51.08
CA THR C 166 9.17 -16.95 52.08
C THR C 166 7.98 -17.87 51.95
N THR C 167 7.12 -17.58 50.98
CA THR C 167 5.96 -18.39 50.72
C THR C 167 6.03 -18.85 49.28
N LEU C 168 6.27 -17.88 48.40
CA LEU C 168 6.37 -18.12 46.97
C LEU C 168 7.50 -19.07 46.62
N PHE C 169 8.68 -18.85 47.20
CA PHE C 169 9.84 -19.70 46.95
C PHE C 169 10.23 -20.53 48.17
N GLU C 170 9.20 -20.90 48.92
CA GLU C 170 9.33 -21.70 50.13
C GLU C 170 10.30 -22.86 50.01
N ASP C 171 10.32 -23.53 48.87
CA ASP C 171 11.22 -24.65 48.69
C ASP C 171 12.56 -24.27 48.09
N TRP C 172 12.87 -22.97 48.04
CA TRP C 172 14.12 -22.51 47.45
C TRP C 172 15.18 -21.98 48.41
N VAL C 173 16.44 -22.04 47.98
CA VAL C 173 17.54 -21.52 48.79
C VAL C 173 18.07 -20.24 48.14
N ALA C 174 17.91 -20.19 46.82
CA ALA C 174 18.33 -19.06 46.01
C ALA C 174 17.40 -18.91 44.81
N ASN C 175 17.13 -17.67 44.42
CA ASN C 175 16.25 -17.38 43.30
C ASN C 175 16.52 -15.99 42.69
N TYR C 176 16.71 -15.97 41.37
CA TYR C 176 16.99 -14.75 40.62
C TYR C 176 16.27 -14.75 39.27
N PRO C 177 15.99 -13.56 38.73
CA PRO C 177 15.31 -13.51 37.42
C PRO C 177 16.31 -13.99 36.37
N GLY C 178 15.82 -14.44 35.22
CA GLY C 178 16.71 -14.94 34.19
C GLY C 178 17.57 -13.92 33.44
N VAL C 179 17.42 -12.66 33.84
CA VAL C 179 18.10 -11.49 33.24
C VAL C 179 17.56 -11.21 31.85
N GLY C 180 17.29 -12.27 31.09
CA GLY C 180 16.75 -12.09 29.77
C GLY C 180 15.38 -11.47 29.94
N GLY C 181 14.86 -10.84 28.89
CA GLY C 181 13.58 -10.21 28.97
C GLY C 181 12.39 -11.12 29.22
N GLY C 182 11.39 -10.58 29.89
CA GLY C 182 10.18 -11.33 30.18
C GLY C 182 9.15 -10.92 29.13
N SER C 183 7.96 -11.50 29.17
CA SER C 183 6.95 -11.14 28.19
C SER C 183 5.54 -10.96 28.75
N PHE C 184 4.71 -10.21 28.02
CA PHE C 184 3.34 -9.98 28.43
C PHE C 184 2.49 -10.95 27.65
N ILE C 185 1.70 -11.74 28.37
CA ILE C 185 0.82 -12.73 27.77
C ILE C 185 -0.46 -12.89 28.58
N ASP C 186 -1.59 -12.79 27.89
CA ASP C 186 -2.90 -12.94 28.51
C ASP C 186 -3.05 -12.24 29.86
N GLY C 187 -2.84 -10.93 29.86
CA GLY C 187 -2.99 -10.16 31.08
C GLY C 187 -1.95 -10.37 32.16
N ARG C 188 -0.93 -11.15 31.86
CA ARG C 188 0.13 -11.39 32.84
C ARG C 188 1.48 -11.19 32.18
N VAL C 189 2.51 -10.99 33.01
CA VAL C 189 3.85 -10.80 32.51
C VAL C 189 4.63 -12.02 32.98
N TRP C 190 5.26 -12.72 32.04
CA TRP C 190 6.00 -13.94 32.36
C TRP C 190 7.51 -13.76 32.39
N PHE C 191 8.12 -14.26 33.46
CA PHE C 191 9.56 -14.14 33.69
C PHE C 191 10.28 -15.45 33.95
N SER C 192 11.37 -15.68 33.22
CA SER C 192 12.16 -16.87 33.46
C SER C 192 12.84 -16.63 34.80
N VAL C 193 12.76 -17.60 35.70
CA VAL C 193 13.41 -17.47 37.00
C VAL C 193 14.21 -18.76 37.25
N TYR C 194 15.23 -18.70 38.09
CA TYR C 194 16.03 -19.88 38.36
C TYR C 194 16.75 -19.76 39.68
N GLY C 195 17.40 -20.84 40.11
CA GLY C 195 18.12 -20.81 41.38
C GLY C 195 18.36 -22.20 41.93
N GLY C 196 18.40 -22.33 43.26
CA GLY C 196 18.63 -23.65 43.84
C GLY C 196 17.50 -24.07 44.76
N LEU C 197 17.20 -25.38 44.78
CA LEU C 197 16.12 -25.87 45.63
C LEU C 197 16.61 -26.35 46.98
N LYS C 198 15.82 -26.08 48.01
CA LYS C 198 16.12 -26.48 49.37
C LYS C 198 16.16 -28.01 49.37
N PRO C 199 17.34 -28.60 49.64
CA PRO C 199 17.45 -30.05 49.64
C PRO C 199 16.41 -30.76 50.49
N ASN C 200 15.74 -31.71 49.84
CA ASN C 200 14.68 -32.55 50.40
C ASN C 200 13.36 -31.86 50.72
N SER C 201 12.99 -30.92 49.87
CA SER C 201 11.73 -30.21 50.00
C SER C 201 10.88 -30.75 48.88
N PRO C 202 9.56 -30.78 49.05
CA PRO C 202 8.69 -31.29 47.99
C PRO C 202 9.24 -31.00 46.59
N SER C 203 9.27 -29.74 46.20
CA SER C 203 9.77 -29.37 44.88
C SER C 203 11.01 -30.15 44.48
N ASP C 204 11.90 -30.39 45.45
CA ASP C 204 13.14 -31.10 45.17
C ASP C 204 13.03 -32.61 45.01
N THR C 205 12.25 -33.27 45.86
CA THR C 205 12.16 -34.72 45.73
C THR C 205 11.23 -35.19 44.66
N VAL C 206 10.63 -34.25 43.92
CA VAL C 206 9.75 -34.65 42.83
C VAL C 206 10.62 -34.68 41.59
N GLN C 207 11.63 -33.81 41.57
CA GLN C 207 12.56 -33.71 40.47
C GLN C 207 13.69 -34.71 40.73
N GLU C 208 13.63 -35.34 41.90
CA GLU C 208 14.60 -36.33 42.30
C GLU C 208 14.44 -37.55 41.41
N GLY C 209 15.36 -37.72 40.47
CA GLY C 209 15.29 -38.85 39.58
C GLY C 209 14.97 -38.45 38.15
N LYS C 210 14.61 -37.18 37.97
CA LYS C 210 14.27 -36.66 36.66
C LYS C 210 15.46 -36.00 35.97
N TYR C 211 15.62 -36.28 34.69
CA TYR C 211 16.72 -35.72 33.92
C TYR C 211 16.38 -35.80 32.43
N VAL C 212 17.31 -35.37 31.59
CA VAL C 212 17.07 -35.44 30.16
C VAL C 212 18.37 -35.22 29.40
N ILE C 213 18.59 -36.05 28.40
CA ILE C 213 19.79 -35.97 27.60
C ILE C 213 19.53 -35.42 26.20
N TYR C 214 20.16 -34.30 25.87
CA TYR C 214 20.03 -33.70 24.55
C TYR C 214 21.38 -33.88 23.87
N LYS C 215 21.34 -34.32 22.62
CA LYS C 215 22.56 -34.60 21.89
C LYS C 215 22.95 -33.68 20.74
N ARG C 216 24.24 -33.66 20.41
CA ARG C 216 24.74 -32.84 19.31
C ARG C 216 24.27 -33.48 17.99
N TYR C 217 24.02 -32.66 16.98
CA TYR C 217 23.55 -33.13 15.69
C TYR C 217 24.21 -34.36 15.06
N ASN C 218 25.54 -34.39 14.99
CA ASN C 218 26.20 -35.54 14.40
C ASN C 218 27.39 -36.02 15.20
N ASP C 219 27.32 -35.86 16.51
CA ASP C 219 28.38 -36.28 17.42
C ASP C 219 27.74 -37.08 18.50
N THR C 220 27.94 -38.39 18.46
CA THR C 220 27.33 -39.25 19.47
C THR C 220 28.26 -39.50 20.64
N CYS C 221 27.79 -39.17 21.84
CA CYS C 221 28.60 -39.38 23.03
C CYS C 221 28.99 -40.84 23.14
N PRO C 222 30.29 -41.11 23.29
CA PRO C 222 30.85 -42.46 23.41
C PRO C 222 30.72 -43.14 24.77
N ASP C 223 30.29 -42.41 25.79
CA ASP C 223 30.17 -43.02 27.11
C ASP C 223 29.12 -44.12 27.14
N GLU C 224 29.22 -45.01 28.13
CA GLU C 224 28.27 -46.10 28.28
C GLU C 224 26.92 -45.48 28.63
N GLN C 225 25.85 -46.09 28.16
CA GLN C 225 24.51 -45.58 28.42
C GLN C 225 24.27 -45.30 29.91
N ASP C 226 24.80 -46.18 30.76
CA ASP C 226 24.64 -46.04 32.21
C ASP C 226 25.39 -44.86 32.80
N TYR C 227 26.62 -44.68 32.33
CA TYR C 227 27.46 -43.58 32.79
C TYR C 227 26.78 -42.26 32.44
N GLN C 228 26.46 -42.07 31.16
CA GLN C 228 25.79 -40.86 30.70
C GLN C 228 24.64 -40.49 31.62
N ILE C 229 23.78 -41.46 31.90
CA ILE C 229 22.64 -41.25 32.76
C ILE C 229 23.08 -40.69 34.10
N ARG C 230 24.10 -41.28 34.70
CA ARG C 230 24.57 -40.79 35.99
C ARG C 230 25.04 -39.35 35.87
N MET C 231 25.76 -39.06 34.79
CA MET C 231 26.24 -37.71 34.57
C MET C 231 25.08 -36.74 34.44
N ALA C 232 24.11 -37.10 33.61
CA ALA C 232 22.95 -36.25 33.39
C ALA C 232 22.24 -35.98 34.71
N LYS C 233 22.02 -37.02 35.50
CA LYS C 233 21.34 -36.86 36.77
C LYS C 233 22.08 -35.89 37.67
N SER C 234 23.41 -35.84 37.55
CA SER C 234 24.17 -34.94 38.41
C SER C 234 24.34 -33.54 37.87
N SER C 235 24.14 -33.34 36.58
CA SER C 235 24.28 -32.01 36.00
C SER C 235 23.32 -31.01 36.67
N TYR C 236 22.40 -31.53 37.49
CA TYR C 236 21.41 -30.72 38.21
C TYR C 236 21.85 -30.32 39.63
N LYS C 237 22.90 -30.97 40.14
CA LYS C 237 23.39 -30.64 41.47
C LYS C 237 24.89 -30.41 41.31
N PRO C 238 25.26 -29.44 40.45
CA PRO C 238 26.67 -29.11 40.21
C PRO C 238 27.38 -28.79 41.51
N GLY C 239 28.69 -28.95 41.49
CA GLY C 239 29.48 -28.68 42.67
C GLY C 239 29.53 -27.20 43.01
N ARG C 240 29.70 -26.35 42.01
CA ARG C 240 29.80 -24.92 42.24
C ARG C 240 28.93 -24.41 43.37
N PHE C 241 27.71 -24.92 43.49
CA PHE C 241 26.87 -24.44 44.57
C PHE C 241 26.55 -25.51 45.61
N GLY C 242 27.55 -26.33 45.91
CA GLY C 242 27.42 -27.37 46.93
C GLY C 242 26.31 -28.39 46.86
N GLY C 243 26.20 -29.09 45.74
CA GLY C 243 25.18 -30.11 45.62
C GLY C 243 23.74 -29.62 45.60
N LYS C 244 23.52 -28.33 45.82
CA LYS C 244 22.16 -27.84 45.78
C LYS C 244 21.67 -28.13 44.35
N ARG C 245 20.39 -28.45 44.22
CA ARG C 245 19.82 -28.73 42.91
C ARG C 245 19.39 -27.42 42.26
N ILE C 246 19.96 -27.14 41.08
CA ILE C 246 19.67 -25.92 40.31
C ILE C 246 18.44 -26.15 39.42
N GLN C 247 17.35 -25.47 39.76
CA GLN C 247 16.08 -25.63 39.07
C GLN C 247 15.52 -24.48 38.22
N GLN C 248 15.09 -24.79 37.01
CA GLN C 248 14.50 -23.80 36.12
C GLN C 248 13.07 -23.54 36.59
N ALA C 249 12.55 -22.34 36.38
CA ALA C 249 11.19 -22.04 36.81
C ALA C 249 10.62 -20.91 35.96
N ILE C 250 9.35 -20.58 36.15
CA ILE C 250 8.69 -19.51 35.41
C ILE C 250 7.66 -18.85 36.31
N LEU C 251 7.84 -17.57 36.57
CA LEU C 251 6.94 -16.81 37.41
C LEU C 251 6.03 -15.93 36.57
N SER C 252 4.75 -15.93 36.87
CA SER C 252 3.82 -15.08 36.15
C SER C 252 3.15 -14.20 37.19
N ILE C 253 3.11 -12.90 36.91
CA ILE C 253 2.48 -11.95 37.81
C ILE C 253 1.39 -11.27 37.02
N LYS C 254 0.34 -10.83 37.71
CA LYS C 254 -0.75 -10.16 37.02
C LYS C 254 -0.38 -8.71 36.79
N VAL C 255 -0.80 -8.15 35.67
CA VAL C 255 -0.50 -6.76 35.35
C VAL C 255 -1.65 -5.88 35.75
N SER C 256 -1.52 -5.21 36.88
CA SER C 256 -2.56 -4.30 37.36
C SER C 256 -1.87 -3.10 37.96
N THR C 257 -2.66 -2.19 38.51
CA THR C 257 -2.05 -1.02 39.13
C THR C 257 -1.48 -1.44 40.47
N SER C 258 -1.57 -2.74 40.75
CA SER C 258 -1.03 -3.30 42.00
C SER C 258 0.14 -4.23 41.73
N LEU C 259 1.35 -3.74 41.95
CA LEU C 259 2.53 -4.55 41.70
C LEU C 259 2.61 -5.85 42.51
N GLY C 260 3.05 -6.91 41.84
CA GLY C 260 3.19 -8.21 42.48
C GLY C 260 1.88 -8.92 42.78
N GLU C 261 0.82 -8.56 42.05
CA GLU C 261 -0.48 -9.18 42.29
C GLU C 261 -0.65 -10.55 41.69
N ASP C 262 -1.08 -11.49 42.54
CA ASP C 262 -1.36 -12.85 42.13
C ASP C 262 -0.21 -13.57 41.44
N PRO C 263 0.97 -13.61 42.08
CA PRO C 263 2.08 -14.29 41.42
C PRO C 263 1.86 -15.79 41.48
N VAL C 264 2.43 -16.49 40.51
CA VAL C 264 2.34 -17.94 40.44
C VAL C 264 3.61 -18.48 39.81
N LEU C 265 4.22 -19.42 40.51
CA LEU C 265 5.46 -20.06 40.07
C LEU C 265 5.19 -21.39 39.39
N THR C 266 5.90 -21.64 38.30
CA THR C 266 5.78 -22.89 37.55
C THR C 266 7.15 -23.57 37.60
N VAL C 267 7.18 -24.84 37.97
CA VAL C 267 8.44 -25.52 38.01
C VAL C 267 8.33 -26.73 37.11
N PRO C 268 8.68 -26.57 35.84
CA PRO C 268 8.60 -27.69 34.90
C PRO C 268 9.43 -28.87 35.34
N PRO C 269 9.01 -30.08 34.93
CA PRO C 269 9.73 -31.31 35.28
C PRO C 269 11.05 -31.35 34.56
N ASN C 270 12.07 -31.89 35.20
CA ASN C 270 13.34 -31.96 34.53
C ASN C 270 13.45 -33.18 33.59
N THR C 271 12.29 -33.67 33.15
CA THR C 271 12.28 -34.78 32.22
C THR C 271 12.30 -34.10 30.85
N VAL C 272 12.12 -32.78 30.90
CA VAL C 272 12.14 -31.95 29.70
C VAL C 272 13.13 -30.78 29.82
N THR C 273 13.18 -30.11 30.98
CA THR C 273 14.10 -28.98 31.18
C THR C 273 15.49 -29.34 31.71
N LEU C 274 16.52 -28.83 31.05
CA LEU C 274 17.92 -29.04 31.43
C LEU C 274 18.16 -28.23 32.71
N MET C 275 19.37 -28.28 33.27
CA MET C 275 19.68 -27.54 34.50
C MET C 275 19.19 -26.08 34.52
N GLY C 276 18.63 -25.65 35.65
CA GLY C 276 18.14 -24.30 35.77
C GLY C 276 19.17 -23.28 35.34
N ALA C 277 18.75 -22.13 34.81
CA ALA C 277 19.70 -21.12 34.36
C ALA C 277 19.05 -19.84 33.84
N GLU C 278 19.86 -18.84 33.52
CA GLU C 278 19.36 -17.59 33.00
C GLU C 278 18.47 -17.94 31.82
N GLY C 279 17.58 -17.05 31.43
CA GLY C 279 16.70 -17.36 30.31
C GLY C 279 15.88 -16.18 29.86
N ARG C 280 14.99 -16.40 28.89
CA ARG C 280 14.14 -15.34 28.36
C ARG C 280 12.80 -15.88 27.89
N ILE C 281 11.76 -15.07 28.01
CA ILE C 281 10.43 -15.48 27.57
C ILE C 281 10.11 -14.69 26.30
N LEU C 282 10.21 -15.33 25.16
CA LEU C 282 9.93 -14.64 23.91
C LEU C 282 8.50 -14.85 23.48
N THR C 283 8.02 -13.94 22.66
CA THR C 283 6.67 -14.04 22.11
C THR C 283 6.80 -13.55 20.69
N VAL C 284 6.75 -14.47 19.76
CA VAL C 284 6.84 -14.11 18.36
C VAL C 284 5.57 -14.64 17.72
N GLY C 285 4.70 -13.72 17.32
CA GLY C 285 3.45 -14.10 16.71
C GLY C 285 2.54 -14.70 17.76
N THR C 286 2.08 -15.92 17.52
CA THR C 286 1.22 -16.59 18.49
C THR C 286 2.03 -17.68 19.18
N SER C 287 3.29 -17.79 18.81
CA SER C 287 4.15 -18.80 19.40
C SER C 287 4.86 -18.21 20.60
N HIS C 288 5.09 -19.02 21.61
CA HIS C 288 5.80 -18.61 22.81
C HIS C 288 7.07 -19.42 22.97
N PHE C 289 8.10 -18.83 23.52
CA PHE C 289 9.36 -19.52 23.68
C PHE C 289 10.11 -19.23 24.97
N LEU C 290 10.87 -20.20 25.43
CA LEU C 290 11.69 -20.02 26.61
C LEU C 290 13.13 -20.34 26.22
N TYR C 291 14.00 -19.35 26.33
CA TYR C 291 15.41 -19.55 26.03
C TYR C 291 16.06 -19.79 27.37
N GLN C 292 16.91 -20.81 27.43
CA GLN C 292 17.60 -21.16 28.65
C GLN C 292 19.09 -21.09 28.34
N ARG C 293 19.82 -20.26 29.06
CA ARG C 293 21.26 -20.15 28.86
C ARG C 293 21.80 -21.54 29.11
N GLY C 294 22.80 -21.94 28.32
CA GLY C 294 23.39 -23.26 28.49
C GLY C 294 24.48 -23.33 29.54
N SER C 295 24.10 -23.29 30.80
CA SER C 295 25.08 -23.34 31.87
C SER C 295 25.53 -24.78 32.17
N SER C 296 24.85 -25.75 31.57
CA SER C 296 25.20 -27.16 31.81
C SER C 296 26.05 -27.72 30.67
N TYR C 297 25.97 -29.03 30.45
CA TYR C 297 26.77 -29.66 29.41
C TYR C 297 26.33 -29.34 27.98
N PHE C 298 25.07 -28.99 27.80
CA PHE C 298 24.58 -28.71 26.46
C PHE C 298 25.04 -27.37 25.89
N SER C 299 25.63 -27.41 24.70
CA SER C 299 26.15 -26.23 24.05
C SER C 299 25.24 -25.50 23.07
N PRO C 300 24.51 -26.24 22.22
CA PRO C 300 23.62 -25.60 21.25
C PRO C 300 22.58 -24.67 21.87
N ALA C 301 22.22 -23.63 21.11
CA ALA C 301 21.24 -22.66 21.55
C ALA C 301 19.93 -23.38 21.75
N LEU C 302 19.26 -23.09 22.87
CA LEU C 302 18.00 -23.71 23.25
C LEU C 302 16.74 -22.82 23.25
N LEU C 303 15.63 -23.40 22.83
CA LEU C 303 14.36 -22.69 22.81
C LEU C 303 13.24 -23.67 23.08
N TYR C 304 12.68 -23.62 24.28
CA TYR C 304 11.60 -24.53 24.61
C TYR C 304 10.24 -23.97 24.21
N PRO C 305 9.52 -24.68 23.34
CA PRO C 305 8.22 -24.16 22.95
C PRO C 305 7.48 -24.00 24.25
N MET C 306 6.81 -22.87 24.43
CA MET C 306 6.09 -22.61 25.67
C MET C 306 4.62 -22.39 25.39
N THR C 307 3.77 -23.19 26.00
CA THR C 307 2.34 -23.04 25.83
C THR C 307 1.91 -22.55 27.20
N VAL C 308 1.02 -21.56 27.22
CA VAL C 308 0.60 -21.01 28.49
C VAL C 308 -0.90 -21.00 28.67
N SER C 309 -1.38 -21.82 29.59
CA SER C 309 -2.82 -21.84 29.87
C SER C 309 -2.92 -21.43 31.33
N ASN C 310 -3.92 -20.63 31.67
CA ASN C 310 -4.06 -20.21 33.06
C ASN C 310 -2.90 -19.28 33.46
N LYS C 311 -2.51 -19.36 34.72
CA LYS C 311 -1.44 -18.53 35.22
C LYS C 311 -0.15 -19.33 35.18
N THR C 312 -0.23 -20.56 34.67
CA THR C 312 0.95 -21.41 34.57
C THR C 312 1.47 -21.52 33.14
N ALA C 313 2.59 -22.22 32.98
CA ALA C 313 3.20 -22.40 31.68
C ALA C 313 3.57 -23.87 31.48
N THR C 314 3.76 -24.26 30.23
CA THR C 314 4.15 -25.62 29.89
C THR C 314 5.21 -25.58 28.80
N LEU C 315 6.34 -26.24 29.05
CA LEU C 315 7.44 -26.29 28.09
C LEU C 315 7.42 -27.64 27.37
N HIS C 316 8.03 -27.70 26.19
CA HIS C 316 8.08 -28.93 25.39
C HIS C 316 9.51 -29.18 24.96
N SER C 317 9.76 -30.34 24.33
CA SER C 317 11.11 -30.63 23.86
C SER C 317 11.49 -29.41 23.09
N PRO C 318 12.69 -28.88 23.33
CA PRO C 318 13.19 -27.67 22.66
C PRO C 318 13.82 -27.80 21.28
N TYR C 319 13.86 -26.65 20.61
CA TYR C 319 14.48 -26.52 19.30
C TYR C 319 15.95 -26.36 19.67
N THR C 320 16.83 -26.78 18.78
CA THR C 320 18.25 -26.65 19.02
C THR C 320 18.85 -26.21 17.70
N PHE C 321 20.01 -25.59 17.76
CA PHE C 321 20.70 -25.10 16.58
C PHE C 321 22.14 -25.42 16.88
N ASN C 322 22.55 -26.63 16.51
CA ASN C 322 23.89 -27.10 16.80
C ASN C 322 25.08 -26.24 16.37
N ALA C 323 24.86 -25.19 15.57
CA ALA C 323 25.96 -24.32 15.16
C ALA C 323 26.11 -23.14 16.11
N PHE C 324 25.02 -22.79 16.79
CA PHE C 324 24.98 -21.69 17.74
C PHE C 324 25.54 -22.15 19.09
N THR C 325 26.85 -22.40 19.18
CA THR C 325 27.46 -22.86 20.43
C THR C 325 27.85 -21.73 21.36
N ARG C 326 28.12 -22.07 22.62
CA ARG C 326 28.52 -21.07 23.60
C ARG C 326 29.82 -21.50 24.28
N PRO C 327 30.79 -20.60 24.32
CA PRO C 327 32.02 -21.04 24.99
C PRO C 327 31.71 -21.43 26.42
N GLY C 328 32.22 -22.59 26.83
CA GLY C 328 32.02 -23.06 28.19
C GLY C 328 33.31 -23.69 28.62
N SER C 329 33.49 -23.98 29.91
CA SER C 329 34.72 -24.62 30.31
C SER C 329 34.55 -26.13 30.34
N ILE C 330 35.66 -26.84 30.15
CA ILE C 330 35.71 -28.31 30.10
C ILE C 330 35.16 -29.01 31.34
N PRO C 331 34.51 -30.18 31.16
CA PRO C 331 34.28 -30.90 29.90
C PRO C 331 33.04 -30.38 29.20
N CYS C 332 32.65 -29.16 29.54
CA CYS C 332 31.48 -28.55 28.96
C CYS C 332 31.86 -27.43 28.00
N GLN C 333 32.89 -27.66 27.19
CA GLN C 333 33.31 -26.63 26.23
C GLN C 333 32.28 -26.54 25.14
N ALA C 334 32.48 -25.58 24.24
CA ALA C 334 31.55 -25.32 23.14
C ALA C 334 31.28 -26.52 22.26
N SER C 335 32.22 -27.45 22.20
CA SER C 335 32.01 -28.61 21.36
C SER C 335 31.70 -29.88 22.16
N ALA C 336 31.19 -29.70 23.37
CA ALA C 336 30.86 -30.83 24.22
C ALA C 336 29.71 -31.62 23.58
N ARG C 337 29.66 -32.92 23.83
CA ARG C 337 28.61 -33.73 23.24
C ARG C 337 28.09 -34.76 24.22
N CYS C 338 28.58 -34.69 25.45
CA CYS C 338 28.18 -35.66 26.46
C CYS C 338 27.53 -35.05 27.68
N PRO C 339 26.80 -35.86 28.43
CA PRO C 339 26.17 -35.33 29.64
C PRO C 339 27.31 -35.13 30.63
N ASN C 340 27.15 -34.21 31.56
CA ASN C 340 28.18 -33.95 32.56
C ASN C 340 27.73 -32.87 33.51
N SER C 341 28.45 -32.71 34.62
CA SER C 341 28.12 -31.71 35.62
C SER C 341 29.02 -30.50 35.45
N CYS C 342 28.45 -29.31 35.58
CA CYS C 342 29.19 -28.06 35.42
C CYS C 342 28.19 -26.90 35.48
N VAL C 343 28.71 -25.71 35.75
CA VAL C 343 27.88 -24.51 35.76
C VAL C 343 28.71 -23.39 35.15
N THR C 344 28.79 -23.41 33.82
CA THR C 344 29.58 -22.43 33.06
C THR C 344 28.72 -21.75 31.99
N GLY C 345 29.24 -21.62 30.77
CA GLY C 345 28.47 -21.01 29.71
C GLY C 345 28.36 -19.51 29.75
N VAL C 346 27.35 -18.99 29.04
CA VAL C 346 27.09 -17.55 28.96
C VAL C 346 25.77 -17.25 28.24
N TYR C 347 25.12 -16.16 28.64
CA TYR C 347 23.86 -15.78 28.02
C TYR C 347 24.09 -15.16 26.65
N THR C 348 23.47 -15.77 25.65
CA THR C 348 23.53 -15.32 24.26
C THR C 348 22.32 -15.98 23.61
N ASP C 349 21.16 -15.30 23.68
CA ASP C 349 19.92 -15.84 23.15
C ASP C 349 19.68 -15.76 21.64
N PRO C 350 18.80 -16.64 21.13
CA PRO C 350 18.43 -16.72 19.72
C PRO C 350 16.98 -16.22 19.57
N TYR C 351 16.76 -15.28 18.66
CA TYR C 351 15.42 -14.72 18.43
C TYR C 351 14.81 -15.41 17.21
N PRO C 352 13.53 -15.84 17.31
CA PRO C 352 12.86 -16.50 16.18
C PRO C 352 12.70 -15.57 14.99
N LEU C 353 13.37 -15.91 13.88
CA LEU C 353 13.34 -15.12 12.65
C LEU C 353 12.57 -15.74 11.50
N ILE C 354 12.81 -17.02 11.24
CA ILE C 354 12.16 -17.72 10.13
C ILE C 354 11.24 -18.86 10.53
N PHE C 355 10.03 -18.86 9.98
CA PHE C 355 9.05 -19.89 10.27
C PHE C 355 8.51 -20.60 9.04
N TYR C 356 7.97 -21.80 9.23
CA TYR C 356 7.34 -22.58 8.16
C TYR C 356 5.94 -22.03 7.99
N ARG C 357 5.31 -22.29 6.85
CA ARG C 357 3.96 -21.81 6.64
C ARG C 357 3.09 -22.40 7.76
N ASN C 358 3.45 -23.60 8.19
CA ASN C 358 2.72 -24.27 9.27
C ASN C 358 3.07 -23.69 10.65
N HIS C 359 3.97 -22.71 10.69
CA HIS C 359 4.35 -22.06 11.95
C HIS C 359 5.42 -22.74 12.80
N THR C 360 6.01 -23.82 12.30
CA THR C 360 7.07 -24.47 13.05
C THR C 360 8.35 -23.66 12.81
N LEU C 361 9.12 -23.44 13.86
CA LEU C 361 10.34 -22.65 13.75
C LEU C 361 11.40 -23.30 12.86
N ARG C 362 11.93 -22.53 11.91
CA ARG C 362 12.96 -23.04 11.02
C ARG C 362 14.31 -22.45 11.38
N GLY C 363 14.36 -21.13 11.51
CA GLY C 363 15.62 -20.47 11.84
C GLY C 363 15.52 -19.31 12.81
N VAL C 364 16.62 -19.05 13.51
CA VAL C 364 16.68 -17.98 14.50
C VAL C 364 17.88 -17.06 14.26
N PHE C 365 17.87 -15.88 14.90
CA PHE C 365 19.00 -14.95 14.79
C PHE C 365 19.63 -14.72 16.15
N GLY C 366 20.89 -14.31 16.16
CA GLY C 366 21.57 -14.04 17.41
C GLY C 366 23.05 -13.80 17.23
N THR C 367 23.72 -13.44 18.32
CA THR C 367 25.16 -13.23 18.26
C THR C 367 25.82 -14.13 19.29
N MET C 368 26.54 -15.11 18.77
CA MET C 368 27.26 -16.08 19.57
C MET C 368 28.65 -15.59 19.86
N LEU C 369 29.33 -16.26 20.77
CA LEU C 369 30.70 -15.95 21.10
C LEU C 369 31.44 -17.14 20.49
N ASP C 370 32.11 -16.91 19.35
CA ASP C 370 32.82 -17.95 18.60
C ASP C 370 34.18 -18.37 19.17
N SER C 371 34.15 -19.30 20.12
CA SER C 371 35.34 -19.81 20.78
C SER C 371 34.89 -21.03 21.59
N GLU C 372 35.84 -21.84 22.01
CA GLU C 372 35.56 -23.06 22.75
C GLU C 372 35.40 -22.89 24.25
N GLN C 373 36.33 -22.16 24.87
CA GLN C 373 36.30 -21.96 26.31
C GLN C 373 36.26 -20.53 26.78
N ALA C 374 36.88 -19.64 26.03
CA ALA C 374 36.95 -18.24 26.40
C ALA C 374 35.85 -17.39 25.79
N ARG C 375 35.45 -16.35 26.53
CA ARG C 375 34.44 -15.42 26.07
C ARG C 375 35.11 -14.48 25.07
N LEU C 376 35.22 -14.95 23.84
CA LEU C 376 35.86 -14.19 22.79
C LEU C 376 35.12 -14.24 21.46
N ASN C 377 35.24 -13.14 20.70
CA ASN C 377 34.69 -13.02 19.36
C ASN C 377 33.21 -13.09 19.08
N PRO C 378 32.54 -11.94 19.13
CA PRO C 378 31.10 -11.96 18.85
C PRO C 378 30.93 -12.10 17.34
N ALA C 379 29.96 -12.90 16.95
CA ALA C 379 29.66 -13.13 15.54
C ALA C 379 28.16 -13.21 15.42
N SER C 380 27.59 -12.36 14.58
CA SER C 380 26.16 -12.36 14.37
C SER C 380 25.87 -13.20 13.15
N ALA C 381 24.80 -13.99 13.20
CA ALA C 381 24.45 -14.84 12.07
C ALA C 381 23.06 -15.41 12.18
N VAL C 382 22.61 -16.02 11.09
CA VAL C 382 21.30 -16.65 11.00
C VAL C 382 21.53 -18.14 11.14
N PHE C 383 20.92 -18.77 12.15
CA PHE C 383 21.12 -20.21 12.35
C PHE C 383 19.88 -21.07 12.16
N ASP C 384 20.12 -22.34 11.86
CA ASP C 384 19.05 -23.33 11.75
C ASP C 384 19.49 -24.49 12.65
N SER C 385 18.72 -25.56 12.63
CA SER C 385 19.01 -26.72 13.46
C SER C 385 20.45 -27.23 13.41
N THR C 386 21.11 -27.11 12.26
CA THR C 386 22.47 -27.64 12.16
C THR C 386 23.63 -26.74 11.73
N SER C 387 23.32 -25.63 11.06
CA SER C 387 24.40 -24.76 10.58
C SER C 387 24.26 -23.24 10.81
N ARG C 388 25.23 -22.53 10.26
CA ARG C 388 25.32 -21.08 10.38
C ARG C 388 25.40 -20.38 9.03
N SER C 389 24.83 -19.17 8.96
CA SER C 389 24.85 -18.37 7.74
C SER C 389 26.14 -17.58 7.70
N ARG C 390 26.31 -16.79 6.65
CA ARG C 390 27.50 -15.96 6.56
C ARG C 390 27.41 -15.19 7.86
N ILE C 391 28.52 -14.67 8.36
CA ILE C 391 28.45 -13.94 9.62
C ILE C 391 28.94 -12.52 9.52
N THR C 392 28.71 -11.79 10.60
CA THR C 392 29.14 -10.40 10.74
C THR C 392 29.91 -10.29 12.06
N ARG C 393 31.20 -9.96 11.94
CA ARG C 393 32.06 -9.86 13.11
C ARG C 393 32.10 -8.45 13.66
N VAL C 394 32.40 -8.33 14.95
CA VAL C 394 32.54 -7.02 15.58
C VAL C 394 33.93 -6.57 15.16
N SER C 395 34.91 -7.46 15.30
CA SER C 395 36.29 -7.19 14.90
C SER C 395 36.89 -8.47 14.32
N SER C 396 37.63 -8.34 13.23
CA SER C 396 38.24 -9.52 12.65
C SER C 396 39.54 -9.72 13.41
N SER C 397 39.51 -9.30 14.67
CA SER C 397 40.66 -9.40 15.57
C SER C 397 40.14 -9.95 16.90
N SER C 398 40.85 -10.91 17.49
CA SER C 398 40.45 -11.51 18.76
C SER C 398 39.87 -10.50 19.76
N THR C 399 38.59 -10.62 20.07
CA THR C 399 37.94 -9.68 20.99
C THR C 399 37.18 -10.30 22.19
N LYS C 400 37.31 -9.64 23.33
CA LYS C 400 36.67 -10.08 24.56
C LYS C 400 35.24 -9.57 24.66
N ALA C 401 34.33 -10.44 25.11
CA ALA C 401 32.94 -10.06 25.26
C ALA C 401 32.17 -10.97 26.22
N ALA C 402 30.87 -10.72 26.36
CA ALA C 402 30.04 -11.52 27.26
C ALA C 402 28.62 -11.72 26.72
N TYR C 403 27.62 -11.41 27.54
CA TYR C 403 26.21 -11.57 27.18
C TYR C 403 25.78 -10.85 25.91
N THR C 404 24.84 -11.45 25.19
CA THR C 404 24.26 -10.82 24.01
C THR C 404 22.80 -11.23 24.00
N THR C 405 21.91 -10.27 23.74
CA THR C 405 20.48 -10.56 23.67
C THR C 405 19.98 -9.94 22.36
N SER C 406 19.28 -10.72 21.55
CA SER C 406 18.80 -10.22 20.26
C SER C 406 17.29 -10.16 20.10
N THR C 407 16.86 -9.20 19.29
CA THR C 407 15.45 -8.96 19.00
C THR C 407 15.40 -8.50 17.55
N CYS C 408 14.48 -9.04 16.76
CA CYS C 408 14.36 -8.64 15.38
C CYS C 408 12.98 -8.06 15.14
N PHE C 409 12.88 -7.18 14.17
CA PHE C 409 11.63 -6.52 13.84
C PHE C 409 11.67 -6.12 12.39
N LYS C 410 10.55 -5.60 11.88
CA LYS C 410 10.52 -5.18 10.49
C LYS C 410 9.94 -3.80 10.41
N VAL C 411 10.34 -3.05 9.38
CA VAL C 411 9.86 -1.70 9.12
C VAL C 411 9.05 -1.81 7.82
N VAL C 412 7.73 -1.85 7.92
CA VAL C 412 6.91 -2.03 6.72
C VAL C 412 6.93 -0.89 5.73
N LYS C 413 7.24 0.32 6.16
CA LYS C 413 7.29 1.43 5.24
C LYS C 413 8.31 1.15 4.14
N THR C 414 9.47 0.62 4.53
CA THR C 414 10.52 0.31 3.57
C THR C 414 10.69 -1.20 3.47
N ASN C 415 9.69 -1.92 3.94
CA ASN C 415 9.71 -3.37 3.96
C ASN C 415 11.12 -3.93 4.12
N LYS C 416 11.76 -3.56 5.23
CA LYS C 416 13.11 -4.02 5.53
C LYS C 416 13.15 -4.58 6.93
N THR C 417 13.72 -5.77 7.05
CA THR C 417 13.84 -6.48 8.32
C THR C 417 15.21 -6.28 9.01
N TYR C 418 15.18 -5.92 10.30
CA TYR C 418 16.40 -5.71 11.07
C TYR C 418 16.41 -6.57 12.32
N CYS C 419 17.57 -6.61 12.96
CA CYS C 419 17.76 -7.34 14.20
C CYS C 419 18.66 -6.52 15.08
N LEU C 420 18.16 -6.18 16.26
CA LEU C 420 18.91 -5.43 17.22
C LEU C 420 19.66 -6.49 18.00
N SER C 421 20.94 -6.26 18.25
CA SER C 421 21.71 -7.24 19.00
C SER C 421 22.53 -6.54 20.09
N ILE C 422 22.03 -6.62 21.32
CA ILE C 422 22.68 -6.01 22.47
C ILE C 422 23.81 -6.91 23.00
N ALA C 423 25.05 -6.43 22.86
CA ALA C 423 26.22 -7.21 23.30
C ALA C 423 27.15 -6.48 24.25
N GLU C 424 27.70 -7.21 25.21
CA GLU C 424 28.63 -6.65 26.18
C GLU C 424 30.03 -6.75 25.60
N ILE C 425 30.51 -5.67 24.98
CA ILE C 425 31.85 -5.67 24.38
C ILE C 425 32.92 -5.12 25.32
N SER C 426 34.10 -5.74 25.28
CA SER C 426 35.22 -5.29 26.11
C SER C 426 35.48 -3.84 25.72
N ASN C 427 35.94 -3.02 26.66
CA ASN C 427 36.17 -1.62 26.34
C ASN C 427 37.59 -1.24 26.70
N THR C 428 37.86 0.06 26.72
CA THR C 428 39.16 0.62 27.09
C THR C 428 38.85 1.99 27.68
N LEU C 429 39.78 2.50 28.49
CA LEU C 429 39.65 3.81 29.12
C LEU C 429 38.46 3.99 30.06
N PHE C 430 37.28 3.54 29.66
CA PHE C 430 36.09 3.71 30.49
C PHE C 430 35.39 2.40 30.88
N GLY C 431 35.94 1.70 31.86
CA GLY C 431 35.33 0.45 32.31
C GLY C 431 35.79 -0.83 31.66
N GLU C 432 35.23 -1.94 32.12
CA GLU C 432 35.59 -3.26 31.60
C GLU C 432 34.71 -3.64 30.41
N PHE C 433 33.47 -3.15 30.41
CA PHE C 433 32.54 -3.46 29.34
C PHE C 433 31.73 -2.27 28.89
N ARG C 434 31.36 -2.30 27.63
CA ARG C 434 30.52 -1.28 27.05
C ARG C 434 29.38 -2.03 26.36
N ILE C 435 28.18 -1.97 26.92
CA ILE C 435 27.04 -2.66 26.31
C ILE C 435 26.59 -1.90 25.06
N VAL C 436 27.00 -2.39 23.90
CA VAL C 436 26.62 -1.71 22.66
C VAL C 436 25.48 -2.36 21.90
N PRO C 437 24.49 -1.56 21.50
CA PRO C 437 23.35 -2.09 20.76
C PRO C 437 23.72 -2.23 19.29
N LEU C 438 24.17 -3.41 18.90
CA LEU C 438 24.53 -3.66 17.54
C LEU C 438 23.26 -3.71 16.71
N LEU C 439 23.39 -3.40 15.43
CA LEU C 439 22.24 -3.41 14.54
C LEU C 439 22.62 -3.88 13.17
N VAL C 440 21.83 -4.81 12.64
CA VAL C 440 22.05 -5.39 11.32
C VAL C 440 20.73 -5.52 10.60
N GLU C 441 20.80 -5.65 9.29
CA GLU C 441 19.63 -5.85 8.46
C GLU C 441 19.76 -7.23 7.85
N ILE C 442 18.66 -7.98 7.81
CA ILE C 442 18.67 -9.33 7.26
C ILE C 442 18.58 -9.30 5.75
N LEU C 443 19.49 -10.00 5.10
CA LEU C 443 19.56 -10.06 3.65
C LEU C 443 19.47 -11.52 3.20
N LYS C 444 19.51 -11.70 1.89
CA LYS C 444 19.46 -13.04 1.29
C LYS C 444 20.55 -13.07 0.21
N ASN C 445 21.20 -14.23 0.03
CA ASN C 445 22.27 -14.34 -0.97
C ASN C 445 21.79 -13.81 -2.29
N ASP C 446 20.57 -14.16 -2.61
CA ASP C 446 19.93 -13.73 -3.84
C ASP C 446 18.50 -13.33 -3.46
N GLY C 447 17.61 -13.30 -4.34
C1 WIA D . -23.93 1.07 -34.68
CM WIA D . -23.21 -1.26 -34.45
O1 WIA D . -23.80 -0.24 -35.32
C2 WIA D . -24.46 2.20 -35.62
O2 WIA D . -23.57 2.40 -36.75
C3 WIA D . -24.57 3.54 -34.81
O3 WIA D . -25.09 4.62 -35.65
C4 WIA D . -25.54 3.31 -33.60
O4 WIA D . -26.88 2.97 -34.10
C5 WIA D . -24.98 2.13 -32.71
O5 WIA D . -24.84 0.90 -33.52
C6 WIA D . -25.92 1.88 -31.48
S6 WIA D . -25.88 2.84 -30.25
C1 SIA D . -25.05 0.96 -28.44
C2 SIA D . -24.59 2.26 -29.17
C3 SIA D . -24.29 3.35 -28.09
C4 SIA D . -23.11 2.87 -27.21
C5 SIA D . -21.84 2.65 -28.09
C6 SIA D . -22.14 1.60 -29.20
C7 SIA D . -20.96 1.37 -30.10
C8 SIA D . -21.46 0.44 -31.29
C9 SIA D . -20.10 0.17 -32.03
C10 SIA D . -19.89 3.04 -26.63
C11 SIA D . -19.06 2.44 -25.88
N5 SIA D . -20.79 2.27 -27.30
O1A SIA D . -24.51 -0.18 -28.62
O1B SIA D . -25.90 1.18 -27.78
O4 SIA D . -22.83 3.88 -26.20
O6 SIA D . -23.35 2.04 -29.96
O7 SIA D . -20.58 2.71 -30.42
O8 SIA D . -21.97 -0.43 -30.86
O9 SIA D . -19.62 -1.06 -31.59
O10 SIA D . -19.82 4.32 -26.60
C1 WIA E . 9.28 -11.06 -22.75
CM WIA E . 9.53 -12.62 -24.65
O1 WIA E . 10.10 -12.09 -23.41
C2 WIA E . 8.27 -11.66 -21.72
O2 WIA E . 7.35 -12.56 -22.40
C3 WIA E . 7.45 -10.52 -21.03
O3 WIA E . 6.50 -11.07 -20.03
C4 WIA E . 8.48 -9.58 -20.30
O4 WIA E . 9.24 -10.35 -19.30
C5 WIA E . 9.50 -8.97 -21.37
O5 WIA E . 10.21 -10.09 -22.08
C6 WIA E . 10.53 -7.97 -20.69
S6 WIA E . 10.17 -7.02 -19.46
C1 SIA E . 9.40 -4.83 -20.99
C2 SIA E . 8.85 -5.87 -19.96
C3 SIA E . 8.33 -5.09 -18.69
C4 SIA E . 7.15 -4.16 -19.09
C5 SIA E . 5.98 -5.00 -19.74
C6 SIA E . 6.55 -5.80 -20.97
C7 SIA E . 5.50 -6.64 -21.59
C8 SIA E . 6.16 -7.04 -22.97
C9 SIA E . 5.49 -8.44 -23.26
C10 SIA E . 3.89 -3.70 -19.32
C11 SIA E . 3.05 -2.96 -19.88
N5 SIA E . 4.91 -4.21 -20.08
O1A SIA E . 9.84 -3.95 -20.49
O1B SIA E . 9.33 -5.02 -22.26
O4 SIA E . 6.67 -3.44 -17.93
O6 SIA E . 7.73 -6.61 -20.55
O7 SIA E . 5.28 -7.64 -20.57
O8 SIA E . 5.94 -6.24 -23.66
O9 SIA E . 4.59 -8.27 -24.28
O10 SIA E . 3.70 -3.86 -18.09
C1 WIA F . 37.95 -6.39 6.63
CM WIA F . 38.96 -8.26 7.84
O1 WIA F . 39.10 -7.27 6.79
C2 WIA F . 38.03 -5.43 5.40
O2 WIA F . 39.20 -4.57 5.52
C3 WIA F . 36.75 -4.55 5.34
O3 WIA F . 36.80 -3.64 4.20
C4 WIA F . 35.51 -5.50 5.20
O4 WIA F . 35.64 -6.23 3.96
C5 WIA F . 35.50 -6.49 6.44
O5 WIA F . 36.76 -7.26 6.52
C6 WIA F . 34.31 -7.49 6.36
S6 WIA F . 32.86 -7.10 6.78
C1 SIA F . 32.81 -8.07 9.33
C2 SIA F . 32.84 -6.72 8.53
C3 SIA F . 31.52 -5.92 8.87
C4 SIA F . 31.52 -5.53 10.37
C5 SIA F . 32.75 -4.63 10.68
C6 SIA F . 34.07 -5.44 10.33
C7 SIA F . 35.30 -4.63 10.58
C8 SIA F . 36.55 -5.64 10.53
C9 SIA F . 37.66 -4.78 11.24
C10 SIA F . 32.13 -3.02 12.45
C11 SIA F . 32.12 -2.87 13.69
N5 SIA F . 32.69 -4.17 11.96
O1A SIA F . 33.82 -8.56 9.93
O1B SIA F . 31.81 -8.53 9.28
O4 SIA F . 30.32 -4.79 10.67
O6 SIA F . 34.00 -5.88 8.89
O7 SIA F . 35.20 -3.59 9.57
O8 SIA F . 36.28 -6.59 11.02
O9 SIA F . 37.54 -4.96 12.61
O10 SIA F . 31.54 -2.10 11.81
C1 DAN G . -16.05 -14.44 -9.57
C2 DAN G . -15.59 -14.42 -8.24
C3 DAN G . -14.72 -13.44 -7.78
C4 DAN G . -14.63 -13.20 -6.28
C5 DAN G . -15.03 -14.47 -5.53
C6 DAN G . -16.42 -14.94 -6.01
C7 DAN G . -16.81 -16.20 -5.29
C8 DAN G . -18.32 -16.52 -5.48
C9 DAN G . -18.61 -17.97 -5.05
C10 DAN G . -14.16 -14.85 -3.24
C11 DAN G . -14.37 -14.58 -1.79
N5 DAN G . -14.99 -14.24 -4.10
O1A DAN G . -17.08 -15.12 -9.61
O1B DAN G . -15.70 -13.88 -10.63
O4 DAN G . -13.24 -12.97 -6.14
O6 DAN G . -16.34 -15.21 -7.41
O7 DAN G . -16.03 -17.26 -5.76
O8 DAN G . -19.15 -15.59 -4.71
O9 DAN G . -17.97 -18.91 -5.91
O10 DAN G . -13.28 -15.62 -3.60
C1 DAN H . -0.28 16.37 -32.81
C2 DAN H . -0.80 17.59 -32.61
C3 DAN H . -1.85 17.61 -31.74
C4 DAN H . -2.19 19.01 -31.26
C5 DAN H . -1.84 20.07 -32.28
C6 DAN H . -0.36 19.95 -32.67
C7 DAN H . -0.03 20.87 -33.80
C8 DAN H . 1.50 20.85 -33.97
C9 DAN H . 1.88 21.72 -35.16
C10 DAN H . -2.92 22.31 -32.27
C11 DAN H . -2.86 23.70 -31.68
N5 DAN H . -2.13 21.38 -31.73
O1A DAN H . -0.76 15.32 -32.34
O1B DAN H . 0.83 16.36 -33.37
O4 DAN H . -3.55 19.03 -30.98
O6 DAN H . -0.11 18.63 -33.11
O7 DAN H . -0.67 20.41 -35.02
O8 DAN H . 2.17 21.35 -32.74
O9 DAN H . 1.86 23.07 -34.76
O10 DAN H . -3.66 22.09 -33.22
C1 DAN I . 28.38 -13.98 34.20
C2 DAN I . 27.51 -13.88 35.31
C3 DAN I . 27.09 -12.65 35.79
C4 DAN I . 25.83 -12.60 36.65
C5 DAN I . 25.63 -13.96 37.34
C6 DAN I . 25.64 -15.08 36.28
C7 DAN I . 25.46 -16.42 36.95
C8 DAN I . 25.11 -17.52 35.91
C9 DAN I . 25.28 -18.91 36.56
C10 DAN I . 24.37 -14.07 39.46
C11 DAN I . 23.00 -14.16 40.08
N5 DAN I . 24.42 -13.94 38.14
O1A DAN I . 28.27 -15.13 33.75
O1B DAN I . 29.11 -13.18 33.59
O4 DAN I . 26.22 -11.63 37.61
O6 DAN I . 26.89 -15.06 35.61
O7 DAN I . 26.62 -16.75 37.64
O8 DAN I . 23.73 -17.36 35.43
O9 DAN I . 24.41 -19.05 37.68
O10 DAN I . 25.36 -14.11 40.18
#